data_6GVU
#
_entry.id   6GVU
#
loop_
_entity.id
_entity.type
_entity.pdbx_description
1 polymer "DNA (5'-D(*CP*TP*GP*TP*GP*CP*TP*CP*A)-3')"
2 polymer 'functional pRN1 primase'
#
loop_
_entity_poly.entity_id
_entity_poly.type
_entity_poly.pdbx_seq_one_letter_code
_entity_poly.pdbx_strand_id
1 'polydeoxyribonucleotide' (DC)(DT)(DG)(DT)(DG)(DC)(DT)(DC)(DA) A
2 'polypeptide(L)'
;TVVEFEELRKELVKRDSGKPVEKIKEEICTKSPPKLIKEIICENKTYADVNIDRSRGDWHVILYLMKHGVTDPDKILELL
PRDSKAKENEKWNTQKYFVITLSKAWSVVKKYLEA
;
B
#
loop_
_chem_comp.id
_chem_comp.type
_chem_comp.name
_chem_comp.formula
DA DNA linking 2'-DEOXYADENOSINE-5'-MONOPHOSPHATE 'C10 H14 N5 O6 P'
DC DNA linking 2'-DEOXYCYTIDINE-5'-MONOPHOSPHATE 'C9 H14 N3 O7 P'
DG DNA linking 2'-DEOXYGUANOSINE-5'-MONOPHOSPHATE 'C10 H14 N5 O7 P'
DT DNA linking THYMIDINE-5'-MONOPHOSPHATE 'C10 H15 N2 O8 P'
#
# COMPACT_ATOMS: atom_id res chain seq x y z
N THR B 1 -22.94 -1.05 -2.10
CA THR B 1 -21.56 -0.57 -2.24
C THR B 1 -20.96 -0.06 -0.95
N VAL B 2 -21.59 0.95 -0.33
CA VAL B 2 -21.07 1.56 0.89
C VAL B 2 -21.17 0.61 2.07
N VAL B 3 -22.17 -0.28 2.07
CA VAL B 3 -22.34 -1.25 3.16
C VAL B 3 -21.20 -2.26 3.14
N GLU B 4 -20.80 -2.70 1.94
CA GLU B 4 -19.71 -3.66 1.79
C GLU B 4 -18.36 -3.00 2.09
N PHE B 5 -18.28 -1.67 1.89
CA PHE B 5 -17.07 -0.93 2.22
C PHE B 5 -16.82 -0.83 3.72
N GLU B 6 -17.88 -0.75 4.51
CA GLU B 6 -17.76 -0.68 5.97
C GLU B 6 -17.39 -2.05 6.53
N GLU B 7 -17.81 -3.13 5.87
CA GLU B 7 -17.45 -4.48 6.29
C GLU B 7 -15.96 -4.74 6.03
N LEU B 8 -15.44 -4.23 4.91
CA LEU B 8 -14.03 -4.38 4.58
C LEU B 8 -13.18 -3.43 5.42
N ARG B 9 -13.78 -2.32 5.88
CA ARG B 9 -13.10 -1.37 6.74
C ARG B 9 -12.75 -2.03 8.07
N LYS B 10 -13.64 -2.90 8.56
CA LYS B 10 -13.41 -3.62 9.81
C LYS B 10 -12.48 -4.81 9.58
N GLU B 11 -12.40 -5.32 8.34
CA GLU B 11 -11.48 -6.40 8.03
C GLU B 11 -10.06 -5.85 7.89
N LEU B 12 -9.92 -4.63 7.35
CA LEU B 12 -8.62 -4.00 7.20
C LEU B 12 -8.07 -3.54 8.55
N VAL B 13 -8.94 -3.06 9.44
CA VAL B 13 -8.51 -2.65 10.77
C VAL B 13 -8.15 -3.84 11.65
N LYS B 14 -8.73 -5.00 11.36
CA LYS B 14 -8.43 -6.25 12.05
C LYS B 14 -7.03 -6.73 11.68
N ARG B 15 -6.59 -6.44 10.44
CA ARG B 15 -5.29 -6.85 9.94
C ARG B 15 -4.16 -5.92 10.39
N ASP B 16 -4.50 -4.80 11.06
CA ASP B 16 -3.49 -3.84 11.48
C ASP B 16 -2.67 -4.38 12.65
N SER B 17 -1.35 -4.18 12.60
CA SER B 17 -0.45 -4.61 13.67
C SER B 17 -0.44 -3.60 14.81
N GLY B 18 -1.00 -2.41 14.58
CA GLY B 18 -1.06 -1.35 15.58
C GLY B 18 0.23 -0.54 15.61
N LYS B 19 1.23 -0.94 14.81
CA LYS B 19 2.52 -0.27 14.77
C LYS B 19 2.54 0.75 13.63
N PRO B 20 3.37 1.80 13.73
CA PRO B 20 3.56 2.77 12.68
C PRO B 20 4.31 2.13 11.51
N VAL B 21 4.11 2.63 10.30
CA VAL B 21 4.70 2.04 9.10
C VAL B 21 6.22 2.22 9.05
N GLU B 22 6.76 3.17 9.80
CA GLU B 22 8.19 3.44 9.79
C GLU B 22 8.97 2.24 10.35
N LYS B 23 8.32 1.41 11.18
CA LYS B 23 8.96 0.22 11.72
C LYS B 23 8.81 -0.95 10.76
N ILE B 24 7.68 -1.02 10.05
CA ILE B 24 7.42 -2.11 9.12
C ILE B 24 8.31 -1.95 7.89
N LYS B 25 8.62 -0.72 7.53
CA LYS B 25 9.51 -0.40 6.42
C LYS B 25 10.92 -0.96 6.68
N GLU B 26 11.37 -0.92 7.93
CA GLU B 26 12.70 -1.41 8.29
C GLU B 26 12.70 -2.94 8.38
N GLU B 27 11.57 -3.53 8.75
CA GLU B 27 11.45 -4.98 8.85
C GLU B 27 11.43 -5.62 7.45
N ILE B 28 11.07 -4.84 6.43
CA ILE B 28 11.05 -5.30 5.06
C ILE B 28 12.38 -5.01 4.36
N CYS B 29 12.95 -3.82 4.62
CA CYS B 29 14.16 -3.37 3.96
C CYS B 29 15.39 -4.17 4.43
N THR B 30 15.31 -4.77 5.63
CA THR B 30 16.39 -5.60 6.15
C THR B 30 16.37 -7.03 5.62
N LYS B 31 15.31 -7.39 4.87
CA LYS B 31 15.13 -8.74 4.34
C LYS B 31 15.36 -8.80 2.82
N SER B 32 16.11 -7.83 2.29
CA SER B 32 16.46 -7.77 0.86
C SER B 32 15.23 -8.06 -0.02
N PRO B 33 14.26 -7.14 -0.04
CA PRO B 33 13.01 -7.29 -0.76
C PRO B 33 13.24 -7.29 -2.28
N PRO B 34 12.19 -7.58 -3.07
CA PRO B 34 12.25 -7.60 -4.53
C PRO B 34 12.81 -6.30 -5.09
N LYS B 35 13.35 -6.36 -6.31
CA LYS B 35 14.09 -5.25 -6.91
C LYS B 35 13.27 -3.96 -6.94
N LEU B 36 11.98 -4.05 -7.26
CA LEU B 36 11.13 -2.86 -7.36
C LEU B 36 10.87 -2.28 -5.96
N ILE B 37 10.64 -3.15 -4.98
CA ILE B 37 10.35 -2.72 -3.62
C ILE B 37 11.61 -2.20 -2.95
N LYS B 38 12.76 -2.78 -3.28
CA LYS B 38 14.02 -2.42 -2.68
C LYS B 38 14.48 -1.05 -3.13
N GLU B 39 14.39 -0.77 -4.43
CA GLU B 39 14.92 0.47 -4.96
C GLU B 39 13.98 1.65 -4.72
N ILE B 40 12.70 1.40 -4.43
CA ILE B 40 11.76 2.48 -4.20
C ILE B 40 11.55 2.76 -2.71
N ILE B 41 11.51 1.72 -1.88
CA ILE B 41 11.23 1.90 -0.45
C ILE B 41 12.50 1.73 0.40
N CYS B 42 13.33 0.73 0.07
CA CYS B 42 14.51 0.41 0.86
C CYS B 42 15.72 1.25 0.40
N GLU B 43 15.48 2.20 -0.52
CA GLU B 43 16.49 3.13 -1.00
C GLU B 43 15.88 4.53 -1.15
N ASN B 44 16.74 5.54 -1.31
CA ASN B 44 16.30 6.93 -1.34
C ASN B 44 15.66 7.31 -2.68
N LYS B 45 15.74 6.43 -3.69
CA LYS B 45 15.19 6.70 -5.02
C LYS B 45 13.66 6.65 -4.99
N THR B 46 13.04 6.99 -6.12
CA THR B 46 11.59 6.99 -6.27
C THR B 46 11.14 6.55 -7.65
N TYR B 47 9.82 6.57 -7.91
CA TYR B 47 9.25 6.10 -9.15
C TYR B 47 9.78 6.93 -10.32
N ALA B 48 10.26 8.16 -10.05
CA ALA B 48 10.78 9.03 -11.08
C ALA B 48 12.16 8.56 -11.56
N ASP B 49 12.88 7.81 -10.72
CA ASP B 49 14.22 7.34 -11.05
C ASP B 49 14.20 6.04 -11.85
N VAL B 50 13.05 5.34 -11.84
CA VAL B 50 12.88 4.11 -12.61
C VAL B 50 11.86 4.32 -13.75
N ASN B 51 11.29 5.52 -13.83
CA ASN B 51 10.37 5.91 -14.90
C ASN B 51 9.21 4.93 -15.03
N ILE B 52 8.64 4.49 -13.89
CA ILE B 52 7.50 3.60 -13.90
C ILE B 52 6.21 4.40 -13.80
N ASP B 53 5.11 3.85 -14.33
CA ASP B 53 3.81 4.51 -14.26
C ASP B 53 3.38 4.69 -12.80
N ARG B 54 2.98 5.91 -12.42
CA ARG B 54 2.62 6.21 -11.04
C ARG B 54 1.41 5.40 -10.57
N SER B 55 0.50 5.06 -11.49
CA SER B 55 -0.67 4.27 -11.15
C SER B 55 -0.24 2.86 -10.76
N ARG B 56 0.78 2.33 -11.45
CA ARG B 56 1.28 0.99 -11.21
C ARG B 56 2.31 0.98 -10.08
N GLY B 57 3.06 2.06 -9.93
CA GLY B 57 4.08 2.16 -8.89
C GLY B 57 3.43 2.06 -7.52
N ASP B 58 2.30 2.73 -7.33
CA ASP B 58 1.57 2.67 -6.09
C ASP B 58 0.95 1.28 -5.91
N TRP B 59 0.39 0.72 -6.98
CA TRP B 59 -0.28 -0.57 -6.91
C TRP B 59 0.68 -1.71 -6.63
N HIS B 60 1.90 -1.66 -7.17
CA HIS B 60 2.89 -2.71 -6.98
C HIS B 60 3.38 -2.73 -5.53
N VAL B 61 3.62 -1.56 -4.93
CA VAL B 61 4.12 -1.52 -3.56
C VAL B 61 2.99 -1.78 -2.56
N ILE B 62 1.77 -1.37 -2.88
CA ILE B 62 0.63 -1.59 -1.98
C ILE B 62 0.32 -3.09 -1.90
N LEU B 63 0.48 -3.82 -3.01
CA LEU B 63 0.26 -5.25 -3.00
C LEU B 63 1.29 -5.94 -2.10
N TYR B 64 2.55 -5.52 -2.19
CA TYR B 64 3.61 -6.20 -1.46
C TYR B 64 3.60 -5.86 0.03
N LEU B 65 3.26 -4.62 0.37
CA LEU B 65 3.19 -4.18 1.76
C LEU B 65 2.04 -4.87 2.49
N MET B 66 0.95 -5.13 1.78
CA MET B 66 -0.19 -5.83 2.35
C MET B 66 0.04 -7.35 2.36
N LYS B 67 0.89 -7.84 1.45
CA LYS B 67 1.24 -9.25 1.37
C LYS B 67 2.18 -9.63 2.52
N HIS B 68 2.72 -8.63 3.21
CA HIS B 68 3.60 -8.83 4.37
C HIS B 68 2.84 -9.45 5.54
N GLY B 69 1.53 -9.68 5.38
CA GLY B 69 0.72 -10.32 6.41
C GLY B 69 0.07 -9.29 7.34
N VAL B 70 0.11 -8.01 6.95
CA VAL B 70 -0.45 -6.93 7.75
C VAL B 70 -0.98 -5.86 6.81
N THR B 71 -2.12 -5.27 7.14
CA THR B 71 -2.75 -4.24 6.31
C THR B 71 -3.41 -3.15 7.13
N ASP B 72 -3.32 -1.91 6.63
CA ASP B 72 -3.95 -0.75 7.24
C ASP B 72 -3.87 0.45 6.30
N PRO B 73 -4.99 1.10 5.97
CA PRO B 73 -5.02 2.24 5.07
C PRO B 73 -4.00 3.32 5.45
N ASP B 74 -3.77 3.50 6.76
CA ASP B 74 -2.86 4.54 7.22
C ASP B 74 -1.40 4.24 6.90
N LYS B 75 -1.06 2.96 6.68
CA LYS B 75 0.31 2.58 6.35
C LYS B 75 0.66 3.11 4.97
N ILE B 76 -0.27 2.99 4.02
CA ILE B 76 -0.06 3.41 2.64
C ILE B 76 0.10 4.91 2.56
N LEU B 77 -0.66 5.65 3.38
CA LEU B 77 -0.61 7.12 3.34
C LEU B 77 0.58 7.65 4.14
N GLU B 78 0.95 6.98 5.23
CA GLU B 78 2.05 7.42 6.08
C GLU B 78 3.40 6.95 5.54
N LEU B 79 3.39 6.19 4.43
CA LEU B 79 4.61 5.80 3.75
C LEU B 79 5.23 7.04 3.08
N LEU B 80 4.44 8.10 2.93
CA LEU B 80 4.88 9.38 2.37
C LEU B 80 5.61 9.23 1.03
N PRO B 81 5.04 8.50 0.06
CA PRO B 81 5.58 8.43 -1.29
C PRO B 81 5.50 9.82 -1.94
N ARG B 82 6.43 10.11 -2.85
CA ARG B 82 6.56 11.45 -3.42
C ARG B 82 5.67 11.66 -4.64
N ASP B 83 5.40 10.59 -5.41
CA ASP B 83 4.69 10.71 -6.68
C ASP B 83 3.36 9.95 -6.72
N SER B 84 2.87 9.46 -5.57
CA SER B 84 1.66 8.66 -5.55
C SER B 84 0.45 9.50 -5.95
N LYS B 85 -0.51 8.87 -6.63
CA LYS B 85 -1.73 9.55 -7.06
C LYS B 85 -2.68 9.76 -5.88
N ALA B 86 -2.39 9.14 -4.74
CA ALA B 86 -3.22 9.27 -3.55
C ALA B 86 -2.86 10.52 -2.74
N LYS B 87 -1.82 11.25 -3.16
CA LYS B 87 -1.32 12.40 -2.41
C LYS B 87 -1.16 13.64 -3.28
N GLU B 88 -1.70 13.63 -4.51
CA GLU B 88 -1.63 14.79 -5.38
C GLU B 88 -2.46 15.94 -4.82
N ASN B 89 -3.52 15.60 -4.08
CA ASN B 89 -4.41 16.56 -3.43
C ASN B 89 -4.96 17.61 -4.41
N GLU B 90 -4.86 17.36 -5.71
CA GLU B 90 -5.32 18.30 -6.72
C GLU B 90 -6.85 18.26 -6.84
N LYS B 91 -7.44 17.09 -6.55
CA LYS B 91 -8.88 16.89 -6.68
C LYS B 91 -9.30 15.64 -5.90
N TRP B 92 -10.60 15.37 -5.86
CA TRP B 92 -11.18 14.29 -5.05
C TRP B 92 -10.80 12.93 -5.62
N ASN B 93 -10.22 12.89 -6.82
CA ASN B 93 -9.89 11.64 -7.50
C ASN B 93 -8.88 10.84 -6.67
N THR B 94 -8.06 11.53 -5.87
CA THR B 94 -7.07 10.88 -5.03
C THR B 94 -7.69 10.08 -3.90
N GLN B 95 -8.90 10.47 -3.47
CA GLN B 95 -9.60 9.78 -2.39
C GLN B 95 -10.30 8.54 -2.93
N LYS B 96 -10.87 8.65 -4.13
CA LYS B 96 -11.57 7.53 -4.76
C LYS B 96 -10.58 6.46 -5.19
N TYR B 97 -9.40 6.88 -5.67
CA TYR B 97 -8.36 5.94 -6.06
C TYR B 97 -7.72 5.24 -4.87
N PHE B 98 -7.63 5.94 -3.74
CA PHE B 98 -7.06 5.37 -2.52
C PHE B 98 -7.89 4.22 -1.97
N VAL B 99 -9.22 4.29 -2.17
CA VAL B 99 -10.10 3.20 -1.77
C VAL B 99 -10.02 2.06 -2.78
N ILE B 100 -9.76 2.36 -4.06
CA ILE B 100 -9.67 1.34 -5.09
C ILE B 100 -8.45 0.45 -4.85
N THR B 101 -7.31 1.04 -4.52
CA THR B 101 -6.07 0.28 -4.35
C THR B 101 -6.20 -0.61 -3.12
N LEU B 102 -6.77 -0.10 -2.03
CA LEU B 102 -6.91 -0.87 -0.82
C LEU B 102 -7.98 -1.96 -0.96
N SER B 103 -8.99 -1.70 -1.78
CA SER B 103 -10.08 -2.66 -1.98
C SER B 103 -9.61 -3.83 -2.82
N LYS B 104 -8.92 -3.54 -3.94
CA LYS B 104 -8.50 -4.59 -4.86
C LYS B 104 -7.27 -5.32 -4.34
N ALA B 105 -6.38 -4.62 -3.64
CA ALA B 105 -5.17 -5.24 -3.12
C ALA B 105 -5.53 -6.23 -2.01
N TRP B 106 -6.52 -5.89 -1.18
CA TRP B 106 -6.93 -6.78 -0.12
C TRP B 106 -7.71 -7.98 -0.65
N SER B 107 -8.37 -7.83 -1.80
CA SER B 107 -9.07 -8.94 -2.42
C SER B 107 -8.08 -10.02 -2.83
N VAL B 108 -6.90 -9.62 -3.31
CA VAL B 108 -5.86 -10.54 -3.73
C VAL B 108 -5.14 -11.12 -2.51
N VAL B 109 -4.85 -10.28 -1.52
CA VAL B 109 -4.11 -10.72 -0.34
C VAL B 109 -4.98 -11.66 0.49
N LYS B 110 -6.29 -11.37 0.60
CA LYS B 110 -7.18 -12.22 1.36
C LYS B 110 -7.37 -13.56 0.66
N LYS B 111 -7.33 -13.57 -0.67
CA LYS B 111 -7.42 -14.80 -1.44
C LYS B 111 -6.18 -15.66 -1.16
N TYR B 112 -5.02 -15.02 -0.97
CA TYR B 112 -3.80 -15.74 -0.65
C TYR B 112 -3.66 -16.14 0.83
N LEU B 113 -4.49 -15.57 1.71
CA LEU B 113 -4.52 -15.96 3.11
C LEU B 113 -5.58 -17.04 3.33
N GLU B 114 -6.66 -17.00 2.56
CA GLU B 114 -7.72 -17.99 2.62
C GLU B 114 -7.42 -19.13 1.64
N ALA B 115 -6.64 -20.11 2.12
CA ALA B 115 -6.25 -21.26 1.32
C ALA B 115 -5.95 -22.45 2.21
N THR B 1 -23.32 -2.33 -2.33
CA THR B 1 -22.05 -1.63 -2.55
C THR B 1 -21.47 -0.99 -1.31
N VAL B 2 -22.22 -0.07 -0.70
CA VAL B 2 -21.74 0.66 0.48
C VAL B 2 -21.66 -0.25 1.71
N VAL B 3 -22.53 -1.27 1.78
CA VAL B 3 -22.54 -2.18 2.92
C VAL B 3 -21.28 -3.03 2.92
N GLU B 4 -20.81 -3.41 1.73
CA GLU B 4 -19.60 -4.21 1.59
C GLU B 4 -18.36 -3.34 1.81
N PHE B 5 -18.47 -2.03 1.55
CA PHE B 5 -17.38 -1.12 1.78
C PHE B 5 -17.13 -0.84 3.26
N GLU B 6 -18.18 -0.84 4.07
CA GLU B 6 -18.05 -0.66 5.51
C GLU B 6 -17.58 -1.96 6.17
N GLU B 7 -17.88 -3.10 5.54
CA GLU B 7 -17.40 -4.38 6.04
C GLU B 7 -15.89 -4.48 5.84
N LEU B 8 -15.38 -3.87 4.77
CA LEU B 8 -13.95 -3.84 4.51
C LEU B 8 -13.25 -2.86 5.44
N ARG B 9 -13.94 -1.80 5.86
CA ARG B 9 -13.37 -0.84 6.79
C ARG B 9 -12.98 -1.54 8.08
N LYS B 10 -13.84 -2.47 8.53
CA LYS B 10 -13.63 -3.20 9.77
C LYS B 10 -12.62 -4.34 9.57
N GLU B 11 -12.49 -4.86 8.34
CA GLU B 11 -11.56 -5.94 8.11
C GLU B 11 -10.13 -5.40 8.03
N LEU B 12 -9.95 -4.24 7.39
CA LEU B 12 -8.63 -3.64 7.23
C LEU B 12 -8.15 -3.03 8.54
N VAL B 13 -9.07 -2.61 9.42
CA VAL B 13 -8.66 -2.04 10.69
C VAL B 13 -8.24 -3.10 11.71
N LYS B 14 -8.77 -4.32 11.58
CA LYS B 14 -8.38 -5.44 12.44
C LYS B 14 -7.08 -6.09 11.97
N ARG B 15 -6.71 -5.86 10.71
CA ARG B 15 -5.45 -6.37 10.16
C ARG B 15 -4.27 -5.48 10.52
N ASP B 16 -4.50 -4.43 11.32
CA ASP B 16 -3.46 -3.52 11.75
C ASP B 16 -2.58 -4.15 12.83
N SER B 17 -1.26 -4.03 12.70
CA SER B 17 -0.32 -4.58 13.67
C SER B 17 -0.06 -3.59 14.80
N GLY B 18 -0.49 -2.33 14.61
CA GLY B 18 -0.32 -1.27 15.61
C GLY B 18 1.06 -0.62 15.53
N LYS B 19 1.96 -1.17 14.71
CA LYS B 19 3.31 -0.63 14.54
C LYS B 19 3.32 0.39 13.41
N PRO B 20 4.18 1.42 13.52
CA PRO B 20 4.30 2.47 12.52
C PRO B 20 5.00 1.95 11.26
N VAL B 21 4.87 2.69 10.15
CA VAL B 21 5.49 2.30 8.88
C VAL B 21 7.01 2.27 9.01
N GLU B 22 7.57 2.93 10.02
CA GLU B 22 9.01 2.96 10.23
C GLU B 22 9.53 1.55 10.53
N LYS B 23 8.73 0.73 11.21
CA LYS B 23 9.11 -0.64 11.54
C LYS B 23 8.76 -1.59 10.41
N ILE B 24 7.73 -1.26 9.62
CA ILE B 24 7.29 -2.10 8.52
C ILE B 24 8.28 -2.01 7.35
N LYS B 25 8.92 -0.84 7.19
CA LYS B 25 9.83 -0.61 6.09
C LYS B 25 11.11 -1.45 6.24
N GLU B 26 11.66 -1.52 7.44
CA GLU B 26 12.89 -2.27 7.67
C GLU B 26 12.61 -3.77 7.72
N GLU B 27 11.39 -4.16 8.07
CA GLU B 27 11.01 -5.57 8.09
C GLU B 27 10.80 -6.11 6.68
N ILE B 28 10.52 -5.21 5.72
CA ILE B 28 10.30 -5.62 4.35
C ILE B 28 11.60 -5.59 3.54
N CYS B 29 12.47 -4.62 3.82
CA CYS B 29 13.72 -4.49 3.07
C CYS B 29 14.71 -5.60 3.47
N THR B 30 14.64 -6.07 4.72
CA THR B 30 15.55 -7.10 5.22
C THR B 30 15.26 -8.49 4.67
N LYS B 31 14.08 -8.66 4.06
CA LYS B 31 13.64 -9.95 3.52
C LYS B 31 14.04 -10.10 2.05
N SER B 32 14.96 -9.25 1.57
CA SER B 32 15.44 -9.28 0.19
C SER B 32 14.27 -9.26 -0.80
N PRO B 33 13.53 -8.15 -0.84
CA PRO B 33 12.38 -7.98 -1.72
C PRO B 33 12.82 -7.97 -3.19
N PRO B 34 11.88 -8.11 -4.13
CA PRO B 34 12.15 -8.11 -5.55
C PRO B 34 12.77 -6.78 -5.98
N LYS B 35 13.41 -6.78 -7.15
CA LYS B 35 14.22 -5.64 -7.59
C LYS B 35 13.42 -4.34 -7.63
N LEU B 36 12.14 -4.41 -8.02
CA LEU B 36 11.32 -3.21 -8.12
C LEU B 36 11.03 -2.64 -6.74
N ILE B 37 10.64 -3.50 -5.80
CA ILE B 37 10.31 -3.06 -4.45
C ILE B 37 11.57 -2.60 -3.73
N LYS B 38 12.71 -3.24 -4.01
CA LYS B 38 13.97 -2.87 -3.40
C LYS B 38 14.38 -1.48 -3.87
N GLU B 39 14.21 -1.21 -5.16
CA GLU B 39 14.71 0.03 -5.76
C GLU B 39 13.89 1.23 -5.30
N ILE B 40 12.67 1.01 -4.79
CA ILE B 40 11.83 2.10 -4.31
C ILE B 40 11.81 2.19 -2.79
N ILE B 41 11.94 1.05 -2.08
CA ILE B 41 11.85 1.03 -0.62
C ILE B 41 13.22 1.06 0.04
N CYS B 42 14.13 0.18 -0.39
CA CYS B 42 15.43 0.06 0.24
C CYS B 42 16.35 1.22 -0.17
N GLU B 43 16.21 1.68 -1.42
CA GLU B 43 17.03 2.77 -1.92
C GLU B 43 16.33 4.10 -1.67
N ASN B 44 17.07 5.21 -1.79
CA ASN B 44 16.52 6.55 -1.65
C ASN B 44 15.83 7.00 -2.93
N LYS B 45 15.84 6.14 -3.97
CA LYS B 45 15.22 6.43 -5.26
C LYS B 45 13.71 6.35 -5.16
N THR B 46 13.01 6.72 -6.24
CA THR B 46 11.56 6.70 -6.29
C THR B 46 11.17 6.34 -7.74
N TYR B 47 9.86 6.33 -8.01
CA TYR B 47 9.30 5.86 -9.27
C TYR B 47 9.81 6.72 -10.43
N ALA B 48 10.24 7.96 -10.14
CA ALA B 48 10.74 8.86 -11.17
C ALA B 48 12.13 8.42 -11.66
N ASP B 49 12.85 7.64 -10.83
CA ASP B 49 14.17 7.16 -11.19
C ASP B 49 14.15 5.84 -11.96
N VAL B 50 13.00 5.15 -11.94
CA VAL B 50 12.82 3.89 -12.65
C VAL B 50 11.83 4.03 -13.82
N ASN B 51 11.29 5.23 -14.01
CA ASN B 51 10.40 5.55 -15.12
C ASN B 51 9.19 4.61 -15.21
N ILE B 52 8.65 4.20 -14.07
CA ILE B 52 7.47 3.34 -14.04
C ILE B 52 6.21 4.20 -13.91
N ASP B 53 5.06 3.71 -14.41
CA ASP B 53 3.81 4.41 -14.29
C ASP B 53 3.48 4.61 -12.81
N ARG B 54 3.02 5.81 -12.45
CA ARG B 54 2.74 6.12 -11.04
C ARG B 54 1.54 5.33 -10.55
N SER B 55 0.67 4.89 -11.47
CA SER B 55 -0.46 4.06 -11.12
C SER B 55 0.03 2.69 -10.66
N ARG B 56 1.07 2.16 -11.32
CA ARG B 56 1.65 0.88 -10.96
C ARG B 56 2.62 1.02 -9.80
N GLY B 57 3.31 2.17 -9.70
CA GLY B 57 4.27 2.41 -8.65
C GLY B 57 3.59 2.28 -7.29
N ASP B 58 2.45 2.94 -7.13
CA ASP B 58 1.70 2.87 -5.88
C ASP B 58 1.12 1.47 -5.69
N TRP B 59 0.64 0.87 -6.78
CA TRP B 59 -0.03 -0.43 -6.71
C TRP B 59 0.94 -1.56 -6.36
N HIS B 60 2.18 -1.48 -6.84
CA HIS B 60 3.18 -2.51 -6.54
C HIS B 60 3.59 -2.47 -5.07
N VAL B 61 3.80 -1.27 -4.53
CA VAL B 61 4.22 -1.16 -3.13
C VAL B 61 3.06 -1.42 -2.18
N ILE B 62 1.84 -1.02 -2.56
CA ILE B 62 0.68 -1.24 -1.70
C ILE B 62 0.40 -2.73 -1.59
N LEU B 63 0.62 -3.49 -2.67
CA LEU B 63 0.41 -4.93 -2.63
C LEU B 63 1.39 -5.58 -1.68
N TYR B 64 2.67 -5.18 -1.71
CA TYR B 64 3.68 -5.87 -0.94
C TYR B 64 3.53 -5.45 0.52
N LEU B 65 3.15 -4.19 0.77
CA LEU B 65 2.97 -3.71 2.13
C LEU B 65 1.81 -4.45 2.80
N MET B 66 0.75 -4.73 2.05
CA MET B 66 -0.40 -5.45 2.58
C MET B 66 -0.16 -6.96 2.60
N LYS B 67 0.71 -7.46 1.71
CA LYS B 67 1.03 -8.88 1.64
C LYS B 67 1.94 -9.30 2.79
N HIS B 68 2.41 -8.32 3.58
CA HIS B 68 3.21 -8.58 4.77
C HIS B 68 2.34 -9.20 5.86
N GLY B 69 1.04 -9.37 5.59
CA GLY B 69 0.10 -9.91 6.56
C GLY B 69 -0.46 -8.79 7.44
N VAL B 70 -0.25 -7.54 7.02
CA VAL B 70 -0.63 -6.37 7.80
C VAL B 70 -1.22 -5.29 6.91
N THR B 71 -2.33 -4.69 7.33
CA THR B 71 -2.94 -3.59 6.60
C THR B 71 -3.50 -2.51 7.51
N ASP B 72 -3.38 -1.25 7.09
CA ASP B 72 -3.96 -0.12 7.78
C ASP B 72 -4.02 1.11 6.86
N PRO B 73 -5.22 1.57 6.50
CA PRO B 73 -5.40 2.72 5.63
C PRO B 73 -4.69 3.96 6.17
N ASP B 74 -4.59 4.10 7.49
CA ASP B 74 -3.97 5.28 8.09
C ASP B 74 -2.46 5.32 7.87
N LYS B 75 -1.82 4.15 7.80
CA LYS B 75 -0.39 4.06 7.55
C LYS B 75 -0.07 4.16 6.06
N ILE B 76 -0.99 3.73 5.21
CA ILE B 76 -0.78 3.77 3.77
C ILE B 76 -0.94 5.19 3.25
N LEU B 77 -1.82 5.98 3.91
CA LEU B 77 -2.04 7.37 3.52
C LEU B 77 -0.98 8.29 4.13
N GLU B 78 -0.45 7.94 5.31
CA GLU B 78 0.57 8.74 5.97
C GLU B 78 1.98 8.39 5.49
N LEU B 79 2.12 7.28 4.77
CA LEU B 79 3.41 6.92 4.18
C LEU B 79 3.78 7.94 3.11
N LEU B 80 2.76 8.48 2.43
CA LEU B 80 2.90 9.53 1.42
C LEU B 80 4.13 9.32 0.54
N PRO B 81 4.09 8.35 -0.38
CA PRO B 81 5.09 8.18 -1.40
C PRO B 81 5.25 9.47 -2.20
N ARG B 82 6.46 9.70 -2.75
CA ARG B 82 6.82 10.95 -3.39
C ARG B 82 5.87 11.30 -4.54
N ASP B 83 5.39 10.30 -5.27
CA ASP B 83 4.53 10.49 -6.43
C ASP B 83 3.16 9.82 -6.29
N SER B 84 2.72 9.55 -5.06
CA SER B 84 1.46 8.87 -4.82
C SER B 84 0.29 9.73 -5.28
N LYS B 85 -0.57 9.14 -6.15
CA LYS B 85 -1.71 9.85 -6.71
C LYS B 85 -2.82 10.04 -5.66
N ALA B 86 -2.65 9.42 -4.48
CA ALA B 86 -3.66 9.46 -3.43
C ALA B 86 -3.63 10.79 -2.66
N LYS B 87 -2.71 11.70 -3.01
CA LYS B 87 -2.64 13.00 -2.33
C LYS B 87 -2.11 14.10 -3.25
N GLU B 88 -2.23 13.93 -4.57
CA GLU B 88 -1.79 14.93 -5.53
C GLU B 88 -2.72 16.14 -5.56
N ASN B 89 -3.88 16.05 -4.91
CA ASN B 89 -4.85 17.14 -4.93
C ASN B 89 -5.73 17.07 -3.68
N GLU B 90 -6.35 18.19 -3.32
CA GLU B 90 -7.24 18.26 -2.17
C GLU B 90 -8.61 17.68 -2.51
N LYS B 91 -8.92 17.57 -3.80
CA LYS B 91 -10.20 17.04 -4.26
C LYS B 91 -10.34 15.56 -3.92
N TRP B 92 -11.59 15.08 -3.93
CA TRP B 92 -11.92 13.72 -3.52
C TRP B 92 -11.54 12.67 -4.58
N ASN B 93 -11.04 13.11 -5.74
CA ASN B 93 -10.68 12.18 -6.80
C ASN B 93 -9.48 11.32 -6.36
N THR B 94 -8.64 11.85 -5.46
CA THR B 94 -7.53 11.08 -4.93
C THR B 94 -7.99 10.13 -3.83
N GLN B 95 -9.05 10.49 -3.11
CA GLN B 95 -9.62 9.65 -2.07
C GLN B 95 -10.40 8.51 -2.71
N LYS B 96 -11.01 8.76 -3.86
CA LYS B 96 -11.75 7.75 -4.60
C LYS B 96 -10.78 6.70 -5.14
N TYR B 97 -9.59 7.14 -5.60
CA TYR B 97 -8.54 6.22 -6.01
C TYR B 97 -7.91 5.46 -4.86
N PHE B 98 -7.83 6.10 -3.70
CA PHE B 98 -7.29 5.50 -2.49
C PHE B 98 -8.15 4.34 -1.99
N VAL B 99 -9.45 4.38 -2.29
CA VAL B 99 -10.36 3.29 -1.92
C VAL B 99 -10.21 2.16 -2.94
N ILE B 100 -9.92 2.50 -4.21
CA ILE B 100 -9.75 1.47 -5.24
C ILE B 100 -8.53 0.61 -4.94
N THR B 101 -7.42 1.25 -4.52
CA THR B 101 -6.18 0.52 -4.28
C THR B 101 -6.36 -0.38 -3.06
N LEU B 102 -7.04 0.09 -2.01
CA LEU B 102 -7.23 -0.71 -0.81
C LEU B 102 -8.22 -1.85 -1.09
N SER B 103 -9.23 -1.60 -1.94
CA SER B 103 -10.24 -2.59 -2.23
C SER B 103 -9.65 -3.74 -3.04
N LYS B 104 -8.89 -3.42 -4.08
CA LYS B 104 -8.35 -4.44 -4.97
C LYS B 104 -7.11 -5.11 -4.37
N ALA B 105 -6.29 -4.37 -3.62
CA ALA B 105 -5.10 -4.94 -3.02
C ALA B 105 -5.49 -5.92 -1.92
N TRP B 106 -6.54 -5.62 -1.17
CA TRP B 106 -6.98 -6.52 -0.11
C TRP B 106 -7.68 -7.75 -0.68
N SER B 107 -8.25 -7.62 -1.88
CA SER B 107 -8.87 -8.77 -2.53
C SER B 107 -7.80 -9.81 -2.89
N VAL B 108 -6.62 -9.35 -3.28
CA VAL B 108 -5.50 -10.23 -3.63
C VAL B 108 -4.85 -10.79 -2.36
N VAL B 109 -4.68 -9.95 -1.34
CA VAL B 109 -4.01 -10.37 -0.12
C VAL B 109 -4.91 -11.34 0.64
N LYS B 110 -6.22 -11.08 0.68
CA LYS B 110 -7.15 -11.97 1.36
C LYS B 110 -7.22 -13.32 0.65
N LYS B 111 -7.08 -13.30 -0.68
CA LYS B 111 -7.05 -14.51 -1.50
C LYS B 111 -5.82 -15.35 -1.18
N TYR B 112 -4.74 -14.69 -0.72
CA TYR B 112 -3.51 -15.38 -0.35
C TYR B 112 -3.40 -15.73 1.13
N LEU B 113 -4.29 -15.17 1.96
CA LEU B 113 -4.32 -15.48 3.39
C LEU B 113 -5.16 -16.73 3.65
N GLU B 114 -6.09 -17.06 2.75
CA GLU B 114 -6.86 -18.29 2.88
C GLU B 114 -6.07 -19.46 2.31
N ALA B 115 -5.23 -20.06 3.16
CA ALA B 115 -4.40 -21.20 2.78
C ALA B 115 -4.09 -22.06 4.01
N THR B 1 -23.60 -1.59 -1.73
CA THR B 1 -22.42 -0.74 -1.95
C THR B 1 -21.77 -0.24 -0.67
N VAL B 2 -22.50 0.55 0.12
CA VAL B 2 -21.97 1.13 1.35
C VAL B 2 -21.74 0.05 2.41
N VAL B 3 -22.48 -1.07 2.35
CA VAL B 3 -22.33 -2.15 3.31
C VAL B 3 -21.00 -2.86 3.09
N GLU B 4 -20.56 -2.95 1.83
CA GLU B 4 -19.30 -3.58 1.50
C GLU B 4 -18.11 -2.69 1.88
N PHE B 5 -18.29 -1.37 1.84
CA PHE B 5 -17.25 -0.45 2.27
C PHE B 5 -17.04 -0.44 3.79
N GLU B 6 -18.11 -0.65 4.56
CA GLU B 6 -18.01 -0.75 6.00
C GLU B 6 -17.45 -2.11 6.42
N GLU B 7 -17.62 -3.12 5.55
CA GLU B 7 -17.09 -4.45 5.82
C GLU B 7 -15.58 -4.46 5.62
N LEU B 8 -15.08 -3.77 4.59
CA LEU B 8 -13.65 -3.68 4.33
C LEU B 8 -13.00 -2.75 5.35
N ARG B 9 -13.73 -1.74 5.82
CA ARG B 9 -13.24 -0.82 6.82
C ARG B 9 -12.88 -1.58 8.10
N LYS B 10 -13.75 -2.51 8.49
CA LYS B 10 -13.57 -3.29 9.72
C LYS B 10 -12.60 -4.44 9.51
N GLU B 11 -12.49 -4.97 8.28
CA GLU B 11 -11.57 -6.07 8.03
C GLU B 11 -10.12 -5.57 8.02
N LEU B 12 -9.90 -4.38 7.45
CA LEU B 12 -8.56 -3.82 7.34
C LEU B 12 -8.09 -3.24 8.67
N VAL B 13 -9.01 -2.75 9.51
CA VAL B 13 -8.60 -2.18 10.79
C VAL B 13 -8.23 -3.27 11.81
N LYS B 14 -8.79 -4.47 11.65
CA LYS B 14 -8.44 -5.59 12.51
C LYS B 14 -7.18 -6.31 12.01
N ARG B 15 -6.82 -6.10 10.73
CA ARG B 15 -5.62 -6.66 10.15
C ARG B 15 -4.37 -5.87 10.51
N ASP B 16 -4.55 -4.73 11.19
CA ASP B 16 -3.42 -3.88 11.58
C ASP B 16 -2.63 -4.51 12.72
N SER B 17 -1.29 -4.47 12.62
CA SER B 17 -0.41 -5.03 13.64
C SER B 17 -0.27 -4.08 14.83
N GLY B 18 -0.70 -2.83 14.66
CA GLY B 18 -0.69 -1.83 15.73
C GLY B 18 0.63 -1.04 15.75
N LYS B 19 1.66 -1.54 15.04
CA LYS B 19 2.93 -0.84 14.93
C LYS B 19 2.84 0.25 13.86
N PRO B 20 3.62 1.33 13.99
CA PRO B 20 3.69 2.38 13.00
C PRO B 20 4.38 1.88 11.73
N VAL B 21 4.18 2.60 10.62
CA VAL B 21 4.71 2.18 9.32
C VAL B 21 6.23 2.19 9.25
N GLU B 22 6.87 2.95 10.14
CA GLU B 22 8.32 3.05 10.14
C GLU B 22 8.95 1.72 10.57
N LYS B 23 8.18 0.86 11.26
CA LYS B 23 8.69 -0.45 11.66
C LYS B 23 8.45 -1.47 10.55
N ILE B 24 7.35 -1.32 9.81
CA ILE B 24 7.03 -2.22 8.72
C ILE B 24 8.05 -2.06 7.60
N LYS B 25 8.57 -0.84 7.44
CA LYS B 25 9.57 -0.54 6.43
C LYS B 25 10.86 -1.28 6.72
N GLU B 26 11.26 -1.35 8.00
CA GLU B 26 12.50 -2.00 8.39
C GLU B 26 12.36 -3.52 8.41
N GLU B 27 11.15 -4.02 8.71
CA GLU B 27 10.89 -5.44 8.78
C GLU B 27 10.84 -6.07 7.38
N ILE B 28 10.56 -5.26 6.35
CA ILE B 28 10.45 -5.75 4.99
C ILE B 28 11.78 -5.62 4.24
N CYS B 29 12.47 -4.49 4.43
CA CYS B 29 13.69 -4.21 3.66
C CYS B 29 14.88 -5.01 4.18
N THR B 30 14.81 -5.50 5.43
CA THR B 30 15.87 -6.33 5.99
C THR B 30 15.92 -7.70 5.33
N LYS B 31 14.83 -8.09 4.65
CA LYS B 31 14.74 -9.36 3.95
C LYS B 31 15.32 -9.25 2.53
N SER B 32 15.86 -8.07 2.19
CA SER B 32 16.41 -7.79 0.87
C SER B 32 15.37 -8.15 -0.21
N PRO B 33 14.25 -7.40 -0.26
CA PRO B 33 13.17 -7.63 -1.21
C PRO B 33 13.63 -7.32 -2.63
N PRO B 34 12.79 -7.61 -3.64
CA PRO B 34 13.09 -7.38 -5.04
C PRO B 34 13.52 -5.94 -5.29
N LYS B 35 14.29 -5.72 -6.35
CA LYS B 35 14.91 -4.42 -6.62
C LYS B 35 13.86 -3.31 -6.77
N LEU B 36 12.64 -3.65 -7.19
CA LEU B 36 11.60 -2.65 -7.36
C LEU B 36 11.17 -2.11 -6.00
N ILE B 37 11.05 -2.98 -5.00
CA ILE B 37 10.60 -2.59 -3.67
C ILE B 37 11.76 -2.02 -2.86
N LYS B 38 12.94 -2.63 -3.00
CA LYS B 38 14.10 -2.27 -2.18
C LYS B 38 14.61 -0.89 -2.54
N GLU B 39 14.55 -0.53 -3.83
CA GLU B 39 15.06 0.76 -4.29
C GLU B 39 14.03 1.87 -4.07
N ILE B 40 12.75 1.59 -4.29
CA ILE B 40 11.73 2.64 -4.18
C ILE B 40 11.40 2.95 -2.72
N ILE B 41 11.40 1.94 -1.84
CA ILE B 41 10.97 2.14 -0.47
C ILE B 41 12.13 2.46 0.48
N CYS B 42 13.31 1.87 0.26
CA CYS B 42 14.40 1.96 1.24
C CYS B 42 15.69 2.53 0.67
N GLU B 43 15.61 3.16 -0.50
CA GLU B 43 16.71 3.93 -1.06
C GLU B 43 16.21 5.29 -1.53
N ASN B 44 17.12 6.17 -1.94
CA ASN B 44 16.78 7.52 -2.36
C ASN B 44 16.08 7.54 -3.72
N LYS B 45 15.86 6.36 -4.33
CA LYS B 45 15.24 6.26 -5.64
C LYS B 45 13.73 6.47 -5.53
N THR B 46 13.09 6.74 -6.66
CA THR B 46 11.63 6.83 -6.74
C THR B 46 11.13 6.38 -8.11
N TYR B 47 9.82 6.47 -8.34
CA TYR B 47 9.21 5.97 -9.57
C TYR B 47 9.73 6.77 -10.76
N ALA B 48 10.23 7.99 -10.52
CA ALA B 48 10.77 8.83 -11.57
C ALA B 48 12.16 8.35 -11.98
N ASP B 49 12.86 7.62 -11.10
CA ASP B 49 14.21 7.14 -11.37
C ASP B 49 14.20 5.79 -12.10
N VAL B 50 13.07 5.09 -12.07
CA VAL B 50 12.90 3.82 -12.77
C VAL B 50 11.92 3.94 -13.94
N ASN B 51 11.42 5.17 -14.16
CA ASN B 51 10.55 5.49 -15.29
C ASN B 51 9.29 4.61 -15.35
N ILE B 52 8.76 4.22 -14.18
CA ILE B 52 7.54 3.43 -14.11
C ILE B 52 6.34 4.36 -13.94
N ASP B 53 5.17 3.94 -14.46
CA ASP B 53 3.95 4.73 -14.32
C ASP B 53 3.54 4.87 -12.86
N ARG B 54 2.97 6.03 -12.51
CA ARG B 54 2.62 6.30 -11.11
C ARG B 54 1.48 5.42 -10.63
N SER B 55 0.61 4.98 -11.55
CA SER B 55 -0.49 4.10 -11.20
C SER B 55 0.04 2.69 -10.88
N ARG B 56 1.07 2.27 -11.61
CA ARG B 56 1.70 0.96 -11.39
C ARG B 56 2.66 1.02 -10.21
N GLY B 57 3.35 2.14 -10.03
CA GLY B 57 4.30 2.30 -8.96
C GLY B 57 3.63 2.15 -7.61
N ASP B 58 2.49 2.82 -7.43
CA ASP B 58 1.74 2.73 -6.19
C ASP B 58 1.17 1.33 -6.00
N TRP B 59 0.66 0.73 -7.07
CA TRP B 59 -0.02 -0.55 -6.99
C TRP B 59 0.94 -1.69 -6.70
N HIS B 60 2.17 -1.64 -7.23
CA HIS B 60 3.15 -2.70 -6.99
C HIS B 60 3.65 -2.67 -5.55
N VAL B 61 3.89 -1.47 -5.00
CA VAL B 61 4.37 -1.38 -3.63
C VAL B 61 3.26 -1.63 -2.62
N ILE B 62 2.02 -1.25 -2.95
CA ILE B 62 0.90 -1.49 -2.05
C ILE B 62 0.64 -2.99 -1.93
N LEU B 63 0.79 -3.74 -3.03
CA LEU B 63 0.60 -5.18 -2.98
C LEU B 63 1.63 -5.82 -2.06
N TYR B 64 2.90 -5.39 -2.16
CA TYR B 64 3.97 -6.07 -1.45
C TYR B 64 3.83 -5.71 0.04
N LEU B 65 3.41 -4.48 0.35
CA LEU B 65 3.28 -4.04 1.74
C LEU B 65 2.14 -4.79 2.43
N MET B 66 1.06 -5.08 1.70
CA MET B 66 -0.09 -5.81 2.26
C MET B 66 0.18 -7.31 2.29
N LYS B 67 1.03 -7.81 1.37
CA LYS B 67 1.42 -9.21 1.34
C LYS B 67 2.35 -9.55 2.51
N HIS B 68 2.80 -8.54 3.25
CA HIS B 68 3.61 -8.74 4.45
C HIS B 68 2.81 -9.43 5.55
N GLY B 69 1.52 -9.68 5.33
CA GLY B 69 0.67 -10.36 6.30
C GLY B 69 0.03 -9.37 7.26
N VAL B 70 0.06 -8.08 6.93
CA VAL B 70 -0.53 -7.03 7.75
C VAL B 70 -1.07 -5.95 6.81
N THR B 71 -2.21 -5.35 7.18
CA THR B 71 -2.86 -4.33 6.35
C THR B 71 -3.49 -3.21 7.16
N ASP B 72 -3.40 -1.99 6.65
CA ASP B 72 -3.99 -0.81 7.25
C ASP B 72 -3.89 0.39 6.29
N PRO B 73 -5.02 1.01 5.93
CA PRO B 73 -5.04 2.16 5.03
C PRO B 73 -4.10 3.27 5.45
N ASP B 74 -3.93 3.46 6.77
CA ASP B 74 -3.11 4.55 7.28
C ASP B 74 -1.63 4.36 6.99
N LYS B 75 -1.20 3.12 6.73
CA LYS B 75 0.21 2.83 6.45
C LYS B 75 0.58 3.35 5.07
N ILE B 76 -0.31 3.15 4.09
CA ILE B 76 -0.06 3.54 2.71
C ILE B 76 -0.04 5.06 2.59
N LEU B 77 -0.89 5.76 3.36
CA LEU B 77 -0.97 7.20 3.27
C LEU B 77 0.13 7.88 4.09
N GLU B 78 0.56 7.24 5.18
CA GLU B 78 1.64 7.78 6.02
C GLU B 78 3.02 7.36 5.51
N LEU B 79 3.05 6.57 4.43
CA LEU B 79 4.31 6.24 3.78
C LEU B 79 4.89 7.46 3.07
N LEU B 80 4.05 8.47 2.84
CA LEU B 80 4.43 9.72 2.19
C LEU B 80 5.22 9.51 0.88
N PRO B 81 4.65 8.79 -0.10
CA PRO B 81 5.27 8.66 -1.41
C PRO B 81 5.42 10.03 -2.07
N ARG B 82 6.43 10.20 -2.92
CA ARG B 82 6.70 11.49 -3.54
C ARG B 82 5.87 11.73 -4.79
N ASP B 83 5.53 10.67 -5.53
CA ASP B 83 4.80 10.80 -6.79
C ASP B 83 3.43 10.09 -6.83
N SER B 84 2.98 9.55 -5.68
CA SER B 84 1.73 8.81 -5.65
C SER B 84 0.54 9.72 -6.00
N LYS B 85 -0.42 9.17 -6.76
CA LYS B 85 -1.60 9.92 -7.16
C LYS B 85 -2.49 10.21 -5.96
N ALA B 86 -2.30 9.48 -4.86
CA ALA B 86 -3.05 9.69 -3.64
C ALA B 86 -2.52 10.92 -2.88
N LYS B 87 -1.38 11.46 -3.33
CA LYS B 87 -0.74 12.62 -2.71
C LYS B 87 -0.73 13.85 -3.63
N GLU B 88 -1.16 13.70 -4.89
CA GLU B 88 -1.15 14.81 -5.83
C GLU B 88 -2.18 15.87 -5.45
N ASN B 89 -3.27 15.44 -4.80
CA ASN B 89 -4.33 16.34 -4.37
C ASN B 89 -5.09 15.72 -3.19
N GLU B 90 -5.73 16.55 -2.38
CA GLU B 90 -6.60 16.10 -1.30
C GLU B 90 -8.02 15.93 -1.81
N LYS B 91 -8.27 16.30 -3.08
CA LYS B 91 -9.59 16.30 -3.68
C LYS B 91 -10.16 14.89 -3.77
N TRP B 92 -11.48 14.80 -3.93
CA TRP B 92 -12.21 13.53 -3.93
C TRP B 92 -11.75 12.58 -5.03
N ASN B 93 -11.09 13.09 -6.07
CA ASN B 93 -10.60 12.25 -7.15
C ASN B 93 -9.57 11.25 -6.62
N THR B 94 -8.70 11.72 -5.72
CA THR B 94 -7.69 10.86 -5.12
C THR B 94 -8.25 10.00 -3.99
N GLN B 95 -9.38 10.41 -3.41
CA GLN B 95 -10.00 9.64 -2.33
C GLN B 95 -10.65 8.39 -2.90
N LYS B 96 -11.23 8.49 -4.10
CA LYS B 96 -11.82 7.33 -4.77
C LYS B 96 -10.73 6.38 -5.26
N TYR B 97 -9.60 6.94 -5.70
CA TYR B 97 -8.46 6.12 -6.09
C TYR B 97 -7.82 5.39 -4.92
N PHE B 98 -7.72 6.09 -3.77
CA PHE B 98 -7.08 5.54 -2.59
C PHE B 98 -7.82 4.32 -2.03
N VAL B 99 -9.16 4.33 -2.12
CA VAL B 99 -9.94 3.19 -1.65
C VAL B 99 -9.99 2.06 -2.68
N ILE B 100 -9.78 2.38 -3.96
CA ILE B 100 -9.74 1.36 -5.00
C ILE B 100 -8.50 0.50 -4.85
N THR B 101 -7.34 1.11 -4.62
CA THR B 101 -6.09 0.38 -4.52
C THR B 101 -6.11 -0.50 -3.27
N LEU B 102 -6.66 0.01 -2.17
CA LEU B 102 -6.71 -0.77 -0.93
C LEU B 102 -7.78 -1.86 -1.02
N SER B 103 -8.84 -1.64 -1.79
CA SER B 103 -9.90 -2.63 -1.92
C SER B 103 -9.42 -3.80 -2.78
N LYS B 104 -8.76 -3.50 -3.91
CA LYS B 104 -8.30 -4.55 -4.81
C LYS B 104 -7.05 -5.23 -4.28
N ALA B 105 -6.20 -4.52 -3.55
CA ALA B 105 -5.00 -5.12 -2.98
C ALA B 105 -5.38 -6.12 -1.89
N TRP B 106 -6.42 -5.81 -1.10
CA TRP B 106 -6.86 -6.70 -0.05
C TRP B 106 -7.58 -7.92 -0.64
N SER B 107 -8.18 -7.78 -1.82
CA SER B 107 -8.83 -8.90 -2.48
C SER B 107 -7.80 -9.97 -2.85
N VAL B 108 -6.61 -9.53 -3.30
CA VAL B 108 -5.54 -10.44 -3.69
C VAL B 108 -4.90 -11.04 -2.45
N VAL B 109 -4.72 -10.25 -1.39
CA VAL B 109 -4.06 -10.73 -0.19
C VAL B 109 -5.00 -11.66 0.57
N LYS B 110 -6.31 -11.40 0.52
CA LYS B 110 -7.28 -12.21 1.26
C LYS B 110 -7.42 -13.59 0.64
N LYS B 111 -7.41 -13.68 -0.70
CA LYS B 111 -7.55 -14.97 -1.35
C LYS B 111 -6.28 -15.80 -1.18
N TYR B 112 -5.14 -15.14 -0.93
CA TYR B 112 -3.90 -15.84 -0.60
C TYR B 112 -3.75 -16.12 0.90
N LEU B 113 -4.55 -15.47 1.73
CA LEU B 113 -4.48 -15.60 3.17
C LEU B 113 -5.38 -16.74 3.65
N GLU B 114 -6.50 -16.96 2.96
CA GLU B 114 -7.42 -18.04 3.30
C GLU B 114 -6.99 -19.33 2.59
N ALA B 115 -6.09 -20.08 3.22
CA ALA B 115 -5.58 -21.33 2.70
C ALA B 115 -5.11 -22.23 3.84
N THR B 1 -23.43 -2.03 -2.06
CA THR B 1 -22.17 -1.33 -2.29
C THR B 1 -21.54 -0.76 -1.02
N VAL B 2 -22.24 0.18 -0.37
CA VAL B 2 -21.72 0.82 0.84
C VAL B 2 -21.62 -0.17 1.99
N VAL B 3 -22.52 -1.16 2.03
CA VAL B 3 -22.52 -2.15 3.10
C VAL B 3 -21.25 -3.00 3.04
N GLU B 4 -20.78 -3.29 1.82
CA GLU B 4 -19.58 -4.08 1.63
C GLU B 4 -18.33 -3.28 2.02
N PHE B 5 -18.38 -1.95 1.85
CA PHE B 5 -17.27 -1.09 2.26
C PHE B 5 -17.13 -0.95 3.78
N GLU B 6 -18.23 -1.16 4.51
CA GLU B 6 -18.22 -1.11 5.96
C GLU B 6 -17.67 -2.42 6.54
N GLU B 7 -17.89 -3.53 5.82
CA GLU B 7 -17.32 -4.82 6.23
C GLU B 7 -15.81 -4.81 5.99
N LEU B 8 -15.35 -4.03 5.01
CA LEU B 8 -13.93 -3.89 4.74
C LEU B 8 -13.29 -2.92 5.75
N ARG B 9 -14.08 -1.98 6.29
CA ARG B 9 -13.56 -1.05 7.27
C ARG B 9 -13.14 -1.82 8.51
N LYS B 10 -13.93 -2.83 8.90
CA LYS B 10 -13.67 -3.62 10.08
C LYS B 10 -12.61 -4.68 9.83
N GLU B 11 -12.46 -5.15 8.59
CA GLU B 11 -11.43 -6.14 8.30
C GLU B 11 -10.06 -5.47 8.21
N LEU B 12 -9.98 -4.33 7.53
CA LEU B 12 -8.72 -3.64 7.32
C LEU B 12 -8.20 -3.04 8.62
N VAL B 13 -9.09 -2.73 9.58
CA VAL B 13 -8.66 -2.23 10.87
C VAL B 13 -8.22 -3.34 11.81
N LYS B 14 -8.74 -4.56 11.60
CA LYS B 14 -8.38 -5.71 12.41
C LYS B 14 -7.00 -6.26 12.02
N ARG B 15 -6.60 -6.05 10.77
CA ARG B 15 -5.32 -6.55 10.25
C ARG B 15 -4.15 -5.66 10.65
N ASP B 16 -4.41 -4.58 11.39
CA ASP B 16 -3.38 -3.64 11.80
C ASP B 16 -2.46 -4.23 12.89
N SER B 17 -1.15 -4.12 12.71
CA SER B 17 -0.17 -4.65 13.65
C SER B 17 0.12 -3.65 14.77
N GLY B 18 -0.30 -2.39 14.58
CA GLY B 18 -0.09 -1.33 15.55
C GLY B 18 1.28 -0.66 15.39
N LYS B 19 2.12 -1.18 14.50
CA LYS B 19 3.45 -0.61 14.26
C LYS B 19 3.38 0.42 13.14
N PRO B 20 4.23 1.46 13.20
CA PRO B 20 4.34 2.48 12.18
C PRO B 20 5.01 1.92 10.93
N VAL B 21 4.84 2.59 9.79
CA VAL B 21 5.34 2.10 8.51
C VAL B 21 6.86 2.09 8.43
N GLU B 22 7.53 2.89 9.25
CA GLU B 22 8.98 2.99 9.22
C GLU B 22 9.62 1.69 9.73
N LYS B 23 8.88 0.89 10.51
CA LYS B 23 9.36 -0.39 10.99
C LYS B 23 9.06 -1.50 9.98
N ILE B 24 7.99 -1.35 9.20
CA ILE B 24 7.56 -2.37 8.27
C ILE B 24 8.56 -2.53 7.13
N LYS B 25 9.17 -1.41 6.68
CA LYS B 25 10.15 -1.46 5.61
C LYS B 25 11.46 -2.10 6.08
N GLU B 26 11.76 -2.01 7.37
CA GLU B 26 12.96 -2.62 7.92
C GLU B 26 12.76 -4.13 8.09
N GLU B 27 11.52 -4.56 8.33
CA GLU B 27 11.20 -5.97 8.44
C GLU B 27 11.16 -6.64 7.07
N ILE B 28 10.97 -5.84 6.01
CA ILE B 28 10.94 -6.36 4.65
C ILE B 28 12.31 -6.29 4.00
N CYS B 29 13.11 -5.25 4.33
CA CYS B 29 14.39 -5.05 3.68
C CYS B 29 15.44 -6.03 4.20
N THR B 30 15.21 -6.62 5.38
CA THR B 30 16.12 -7.62 5.92
C THR B 30 15.96 -8.97 5.21
N LYS B 31 14.85 -9.13 4.48
CA LYS B 31 14.57 -10.32 3.67
C LYS B 31 15.16 -10.13 2.28
N SER B 32 14.64 -10.87 1.29
CA SER B 32 15.09 -10.80 -0.09
C SER B 32 13.93 -10.39 -1.02
N PRO B 33 13.40 -9.16 -0.85
CA PRO B 33 12.32 -8.64 -1.67
C PRO B 33 12.82 -8.39 -3.10
N PRO B 34 11.89 -8.21 -4.06
CA PRO B 34 12.22 -7.90 -5.43
C PRO B 34 12.88 -6.54 -5.54
N LYS B 35 13.62 -6.30 -6.63
CA LYS B 35 14.38 -5.08 -6.82
C LYS B 35 13.48 -3.85 -6.82
N LEU B 36 12.24 -3.99 -7.29
CA LEU B 36 11.31 -2.87 -7.34
C LEU B 36 10.92 -2.44 -5.93
N ILE B 37 10.77 -3.40 -5.01
CA ILE B 37 10.42 -3.08 -3.64
C ILE B 37 11.65 -2.59 -2.88
N LYS B 38 12.81 -3.22 -3.07
CA LYS B 38 14.00 -2.84 -2.35
C LYS B 38 14.43 -1.42 -2.73
N GLU B 39 14.26 -1.05 -4.00
CA GLU B 39 14.72 0.24 -4.50
C GLU B 39 13.77 1.37 -4.10
N ILE B 40 12.47 1.09 -4.00
CA ILE B 40 11.49 2.14 -3.72
C ILE B 40 11.16 2.21 -2.21
N ILE B 41 11.28 1.11 -1.49
CA ILE B 41 10.90 1.06 -0.07
C ILE B 41 12.12 1.28 0.84
N CYS B 42 13.22 0.57 0.59
CA CYS B 42 14.35 0.57 1.51
C CYS B 42 15.38 1.62 1.13
N GLU B 43 15.62 1.81 -0.17
CA GLU B 43 16.54 2.83 -0.65
C GLU B 43 15.84 4.20 -0.75
N ASN B 44 16.62 5.27 -0.88
CA ASN B 44 16.07 6.61 -0.92
C ASN B 44 15.51 6.98 -2.30
N LYS B 45 15.55 6.03 -3.25
CA LYS B 45 15.02 6.24 -4.60
C LYS B 45 13.50 6.21 -4.60
N THR B 46 12.91 6.57 -5.74
CA THR B 46 11.46 6.59 -5.91
C THR B 46 11.19 6.28 -7.38
N TYR B 47 9.90 6.31 -7.76
CA TYR B 47 9.45 5.87 -9.08
C TYR B 47 10.07 6.74 -10.17
N ALA B 48 10.49 7.97 -9.83
CA ALA B 48 11.08 8.88 -10.79
C ALA B 48 12.51 8.44 -11.16
N ASP B 49 13.15 7.63 -10.31
CA ASP B 49 14.49 7.14 -10.54
C ASP B 49 14.51 5.85 -11.36
N VAL B 50 13.38 5.14 -11.40
CA VAL B 50 13.25 3.88 -12.12
C VAL B 50 12.33 3.99 -13.34
N ASN B 51 11.78 5.19 -13.57
CA ASN B 51 10.94 5.50 -14.72
C ASN B 51 9.74 4.55 -14.85
N ILE B 52 9.14 4.15 -13.73
CA ILE B 52 7.97 3.28 -13.74
C ILE B 52 6.70 4.12 -13.71
N ASP B 53 5.60 3.58 -14.25
CA ASP B 53 4.30 4.25 -14.20
C ASP B 53 3.89 4.57 -12.77
N ARG B 54 3.55 5.83 -12.48
CA ARG B 54 3.27 6.26 -11.12
C ARG B 54 2.00 5.60 -10.60
N SER B 55 1.07 5.22 -11.48
CA SER B 55 -0.17 4.59 -11.08
C SER B 55 0.12 3.18 -10.61
N ARG B 56 1.01 2.48 -11.33
CA ARG B 56 1.40 1.13 -11.00
C ARG B 56 2.46 1.10 -9.91
N GLY B 57 3.24 2.16 -9.77
CA GLY B 57 4.25 2.25 -8.73
C GLY B 57 3.58 2.18 -7.36
N ASP B 58 2.48 2.90 -7.19
CA ASP B 58 1.72 2.86 -5.96
C ASP B 58 1.05 1.51 -5.75
N TRP B 59 0.54 0.93 -6.84
CA TRP B 59 -0.16 -0.34 -6.76
C TRP B 59 0.77 -1.51 -6.48
N HIS B 60 2.00 -1.47 -7.00
CA HIS B 60 2.97 -2.54 -6.77
C HIS B 60 3.42 -2.57 -5.32
N VAL B 61 3.63 -1.40 -4.70
CA VAL B 61 4.07 -1.36 -3.31
C VAL B 61 2.90 -1.63 -2.36
N ILE B 62 1.69 -1.23 -2.72
CA ILE B 62 0.53 -1.48 -1.87
C ILE B 62 0.23 -2.98 -1.83
N LEU B 63 0.45 -3.69 -2.94
CA LEU B 63 0.24 -5.13 -2.95
C LEU B 63 1.23 -5.83 -2.03
N TYR B 64 2.51 -5.43 -2.08
CA TYR B 64 3.54 -6.15 -1.35
C TYR B 64 3.49 -5.78 0.13
N LEU B 65 3.21 -4.51 0.45
CA LEU B 65 3.20 -4.07 1.84
C LEU B 65 2.02 -4.70 2.58
N MET B 66 0.89 -4.90 1.89
CA MET B 66 -0.27 -5.53 2.50
C MET B 66 -0.11 -7.05 2.53
N LYS B 67 0.66 -7.61 1.59
CA LYS B 67 0.91 -9.04 1.52
C LYS B 67 1.86 -9.46 2.65
N HIS B 68 2.48 -8.48 3.32
CA HIS B 68 3.37 -8.73 4.45
C HIS B 68 2.60 -9.28 5.65
N GLY B 69 1.27 -9.42 5.53
CA GLY B 69 0.45 -10.00 6.58
C GLY B 69 -0.13 -8.96 7.52
N VAL B 70 -0.13 -7.69 7.10
CA VAL B 70 -0.64 -6.59 7.91
C VAL B 70 -1.21 -5.53 6.97
N THR B 71 -2.35 -4.95 7.35
CA THR B 71 -3.00 -3.91 6.55
C THR B 71 -3.60 -2.79 7.41
N ASP B 72 -3.58 -1.57 6.88
CA ASP B 72 -4.15 -0.39 7.51
C ASP B 72 -4.15 0.77 6.52
N PRO B 73 -5.32 1.31 6.15
CA PRO B 73 -5.43 2.41 5.19
C PRO B 73 -4.53 3.59 5.56
N ASP B 74 -4.37 3.86 6.86
CA ASP B 74 -3.59 5.00 7.31
C ASP B 74 -2.10 4.86 6.97
N LYS B 75 -1.63 3.62 6.79
CA LYS B 75 -0.23 3.39 6.46
C LYS B 75 0.06 3.77 5.01
N ILE B 76 -0.83 3.39 4.10
CA ILE B 76 -0.65 3.65 2.68
C ILE B 76 -0.55 5.15 2.44
N LEU B 77 -1.31 5.94 3.19
CA LEU B 77 -1.29 7.39 3.03
C LEU B 77 -0.07 8.00 3.73
N GLU B 78 0.42 7.35 4.81
CA GLU B 78 1.55 7.84 5.58
C GLU B 78 2.90 7.38 5.02
N LEU B 79 2.91 6.63 3.91
CA LEU B 79 4.17 6.29 3.25
C LEU B 79 4.78 7.54 2.63
N LEU B 80 3.95 8.57 2.41
CA LEU B 80 4.36 9.84 1.84
C LEU B 80 5.25 9.68 0.59
N PRO B 81 4.82 8.91 -0.43
CA PRO B 81 5.58 8.79 -1.65
C PRO B 81 5.67 10.14 -2.37
N ARG B 82 6.75 10.37 -3.12
CA ARG B 82 6.98 11.65 -3.76
C ARG B 82 6.04 11.89 -4.94
N ASP B 83 5.57 10.80 -5.56
CA ASP B 83 4.72 10.86 -6.75
C ASP B 83 3.39 10.13 -6.56
N SER B 84 2.92 10.02 -5.31
CA SER B 84 1.69 9.29 -5.00
C SER B 84 0.49 9.90 -5.73
N LYS B 85 -0.35 9.03 -6.32
CA LYS B 85 -1.57 9.46 -6.98
C LYS B 85 -2.64 9.83 -5.96
N ALA B 86 -2.45 9.40 -4.70
CA ALA B 86 -3.39 9.68 -3.62
C ALA B 86 -3.15 11.08 -3.04
N LYS B 87 -2.19 11.83 -3.59
CA LYS B 87 -1.84 13.16 -3.09
C LYS B 87 -1.77 14.19 -4.21
N GLU B 88 -2.25 13.87 -5.41
CA GLU B 88 -2.19 14.77 -6.55
C GLU B 88 -3.08 15.99 -6.36
N ASN B 89 -4.12 15.86 -5.52
CA ASN B 89 -5.08 16.92 -5.29
C ASN B 89 -5.67 16.81 -3.89
N GLU B 90 -6.27 17.90 -3.41
CA GLU B 90 -6.99 17.91 -2.14
C GLU B 90 -8.44 17.46 -2.34
N LYS B 91 -8.85 17.28 -3.60
CA LYS B 91 -10.21 16.89 -3.94
C LYS B 91 -10.43 15.40 -3.75
N TRP B 92 -11.67 14.94 -3.97
CA TRP B 92 -12.06 13.58 -3.70
C TRP B 92 -11.64 12.64 -4.83
N ASN B 93 -10.99 13.16 -5.88
CA ASN B 93 -10.52 12.32 -6.97
C ASN B 93 -9.44 11.37 -6.48
N THR B 94 -8.64 11.82 -5.51
CA THR B 94 -7.63 10.96 -4.90
C THR B 94 -8.25 9.98 -3.91
N GLN B 95 -9.40 10.34 -3.32
CA GLN B 95 -10.10 9.46 -2.41
C GLN B 95 -10.77 8.33 -3.20
N LYS B 96 -11.19 8.61 -4.43
CA LYS B 96 -11.75 7.60 -5.31
C LYS B 96 -10.71 6.53 -5.61
N TYR B 97 -9.49 6.96 -5.93
CA TYR B 97 -8.39 6.04 -6.19
C TYR B 97 -7.91 5.31 -4.95
N PHE B 98 -7.97 5.99 -3.80
CA PHE B 98 -7.48 5.44 -2.55
C PHE B 98 -8.34 4.26 -2.09
N VAL B 99 -9.63 4.28 -2.42
CA VAL B 99 -10.53 3.18 -2.06
C VAL B 99 -10.34 2.03 -3.05
N ILE B 100 -10.00 2.33 -4.31
CA ILE B 100 -9.80 1.31 -5.32
C ILE B 100 -8.59 0.46 -4.99
N THR B 101 -7.47 1.09 -4.58
CA THR B 101 -6.24 0.35 -4.33
C THR B 101 -6.43 -0.52 -3.09
N LEU B 102 -7.08 0.00 -2.06
CA LEU B 102 -7.28 -0.75 -0.82
C LEU B 102 -8.30 -1.87 -1.01
N SER B 103 -9.27 -1.66 -1.92
CA SER B 103 -10.30 -2.67 -2.17
C SER B 103 -9.72 -3.84 -2.95
N LYS B 104 -8.97 -3.55 -4.02
CA LYS B 104 -8.45 -4.58 -4.90
C LYS B 104 -7.22 -5.25 -4.30
N ALA B 105 -6.40 -4.51 -3.57
CA ALA B 105 -5.21 -5.08 -2.97
C ALA B 105 -5.59 -6.07 -1.88
N TRP B 106 -6.60 -5.75 -1.07
CA TRP B 106 -7.02 -6.65 -0.01
C TRP B 106 -7.76 -7.86 -0.56
N SER B 107 -8.35 -7.74 -1.75
CA SER B 107 -8.98 -8.88 -2.38
C SER B 107 -7.93 -9.93 -2.76
N VAL B 108 -6.75 -9.48 -3.19
CA VAL B 108 -5.66 -10.38 -3.56
C VAL B 108 -4.97 -10.91 -2.30
N VAL B 109 -4.77 -10.06 -1.30
CA VAL B 109 -4.08 -10.47 -0.09
C VAL B 109 -4.95 -11.47 0.69
N LYS B 110 -6.27 -11.23 0.73
CA LYS B 110 -7.18 -12.13 1.44
C LYS B 110 -7.26 -13.47 0.72
N LYS B 111 -7.09 -13.46 -0.62
CA LYS B 111 -7.07 -14.68 -1.41
C LYS B 111 -5.81 -15.49 -1.10
N TYR B 112 -4.71 -14.81 -0.76
CA TYR B 112 -3.47 -15.48 -0.40
C TYR B 112 -3.36 -15.88 1.08
N LEU B 113 -4.16 -15.25 1.95
CA LEU B 113 -4.23 -15.63 3.36
C LEU B 113 -5.17 -16.82 3.54
N GLU B 114 -6.02 -17.07 2.55
CA GLU B 114 -6.91 -18.23 2.55
C GLU B 114 -6.13 -19.45 2.09
N ALA B 115 -5.46 -20.11 3.04
CA ALA B 115 -4.67 -21.30 2.78
C ALA B 115 -4.61 -22.19 4.02
N THR B 1 -23.03 -3.05 -2.27
CA THR B 1 -21.76 -2.31 -2.48
C THR B 1 -21.22 -1.66 -1.22
N VAL B 2 -22.01 -0.76 -0.62
CA VAL B 2 -21.57 -0.01 0.55
C VAL B 2 -21.46 -0.90 1.79
N VAL B 3 -22.28 -1.94 1.90
CA VAL B 3 -22.24 -2.81 3.07
C VAL B 3 -20.99 -3.69 3.04
N GLU B 4 -20.52 -4.05 1.85
CA GLU B 4 -19.30 -4.83 1.72
C GLU B 4 -18.08 -3.95 2.05
N PHE B 5 -18.18 -2.65 1.77
CA PHE B 5 -17.12 -1.71 2.10
C PHE B 5 -16.95 -1.48 3.60
N GLU B 6 -18.05 -1.60 4.35
CA GLU B 6 -18.02 -1.46 5.80
C GLU B 6 -17.38 -2.69 6.45
N GLU B 7 -17.53 -3.85 5.81
CA GLU B 7 -16.89 -5.07 6.29
C GLU B 7 -15.38 -4.99 6.03
N LEU B 8 -14.97 -4.29 4.97
CA LEU B 8 -13.56 -4.10 4.66
C LEU B 8 -12.98 -3.02 5.57
N ARG B 9 -13.79 -2.05 6.00
CA ARG B 9 -13.31 -1.00 6.90
C ARG B 9 -12.80 -1.64 8.19
N LYS B 10 -13.56 -2.59 8.73
CA LYS B 10 -13.23 -3.24 9.99
C LYS B 10 -12.18 -4.33 9.81
N GLU B 11 -12.06 -4.89 8.60
CA GLU B 11 -11.03 -5.88 8.37
C GLU B 11 -9.67 -5.21 8.20
N LEU B 12 -9.63 -4.09 7.47
CA LEU B 12 -8.38 -3.40 7.20
C LEU B 12 -7.84 -2.74 8.46
N VAL B 13 -8.71 -2.41 9.42
CA VAL B 13 -8.25 -1.83 10.68
C VAL B 13 -7.72 -2.88 11.66
N LYS B 14 -8.23 -4.11 11.58
CA LYS B 14 -7.79 -5.19 12.46
C LYS B 14 -6.51 -5.85 11.96
N ARG B 15 -6.16 -5.62 10.68
CA ARG B 15 -4.93 -6.18 10.10
C ARG B 15 -3.72 -5.31 10.42
N ASP B 16 -3.90 -4.24 11.18
CA ASP B 16 -2.82 -3.36 11.58
C ASP B 16 -1.91 -4.04 12.61
N SER B 17 -0.59 -3.93 12.44
CA SER B 17 0.39 -4.54 13.34
C SER B 17 0.53 -3.72 14.62
N GLY B 18 -0.10 -2.55 14.68
CA GLY B 18 -0.10 -1.72 15.89
C GLY B 18 1.16 -0.87 16.02
N LYS B 19 1.94 -0.76 14.94
CA LYS B 19 3.20 -0.02 14.95
C LYS B 19 3.31 0.88 13.72
N PRO B 20 4.09 1.97 13.79
CA PRO B 20 4.28 2.92 12.71
C PRO B 20 4.81 2.24 11.45
N VAL B 21 4.48 2.82 10.29
CA VAL B 21 4.88 2.26 9.00
C VAL B 21 6.40 2.24 8.81
N GLU B 22 7.11 3.06 9.59
CA GLU B 22 8.56 3.12 9.56
C GLU B 22 9.16 1.78 9.97
N LYS B 23 8.42 0.99 10.75
CA LYS B 23 8.88 -0.30 11.21
C LYS B 23 8.56 -1.39 10.19
N ILE B 24 7.52 -1.17 9.38
CA ILE B 24 7.07 -2.15 8.41
C ILE B 24 8.08 -2.28 7.27
N LYS B 25 8.64 -1.14 6.83
CA LYS B 25 9.57 -1.14 5.71
C LYS B 25 10.93 -1.72 6.13
N GLU B 26 11.26 -1.64 7.42
CA GLU B 26 12.51 -2.20 7.93
C GLU B 26 12.41 -3.72 8.03
N GLU B 27 11.20 -4.24 8.27
CA GLU B 27 10.98 -5.69 8.34
C GLU B 27 10.96 -6.29 6.93
N ILE B 28 10.68 -5.46 5.92
CA ILE B 28 10.68 -5.91 4.53
C ILE B 28 12.05 -5.73 3.88
N CYS B 29 12.72 -4.61 4.18
CA CYS B 29 13.99 -4.26 3.56
C CYS B 29 15.11 -5.19 4.03
N THR B 30 14.96 -5.78 5.22
CA THR B 30 15.95 -6.72 5.75
C THR B 30 15.84 -8.10 5.12
N LYS B 31 14.79 -8.34 4.32
CA LYS B 31 14.54 -9.63 3.70
C LYS B 31 14.94 -9.64 2.22
N SER B 32 15.60 -8.57 1.75
CA SER B 32 16.00 -8.43 0.36
C SER B 32 14.80 -8.65 -0.58
N PRO B 33 13.89 -7.68 -0.63
CA PRO B 33 12.66 -7.75 -1.43
C PRO B 33 13.00 -7.67 -2.92
N PRO B 34 12.00 -7.88 -3.79
CA PRO B 34 12.15 -7.81 -5.24
C PRO B 34 12.76 -6.48 -5.67
N LYS B 35 13.39 -6.45 -6.86
CA LYS B 35 14.17 -5.31 -7.32
C LYS B 35 13.33 -4.03 -7.34
N LEU B 36 12.05 -4.11 -7.70
CA LEU B 36 11.21 -2.93 -7.77
C LEU B 36 10.90 -2.41 -6.37
N ILE B 37 10.59 -3.30 -5.44
CA ILE B 37 10.24 -2.92 -4.08
C ILE B 37 11.51 -2.47 -3.33
N LYS B 38 12.66 -3.04 -3.69
CA LYS B 38 13.92 -2.72 -3.04
C LYS B 38 14.34 -1.30 -3.36
N GLU B 39 14.17 -0.86 -4.60
CA GLU B 39 14.61 0.46 -5.00
C GLU B 39 13.72 1.55 -4.41
N ILE B 40 12.42 1.31 -4.29
CA ILE B 40 11.50 2.35 -3.84
C ILE B 40 11.42 2.42 -2.31
N ILE B 41 11.43 1.27 -1.63
CA ILE B 41 11.24 1.25 -0.18
C ILE B 41 12.55 0.99 0.58
N CYS B 42 13.38 0.08 0.08
CA CYS B 42 14.58 -0.37 0.78
C CYS B 42 15.80 0.49 0.40
N GLU B 43 15.60 1.45 -0.50
CA GLU B 43 16.62 2.41 -0.87
C GLU B 43 16.02 3.83 -0.89
N ASN B 44 16.88 4.84 -1.01
CA ASN B 44 16.44 6.23 -0.97
C ASN B 44 15.84 6.70 -2.30
N LYS B 45 15.73 5.80 -3.28
CA LYS B 45 15.21 6.13 -4.60
C LYS B 45 13.69 6.23 -4.58
N THR B 46 13.09 6.65 -5.69
CA THR B 46 11.65 6.80 -5.83
C THR B 46 11.16 6.42 -7.22
N TYR B 47 9.85 6.54 -7.47
CA TYR B 47 9.26 6.13 -8.73
C TYR B 47 9.85 6.96 -9.88
N ALA B 48 10.35 8.16 -9.58
CA ALA B 48 10.94 9.03 -10.59
C ALA B 48 12.31 8.53 -11.03
N ASP B 49 12.97 7.72 -10.20
CA ASP B 49 14.30 7.19 -10.49
C ASP B 49 14.23 5.91 -11.32
N VAL B 50 13.09 5.22 -11.30
CA VAL B 50 12.87 4.01 -12.08
C VAL B 50 11.94 4.26 -13.28
N ASN B 51 11.43 5.49 -13.38
CA ASN B 51 10.61 5.94 -14.51
C ASN B 51 9.42 5.00 -14.74
N ILE B 52 8.78 4.54 -13.65
CA ILE B 52 7.60 3.69 -13.75
C ILE B 52 6.34 4.56 -13.68
N ASP B 53 5.25 4.09 -14.29
CA ASP B 53 3.98 4.79 -14.22
C ASP B 53 3.55 4.82 -12.76
N ARG B 54 3.06 5.98 -12.29
CA ARG B 54 2.71 6.13 -10.88
C ARG B 54 1.53 5.26 -10.51
N SER B 55 0.65 4.95 -11.47
CA SER B 55 -0.49 4.09 -11.23
C SER B 55 -0.02 2.67 -10.92
N ARG B 56 0.98 2.19 -11.67
CA ARG B 56 1.52 0.86 -11.47
C ARG B 56 2.52 0.83 -10.31
N GLY B 57 3.30 1.90 -10.16
CA GLY B 57 4.32 1.97 -9.12
C GLY B 57 3.68 1.98 -7.75
N ASP B 58 2.62 2.77 -7.56
CA ASP B 58 1.93 2.84 -6.29
C ASP B 58 1.21 1.52 -6.00
N TRP B 59 0.69 0.87 -7.05
CA TRP B 59 -0.04 -0.38 -6.90
C TRP B 59 0.89 -1.55 -6.54
N HIS B 60 2.11 -1.56 -7.08
CA HIS B 60 3.06 -2.63 -6.81
C HIS B 60 3.52 -2.59 -5.35
N VAL B 61 3.77 -1.40 -4.81
CA VAL B 61 4.24 -1.28 -3.43
C VAL B 61 3.10 -1.50 -2.44
N ILE B 62 1.88 -1.10 -2.79
CA ILE B 62 0.73 -1.30 -1.91
C ILE B 62 0.43 -2.79 -1.77
N LEU B 63 0.59 -3.55 -2.87
CA LEU B 63 0.37 -4.99 -2.82
C LEU B 63 1.39 -5.66 -1.90
N TYR B 64 2.66 -5.24 -1.98
CA TYR B 64 3.71 -5.94 -1.26
C TYR B 64 3.63 -5.56 0.22
N LEU B 65 3.27 -4.31 0.52
CA LEU B 65 3.14 -3.88 1.91
C LEU B 65 2.01 -4.63 2.59
N MET B 66 0.93 -4.91 1.83
CA MET B 66 -0.20 -5.66 2.36
C MET B 66 0.08 -7.17 2.33
N LYS B 67 1.01 -7.62 1.47
CA LYS B 67 1.39 -9.01 1.36
C LYS B 67 2.23 -9.43 2.58
N HIS B 68 2.71 -8.45 3.36
CA HIS B 68 3.48 -8.72 4.55
C HIS B 68 2.60 -9.30 5.66
N GLY B 69 1.30 -9.42 5.40
CA GLY B 69 0.34 -9.93 6.37
C GLY B 69 -0.17 -8.79 7.25
N VAL B 70 0.05 -7.54 6.81
CA VAL B 70 -0.29 -6.36 7.58
C VAL B 70 -0.91 -5.30 6.69
N THR B 71 -2.01 -4.69 7.13
CA THR B 71 -2.65 -3.62 6.38
C THR B 71 -3.19 -2.51 7.28
N ASP B 72 -3.09 -1.26 6.80
CA ASP B 72 -3.68 -0.10 7.46
C ASP B 72 -3.77 1.06 6.48
N PRO B 73 -4.98 1.51 6.11
CA PRO B 73 -5.19 2.60 5.19
C PRO B 73 -4.45 3.87 5.60
N ASP B 74 -4.30 4.10 6.91
CA ASP B 74 -3.65 5.31 7.40
C ASP B 74 -2.15 5.29 7.13
N LYS B 75 -1.51 4.12 7.24
CA LYS B 75 -0.07 4.00 7.02
C LYS B 75 0.26 3.99 5.53
N ILE B 76 -0.69 3.56 4.69
CA ILE B 76 -0.51 3.58 3.25
C ILE B 76 -0.47 5.03 2.75
N LEU B 77 -1.20 5.92 3.41
CA LEU B 77 -1.19 7.34 3.06
C LEU B 77 -0.05 8.05 3.79
N GLU B 78 0.25 7.65 5.03
CA GLU B 78 1.34 8.22 5.80
C GLU B 78 2.70 7.66 5.37
N LEU B 79 2.72 6.85 4.30
CA LEU B 79 3.96 6.41 3.69
C LEU B 79 4.71 7.62 3.10
N LEU B 80 3.98 8.73 2.89
CA LEU B 80 4.54 9.98 2.40
C LEU B 80 5.40 9.80 1.15
N PRO B 81 4.85 9.21 0.09
CA PRO B 81 5.50 9.11 -1.22
C PRO B 81 5.70 10.51 -1.80
N ARG B 82 6.60 10.64 -2.79
CA ARG B 82 6.97 11.93 -3.33
C ARG B 82 5.93 12.43 -4.34
N ASP B 83 5.51 11.55 -5.24
CA ASP B 83 4.63 11.92 -6.34
C ASP B 83 3.49 10.92 -6.62
N SER B 84 3.10 10.16 -5.59
CA SER B 84 2.03 9.19 -5.72
C SER B 84 0.71 9.88 -6.10
N LYS B 85 -0.14 9.18 -6.85
CA LYS B 85 -1.42 9.72 -7.28
C LYS B 85 -2.37 9.84 -6.09
N ALA B 86 -2.13 9.05 -5.04
CA ALA B 86 -2.98 9.07 -3.85
C ALA B 86 -2.57 10.19 -2.89
N LYS B 87 -1.40 10.79 -3.13
CA LYS B 87 -0.84 11.81 -2.23
C LYS B 87 -1.25 13.22 -2.70
N GLU B 88 -1.77 13.34 -3.91
CA GLU B 88 -2.15 14.64 -4.47
C GLU B 88 -3.32 15.24 -3.67
N ASN B 89 -4.25 14.39 -3.24
CA ASN B 89 -5.42 14.81 -2.46
C ASN B 89 -6.10 16.03 -3.06
N GLU B 90 -6.11 16.13 -4.39
CA GLU B 90 -6.61 17.32 -5.08
C GLU B 90 -8.11 17.51 -4.83
N LYS B 91 -8.89 16.43 -4.92
CA LYS B 91 -10.32 16.49 -4.66
C LYS B 91 -10.86 15.06 -4.50
N TRP B 92 -12.16 14.87 -4.74
CA TRP B 92 -12.82 13.58 -4.54
C TRP B 92 -12.27 12.53 -5.51
N ASN B 93 -11.55 12.96 -6.55
CA ASN B 93 -10.97 12.04 -7.51
C ASN B 93 -9.90 11.19 -6.85
N THR B 94 -9.17 11.76 -5.88
CA THR B 94 -8.18 11.02 -5.13
C THR B 94 -8.80 9.99 -4.19
N GLN B 95 -10.03 10.25 -3.75
CA GLN B 95 -10.73 9.34 -2.86
C GLN B 95 -11.20 8.11 -3.62
N LYS B 96 -11.54 8.27 -4.91
CA LYS B 96 -11.95 7.13 -5.73
C LYS B 96 -10.78 6.18 -5.93
N TYR B 97 -9.58 6.73 -6.16
CA TYR B 97 -8.41 5.90 -6.38
C TYR B 97 -7.88 5.27 -5.11
N PHE B 98 -7.92 6.01 -4.00
CA PHE B 98 -7.41 5.54 -2.73
C PHE B 98 -8.23 4.39 -2.17
N VAL B 99 -9.53 4.38 -2.41
CA VAL B 99 -10.39 3.28 -1.98
C VAL B 99 -10.31 2.09 -2.93
N ILE B 100 -9.95 2.32 -4.20
CA ILE B 100 -9.78 1.24 -5.16
C ILE B 100 -8.53 0.43 -4.83
N THR B 101 -7.43 1.08 -4.48
CA THR B 101 -6.19 0.39 -4.19
C THR B 101 -6.37 -0.44 -2.92
N LEU B 102 -7.11 0.09 -1.93
CA LEU B 102 -7.35 -0.63 -0.69
C LEU B 102 -8.28 -1.82 -0.92
N SER B 103 -9.28 -1.65 -1.77
CA SER B 103 -10.28 -2.68 -2.00
C SER B 103 -9.73 -3.81 -2.84
N LYS B 104 -9.01 -3.47 -3.91
CA LYS B 104 -8.52 -4.47 -4.85
C LYS B 104 -7.28 -5.18 -4.30
N ALA B 105 -6.41 -4.46 -3.60
CA ALA B 105 -5.20 -5.07 -3.06
C ALA B 105 -5.55 -6.04 -1.94
N TRP B 106 -6.57 -5.72 -1.13
CA TRP B 106 -6.97 -6.62 -0.06
C TRP B 106 -7.72 -7.82 -0.59
N SER B 107 -8.35 -7.69 -1.76
CA SER B 107 -9.03 -8.82 -2.39
C SER B 107 -8.03 -9.90 -2.75
N VAL B 108 -6.84 -9.48 -3.20
CA VAL B 108 -5.77 -10.40 -3.58
C VAL B 108 -5.09 -10.96 -2.34
N VAL B 109 -4.83 -10.12 -1.35
CA VAL B 109 -4.11 -10.55 -0.15
C VAL B 109 -5.01 -11.46 0.68
N LYS B 110 -6.33 -11.21 0.70
CA LYS B 110 -7.25 -12.05 1.45
C LYS B 110 -7.40 -13.40 0.76
N LYS B 111 -7.31 -13.42 -0.58
CA LYS B 111 -7.38 -14.65 -1.35
C LYS B 111 -6.16 -15.53 -1.08
N TYR B 112 -4.99 -14.91 -0.93
CA TYR B 112 -3.77 -15.62 -0.58
C TYR B 112 -3.65 -15.97 0.90
N LEU B 113 -4.39 -15.26 1.75
CA LEU B 113 -4.38 -15.47 3.18
C LEU B 113 -5.31 -16.63 3.55
N GLU B 114 -6.32 -16.89 2.72
CA GLU B 114 -7.23 -17.99 2.92
C GLU B 114 -6.58 -19.28 2.44
N ALA B 115 -5.82 -19.92 3.33
CA ALA B 115 -5.14 -21.17 3.04
C ALA B 115 -4.94 -21.98 4.32
N THR B 1 -24.01 -2.72 -1.42
CA THR B 1 -22.78 -1.98 -1.76
C THR B 1 -22.10 -1.34 -0.56
N VAL B 2 -22.80 -0.46 0.15
CA VAL B 2 -22.23 0.25 1.29
C VAL B 2 -22.00 -0.66 2.49
N VAL B 3 -22.80 -1.72 2.63
CA VAL B 3 -22.67 -2.63 3.76
C VAL B 3 -21.43 -3.53 3.59
N GLU B 4 -21.05 -3.83 2.35
CA GLU B 4 -19.85 -4.59 2.07
C GLU B 4 -18.61 -3.71 2.25
N PHE B 5 -18.76 -2.40 2.02
CA PHE B 5 -17.68 -1.46 2.21
C PHE B 5 -17.33 -1.23 3.68
N GLU B 6 -18.33 -1.30 4.56
CA GLU B 6 -18.10 -1.18 5.99
C GLU B 6 -17.59 -2.50 6.56
N GLU B 7 -17.92 -3.62 5.90
CA GLU B 7 -17.48 -4.92 6.36
C GLU B 7 -15.98 -5.09 6.11
N LEU B 8 -15.49 -4.66 4.95
CA LEU B 8 -14.08 -4.79 4.63
C LEU B 8 -13.27 -3.73 5.36
N ARG B 9 -13.91 -2.60 5.69
CA ARG B 9 -13.27 -1.52 6.43
C ARG B 9 -12.86 -2.00 7.81
N LYS B 10 -13.70 -2.82 8.45
CA LYS B 10 -13.39 -3.37 9.76
C LYS B 10 -12.45 -4.56 9.66
N GLU B 11 -12.41 -5.21 8.49
CA GLU B 11 -11.47 -6.31 8.29
C GLU B 11 -10.05 -5.75 8.18
N LEU B 12 -9.92 -4.57 7.54
CA LEU B 12 -8.62 -3.95 7.34
C LEU B 12 -8.09 -3.38 8.66
N VAL B 13 -8.98 -2.88 9.54
CA VAL B 13 -8.54 -2.31 10.81
C VAL B 13 -8.06 -3.38 11.79
N LYS B 14 -8.56 -4.61 11.65
CA LYS B 14 -8.13 -5.72 12.49
C LYS B 14 -6.84 -6.35 11.96
N ARG B 15 -6.52 -6.15 10.68
CA ARG B 15 -5.30 -6.66 10.08
C ARG B 15 -4.09 -5.76 10.36
N ASP B 16 -4.30 -4.65 11.09
CA ASP B 16 -3.22 -3.74 11.43
C ASP B 16 -2.32 -4.33 12.51
N SER B 17 -1.00 -4.18 12.36
CA SER B 17 -0.05 -4.68 13.34
C SER B 17 0.17 -3.65 14.45
N GLY B 18 -0.27 -2.41 14.21
CA GLY B 18 -0.15 -1.33 15.18
C GLY B 18 1.22 -0.66 15.17
N LYS B 19 2.15 -1.18 14.37
CA LYS B 19 3.50 -0.65 14.29
C LYS B 19 3.56 0.57 13.36
N PRO B 20 4.39 1.57 13.68
CA PRO B 20 4.63 2.71 12.80
C PRO B 20 5.18 2.25 11.45
N VAL B 21 4.88 3.00 10.39
CA VAL B 21 5.28 2.62 9.04
C VAL B 21 6.80 2.58 8.89
N GLU B 22 7.52 3.41 9.66
CA GLU B 22 8.97 3.47 9.58
C GLU B 22 9.59 2.20 10.16
N LYS B 23 8.83 1.46 10.97
CA LYS B 23 9.31 0.19 11.52
C LYS B 23 9.00 -0.94 10.54
N ILE B 24 7.85 -0.87 9.87
CA ILE B 24 7.45 -1.88 8.89
C ILE B 24 8.39 -1.82 7.68
N LYS B 25 8.86 -0.62 7.35
CA LYS B 25 9.80 -0.40 6.25
C LYS B 25 11.11 -1.15 6.50
N GLU B 26 11.62 -1.12 7.73
CA GLU B 26 12.88 -1.76 8.07
C GLU B 26 12.72 -3.26 8.25
N GLU B 27 11.53 -3.72 8.66
CA GLU B 27 11.26 -5.14 8.82
C GLU B 27 11.13 -5.82 7.47
N ILE B 28 10.82 -5.06 6.42
CA ILE B 28 10.66 -5.62 5.08
C ILE B 28 11.96 -5.50 4.27
N CYS B 29 12.68 -4.38 4.41
CA CYS B 29 13.88 -4.15 3.61
C CYS B 29 15.01 -5.10 4.04
N THR B 30 14.99 -5.56 5.29
CA THR B 30 16.02 -6.46 5.80
C THR B 30 15.88 -7.87 5.22
N LYS B 31 14.72 -8.17 4.62
CA LYS B 31 14.44 -9.48 4.03
C LYS B 31 14.92 -9.57 2.58
N SER B 32 15.70 -8.58 2.13
CA SER B 32 16.19 -8.51 0.76
C SER B 32 15.05 -8.66 -0.26
N PRO B 33 14.07 -7.75 -0.22
CA PRO B 33 12.91 -7.78 -1.08
C PRO B 33 13.30 -7.44 -2.53
N PRO B 34 12.37 -7.58 -3.47
CA PRO B 34 12.59 -7.26 -4.87
C PRO B 34 13.13 -5.85 -5.07
N LYS B 35 13.84 -5.63 -6.18
CA LYS B 35 14.51 -4.36 -6.44
C LYS B 35 13.55 -3.19 -6.48
N LEU B 36 12.28 -3.44 -6.80
CA LEU B 36 11.28 -2.39 -6.86
C LEU B 36 10.95 -1.88 -5.46
N ILE B 37 10.98 -2.78 -4.46
CA ILE B 37 10.71 -2.40 -3.08
C ILE B 37 11.95 -1.75 -2.48
N LYS B 38 13.14 -2.25 -2.84
CA LYS B 38 14.39 -1.73 -2.33
C LYS B 38 14.60 -0.30 -2.82
N GLU B 39 14.39 -0.05 -4.11
CA GLU B 39 14.71 1.22 -4.72
C GLU B 39 13.68 2.31 -4.39
N ILE B 40 12.41 1.95 -4.25
CA ILE B 40 11.37 2.96 -4.09
C ILE B 40 11.04 3.23 -2.61
N ILE B 41 11.11 2.21 -1.76
CA ILE B 41 10.71 2.35 -0.37
C ILE B 41 11.91 2.43 0.57
N CYS B 42 12.95 1.64 0.31
CA CYS B 42 14.09 1.57 1.23
C CYS B 42 15.20 2.54 0.82
N GLU B 43 14.97 3.29 -0.27
CA GLU B 43 15.89 4.33 -0.73
C GLU B 43 15.11 5.60 -1.06
N ASN B 44 15.82 6.72 -1.25
CA ASN B 44 15.19 8.02 -1.48
C ASN B 44 14.70 8.16 -2.93
N LYS B 45 14.94 7.16 -3.77
CA LYS B 45 14.51 7.20 -5.17
C LYS B 45 13.01 6.96 -5.29
N THR B 46 12.44 7.26 -6.46
CA THR B 46 11.02 7.08 -6.71
C THR B 46 10.72 6.57 -8.11
N TYR B 47 9.44 6.46 -8.46
CA TYR B 47 9.03 5.85 -9.72
C TYR B 47 9.59 6.62 -10.92
N ALA B 48 9.92 7.90 -10.72
CA ALA B 48 10.48 8.71 -11.79
C ALA B 48 11.93 8.31 -12.10
N ASP B 49 12.60 7.67 -11.14
CA ASP B 49 13.99 7.25 -11.30
C ASP B 49 14.11 5.89 -11.96
N VAL B 50 13.02 5.11 -11.92
CA VAL B 50 12.96 3.81 -12.58
C VAL B 50 12.02 3.83 -13.79
N ASN B 51 11.48 5.01 -14.10
CA ASN B 51 10.64 5.27 -15.28
C ASN B 51 9.40 4.36 -15.33
N ILE B 52 8.89 3.94 -14.16
CA ILE B 52 7.65 3.16 -14.10
C ILE B 52 6.46 4.10 -13.90
N ASP B 53 5.27 3.67 -14.31
CA ASP B 53 4.06 4.46 -14.15
C ASP B 53 3.70 4.63 -12.67
N ARG B 54 3.11 5.78 -12.33
CA ARG B 54 2.70 6.04 -10.95
C ARG B 54 1.53 5.16 -10.54
N SER B 55 0.64 4.85 -11.49
CA SER B 55 -0.53 4.03 -11.23
C SER B 55 -0.10 2.61 -10.87
N ARG B 56 0.86 2.06 -11.64
CA ARG B 56 1.37 0.72 -11.42
C ARG B 56 2.40 0.70 -10.30
N GLY B 57 3.15 1.80 -10.14
CA GLY B 57 4.18 1.89 -9.13
C GLY B 57 3.57 1.78 -7.74
N ASP B 58 2.47 2.50 -7.49
CA ASP B 58 1.80 2.44 -6.21
C ASP B 58 1.18 1.06 -6.00
N TRP B 59 0.56 0.51 -7.05
CA TRP B 59 -0.15 -0.74 -6.94
C TRP B 59 0.78 -1.92 -6.67
N HIS B 60 1.98 -1.91 -7.24
CA HIS B 60 2.94 -2.99 -7.03
C HIS B 60 3.48 -2.98 -5.60
N VAL B 61 3.75 -1.79 -5.04
CA VAL B 61 4.31 -1.72 -3.69
C VAL B 61 3.21 -1.87 -2.63
N ILE B 62 1.99 -1.43 -2.93
CA ILE B 62 0.87 -1.58 -2.00
C ILE B 62 0.55 -3.06 -1.83
N LEU B 63 0.66 -3.85 -2.91
CA LEU B 63 0.43 -5.27 -2.83
C LEU B 63 1.49 -5.92 -1.94
N TYR B 64 2.76 -5.53 -2.10
CA TYR B 64 3.84 -6.20 -1.41
C TYR B 64 3.78 -5.84 0.08
N LEU B 65 3.41 -4.59 0.40
CA LEU B 65 3.29 -4.16 1.79
C LEU B 65 2.15 -4.90 2.48
N MET B 66 1.07 -5.18 1.75
CA MET B 66 -0.08 -5.91 2.31
C MET B 66 0.18 -7.41 2.35
N LYS B 67 1.02 -7.93 1.44
CA LYS B 67 1.40 -9.34 1.44
C LYS B 67 2.35 -9.66 2.59
N HIS B 68 2.81 -8.63 3.31
CA HIS B 68 3.64 -8.81 4.49
C HIS B 68 2.83 -9.43 5.65
N GLY B 69 1.53 -9.66 5.43
CA GLY B 69 0.67 -10.26 6.45
C GLY B 69 0.07 -9.21 7.37
N VAL B 70 0.11 -7.94 6.96
CA VAL B 70 -0.43 -6.83 7.74
C VAL B 70 -0.95 -5.77 6.78
N THR B 71 -2.12 -5.21 7.08
CA THR B 71 -2.75 -4.20 6.23
C THR B 71 -3.49 -3.14 7.03
N ASP B 72 -3.43 -1.89 6.55
CA ASP B 72 -4.15 -0.78 7.15
C ASP B 72 -4.03 0.46 6.26
N PRO B 73 -5.16 1.01 5.77
CA PRO B 73 -5.16 2.19 4.93
C PRO B 73 -4.35 3.34 5.50
N ASP B 74 -4.30 3.46 6.83
CA ASP B 74 -3.60 4.56 7.48
C ASP B 74 -2.08 4.43 7.36
N LYS B 75 -1.57 3.22 7.10
CA LYS B 75 -0.14 2.99 6.98
C LYS B 75 0.32 3.36 5.58
N ILE B 76 -0.51 3.11 4.56
CA ILE B 76 -0.15 3.41 3.18
C ILE B 76 -0.15 4.92 2.94
N LEU B 77 -1.01 5.66 3.63
CA LEU B 77 -1.08 7.11 3.47
C LEU B 77 0.02 7.80 4.27
N GLU B 78 0.41 7.21 5.41
CA GLU B 78 1.48 7.74 6.25
C GLU B 78 2.86 7.27 5.78
N LEU B 79 2.89 6.42 4.74
CA LEU B 79 4.14 5.98 4.14
C LEU B 79 4.87 7.18 3.53
N LEU B 80 4.16 8.29 3.35
CA LEU B 80 4.71 9.52 2.79
C LEU B 80 5.41 9.27 1.45
N PRO B 81 4.69 8.70 0.47
CA PRO B 81 5.20 8.46 -0.86
C PRO B 81 5.47 9.78 -1.56
N ARG B 82 6.50 9.83 -2.42
CA ARG B 82 6.92 11.06 -3.07
C ARG B 82 6.14 11.34 -4.34
N ASP B 83 5.67 10.30 -5.03
CA ASP B 83 5.01 10.43 -6.33
C ASP B 83 3.63 9.75 -6.43
N SER B 84 3.14 9.17 -5.33
CA SER B 84 1.87 8.45 -5.36
C SER B 84 0.71 9.41 -5.62
N LYS B 85 -0.20 9.02 -6.52
CA LYS B 85 -1.31 9.86 -6.92
C LYS B 85 -2.36 9.99 -5.83
N ALA B 86 -2.17 9.26 -4.71
CA ALA B 86 -3.08 9.34 -3.58
C ALA B 86 -2.87 10.63 -2.78
N LYS B 87 -1.82 11.39 -3.11
CA LYS B 87 -1.48 12.61 -2.37
C LYS B 87 -1.05 13.75 -3.32
N GLU B 88 -1.23 13.56 -4.63
CA GLU B 88 -0.85 14.57 -5.62
C GLU B 88 -1.82 15.74 -5.66
N ASN B 89 -2.97 15.63 -4.99
CA ASN B 89 -3.99 16.66 -5.02
C ASN B 89 -4.77 16.66 -3.70
N GLU B 90 -5.21 17.84 -3.27
CA GLU B 90 -5.99 18.00 -2.06
C GLU B 90 -7.46 17.63 -2.31
N LYS B 91 -7.87 17.66 -3.59
CA LYS B 91 -9.24 17.32 -3.98
C LYS B 91 -9.53 15.84 -3.77
N TRP B 92 -10.80 15.48 -3.89
CA TRP B 92 -11.29 14.16 -3.53
C TRP B 92 -10.99 13.12 -4.61
N ASN B 93 -10.42 13.52 -5.75
CA ASN B 93 -10.11 12.56 -6.80
C ASN B 93 -9.08 11.54 -6.31
N THR B 94 -8.25 11.92 -5.34
CA THR B 94 -7.30 10.98 -4.74
C THR B 94 -7.98 10.00 -3.79
N GLN B 95 -9.17 10.34 -3.29
CA GLN B 95 -9.91 9.47 -2.39
C GLN B 95 -10.58 8.35 -3.17
N LYS B 96 -10.96 8.60 -4.43
CA LYS B 96 -11.47 7.56 -5.29
C LYS B 96 -10.37 6.57 -5.64
N TYR B 97 -9.18 7.09 -5.92
CA TYR B 97 -8.04 6.26 -6.28
C TYR B 97 -7.48 5.49 -5.09
N PHE B 98 -7.42 6.14 -3.93
CA PHE B 98 -6.87 5.55 -2.72
C PHE B 98 -7.68 4.36 -2.20
N VAL B 99 -9.01 4.42 -2.35
CA VAL B 99 -9.87 3.34 -1.92
C VAL B 99 -9.88 2.19 -2.92
N ILE B 100 -9.63 2.48 -4.20
CA ILE B 100 -9.58 1.44 -5.22
C ILE B 100 -8.35 0.56 -5.02
N THR B 101 -7.17 1.18 -4.79
CA THR B 101 -5.93 0.44 -4.71
C THR B 101 -5.96 -0.44 -3.47
N LEU B 102 -6.53 0.05 -2.36
CA LEU B 102 -6.58 -0.73 -1.13
C LEU B 102 -7.69 -1.77 -1.17
N SER B 103 -8.78 -1.50 -1.89
CA SER B 103 -9.89 -2.44 -1.99
C SER B 103 -9.49 -3.65 -2.83
N LYS B 104 -8.87 -3.40 -3.99
CA LYS B 104 -8.47 -4.47 -4.89
C LYS B 104 -7.24 -5.21 -4.34
N ALA B 105 -6.36 -4.51 -3.62
CA ALA B 105 -5.17 -5.14 -3.07
C ALA B 105 -5.56 -6.10 -1.95
N TRP B 106 -6.57 -5.76 -1.16
CA TRP B 106 -7.01 -6.65 -0.09
C TRP B 106 -7.78 -7.84 -0.64
N SER B 107 -8.39 -7.70 -1.82
CA SER B 107 -9.09 -8.81 -2.45
C SER B 107 -8.10 -9.89 -2.86
N VAL B 108 -6.90 -9.48 -3.30
CA VAL B 108 -5.86 -10.42 -3.71
C VAL B 108 -5.17 -11.01 -2.48
N VAL B 109 -4.89 -10.19 -1.46
CA VAL B 109 -4.20 -10.66 -0.27
C VAL B 109 -5.12 -11.59 0.52
N LYS B 110 -6.41 -11.27 0.61
CA LYS B 110 -7.36 -12.10 1.34
C LYS B 110 -7.54 -13.43 0.61
N LYS B 111 -7.46 -13.42 -0.72
CA LYS B 111 -7.56 -14.63 -1.52
C LYS B 111 -6.36 -15.55 -1.24
N TYR B 112 -5.20 -14.97 -0.93
CA TYR B 112 -4.00 -15.72 -0.62
C TYR B 112 -3.83 -16.11 0.85
N LEU B 113 -4.56 -15.44 1.76
CA LEU B 113 -4.53 -15.78 3.17
C LEU B 113 -5.51 -16.93 3.45
N GLU B 114 -6.54 -17.07 2.61
CA GLU B 114 -7.48 -18.17 2.71
C GLU B 114 -6.91 -19.39 1.98
N ALA B 115 -6.10 -20.17 2.69
CA ALA B 115 -5.49 -21.38 2.15
C ALA B 115 -5.16 -22.37 3.26
N THR B 1 -23.30 -1.84 -2.74
CA THR B 1 -22.04 -1.10 -2.87
C THR B 1 -21.49 -0.60 -1.54
N VAL B 2 -22.24 0.27 -0.86
CA VAL B 2 -21.78 0.87 0.39
C VAL B 2 -21.68 -0.18 1.49
N VAL B 3 -22.54 -1.19 1.48
CA VAL B 3 -22.53 -2.23 2.50
C VAL B 3 -21.24 -3.04 2.40
N GLU B 4 -20.76 -3.27 1.18
CA GLU B 4 -19.53 -4.03 0.97
C GLU B 4 -18.31 -3.22 1.42
N PHE B 5 -18.39 -1.89 1.33
CA PHE B 5 -17.32 -1.03 1.82
C PHE B 5 -17.25 -0.94 3.34
N GLU B 6 -18.37 -1.15 4.04
CA GLU B 6 -18.38 -1.15 5.49
C GLU B 6 -17.80 -2.45 6.03
N GLU B 7 -17.93 -3.54 5.26
CA GLU B 7 -17.35 -4.82 5.65
C GLU B 7 -15.83 -4.78 5.46
N LEU B 8 -15.36 -4.06 4.44
CA LEU B 8 -13.93 -3.91 4.19
C LEU B 8 -13.32 -2.91 5.18
N ARG B 9 -14.11 -1.92 5.58
CA ARG B 9 -13.68 -0.93 6.56
C ARG B 9 -13.36 -1.61 7.87
N LYS B 10 -14.19 -2.58 8.26
CA LYS B 10 -14.06 -3.30 9.53
C LYS B 10 -13.02 -4.41 9.44
N GLU B 11 -12.74 -4.92 8.23
CA GLU B 11 -11.71 -5.93 8.09
C GLU B 11 -10.33 -5.28 8.06
N LEU B 12 -10.20 -4.15 7.35
CA LEU B 12 -8.92 -3.46 7.23
C LEU B 12 -8.49 -2.88 8.57
N VAL B 13 -9.45 -2.49 9.42
CA VAL B 13 -9.13 -1.95 10.73
C VAL B 13 -8.77 -3.04 11.74
N LYS B 14 -9.32 -4.24 11.55
CA LYS B 14 -9.01 -5.39 12.39
C LYS B 14 -7.66 -5.99 12.04
N ARG B 15 -7.23 -5.83 10.78
CA ARG B 15 -5.94 -6.35 10.31
C ARG B 15 -4.79 -5.42 10.66
N ASP B 16 -5.08 -4.26 11.26
CA ASP B 16 -4.05 -3.31 11.65
C ASP B 16 -3.35 -3.75 12.93
N SER B 17 -2.02 -3.85 12.89
CA SER B 17 -1.22 -4.28 14.05
C SER B 17 -0.91 -3.09 14.97
N GLY B 18 -1.13 -1.87 14.50
CA GLY B 18 -0.93 -0.66 15.28
C GLY B 18 0.54 -0.21 15.33
N LYS B 19 1.45 -0.96 14.67
CA LYS B 19 2.86 -0.63 14.68
C LYS B 19 3.15 0.52 13.72
N PRO B 20 4.11 1.40 14.06
CA PRO B 20 4.58 2.47 13.20
C PRO B 20 5.09 1.94 11.86
N VAL B 21 4.94 2.73 10.81
CA VAL B 21 5.35 2.34 9.46
C VAL B 21 6.86 2.23 9.31
N GLU B 22 7.63 2.91 10.15
CA GLU B 22 9.08 2.90 10.05
C GLU B 22 9.63 1.50 10.36
N LYS B 23 8.86 0.69 11.12
CA LYS B 23 9.25 -0.68 11.40
C LYS B 23 8.88 -1.59 10.25
N ILE B 24 7.78 -1.27 9.55
CA ILE B 24 7.31 -2.06 8.43
C ILE B 24 8.25 -1.90 7.24
N LYS B 25 8.84 -0.72 7.09
CA LYS B 25 9.76 -0.42 6.00
C LYS B 25 11.05 -1.24 6.13
N GLU B 26 11.50 -1.46 7.37
CA GLU B 26 12.73 -2.22 7.62
C GLU B 26 12.46 -3.72 7.59
N GLU B 27 11.27 -4.15 8.00
CA GLU B 27 10.90 -5.56 8.00
C GLU B 27 10.70 -6.07 6.58
N ILE B 28 10.41 -5.17 5.64
CA ILE B 28 10.20 -5.55 4.25
C ILE B 28 11.50 -5.48 3.46
N CYS B 29 12.38 -4.53 3.80
CA CYS B 29 13.64 -4.39 3.07
C CYS B 29 14.61 -5.52 3.44
N THR B 30 14.55 -6.02 4.68
CA THR B 30 15.47 -7.05 5.15
C THR B 30 15.19 -8.43 4.56
N LYS B 31 14.00 -8.60 3.95
CA LYS B 31 13.58 -9.87 3.37
C LYS B 31 14.00 -9.98 1.89
N SER B 32 14.89 -9.09 1.44
CA SER B 32 15.37 -9.08 0.06
C SER B 32 14.21 -9.13 -0.94
N PRO B 33 13.41 -8.05 -0.97
CA PRO B 33 12.24 -7.95 -1.85
C PRO B 33 12.68 -7.83 -3.31
N PRO B 34 11.71 -7.92 -4.25
CA PRO B 34 11.95 -7.79 -5.67
C PRO B 34 12.70 -6.50 -6.02
N LYS B 35 13.33 -6.46 -7.19
CA LYS B 35 14.20 -5.36 -7.58
C LYS B 35 13.46 -4.03 -7.62
N LEU B 36 12.19 -4.05 -8.01
CA LEU B 36 11.40 -2.82 -8.07
C LEU B 36 11.07 -2.35 -6.66
N ILE B 37 10.70 -3.28 -5.79
CA ILE B 37 10.34 -2.95 -4.42
C ILE B 37 11.58 -2.49 -3.65
N LYS B 38 12.74 -3.07 -3.96
CA LYS B 38 13.97 -2.75 -3.26
C LYS B 38 14.39 -1.31 -3.53
N GLU B 39 14.26 -0.84 -4.76
CA GLU B 39 14.71 0.51 -5.10
C GLU B 39 13.81 1.58 -4.52
N ILE B 40 12.51 1.30 -4.34
CA ILE B 40 11.59 2.30 -3.83
C ILE B 40 11.49 2.25 -2.28
N ILE B 41 11.69 1.06 -1.68
CA ILE B 41 11.56 0.93 -0.23
C ILE B 41 12.90 1.07 0.49
N CYS B 42 13.94 0.36 0.02
CA CYS B 42 15.21 0.30 0.74
C CYS B 42 16.01 1.59 0.59
N GLU B 43 15.60 2.47 -0.34
CA GLU B 43 16.34 3.69 -0.62
C GLU B 43 15.41 4.90 -0.64
N ASN B 44 16.00 6.10 -0.58
CA ASN B 44 15.25 7.35 -0.61
C ASN B 44 14.79 7.70 -2.03
N LYS B 45 15.03 6.79 -2.99
CA LYS B 45 14.63 6.97 -4.37
C LYS B 45 13.11 6.92 -4.51
N THR B 46 12.60 7.20 -5.70
CA THR B 46 11.18 7.14 -6.00
C THR B 46 10.88 6.57 -7.37
N TYR B 47 9.60 6.52 -7.74
CA TYR B 47 9.17 5.88 -8.98
C TYR B 47 9.75 6.63 -10.19
N ALA B 48 10.16 7.89 -9.99
CA ALA B 48 10.75 8.68 -11.06
C ALA B 48 12.18 8.23 -11.35
N ASP B 49 12.81 7.53 -10.41
CA ASP B 49 14.18 7.05 -10.55
C ASP B 49 14.24 5.69 -11.23
N VAL B 50 13.13 4.94 -11.22
CA VAL B 50 13.04 3.64 -11.84
C VAL B 50 12.16 3.66 -13.10
N ASN B 51 11.64 4.84 -13.45
CA ASN B 51 10.87 5.07 -14.67
C ASN B 51 9.65 4.15 -14.79
N ILE B 52 9.01 3.82 -13.66
CA ILE B 52 7.82 2.98 -13.66
C ILE B 52 6.57 3.87 -13.67
N ASP B 53 5.46 3.37 -14.18
CA ASP B 53 4.21 4.10 -14.22
C ASP B 53 3.79 4.42 -12.80
N ARG B 54 3.28 5.63 -12.56
CA ARG B 54 2.97 6.07 -11.20
C ARG B 54 1.76 5.34 -10.63
N SER B 55 0.82 4.94 -11.49
CA SER B 55 -0.36 4.20 -11.06
C SER B 55 0.06 2.80 -10.59
N ARG B 56 0.95 2.17 -11.36
CA ARG B 56 1.41 0.81 -11.08
C ARG B 56 2.48 0.79 -10.01
N GLY B 57 3.27 1.86 -9.92
CA GLY B 57 4.32 1.96 -8.90
C GLY B 57 3.71 1.90 -7.51
N ASP B 58 2.61 2.65 -7.30
CA ASP B 58 1.92 2.61 -6.03
C ASP B 58 1.30 1.23 -5.79
N TRP B 59 0.71 0.65 -6.83
CA TRP B 59 0.02 -0.62 -6.70
C TRP B 59 0.98 -1.78 -6.40
N HIS B 60 2.19 -1.74 -6.96
CA HIS B 60 3.17 -2.79 -6.73
C HIS B 60 3.66 -2.76 -5.28
N VAL B 61 3.94 -1.57 -4.74
CA VAL B 61 4.41 -1.48 -3.36
C VAL B 61 3.27 -1.73 -2.38
N ILE B 62 2.05 -1.30 -2.73
CA ILE B 62 0.90 -1.51 -1.85
C ILE B 62 0.61 -3.00 -1.71
N LEU B 63 0.79 -3.77 -2.78
CA LEU B 63 0.56 -5.21 -2.70
C LEU B 63 1.54 -5.83 -1.71
N TYR B 64 2.81 -5.44 -1.75
CA TYR B 64 3.82 -6.09 -0.92
C TYR B 64 3.63 -5.60 0.52
N LEU B 65 3.22 -4.34 0.69
CA LEU B 65 3.01 -3.77 2.02
C LEU B 65 1.88 -4.48 2.75
N MET B 66 0.83 -4.90 2.02
CA MET B 66 -0.27 -5.64 2.61
C MET B 66 0.07 -7.13 2.76
N LYS B 67 0.97 -7.65 1.91
CA LYS B 67 1.41 -9.03 1.99
C LYS B 67 2.30 -9.26 3.21
N HIS B 68 2.65 -8.18 3.92
CA HIS B 68 3.41 -8.28 5.15
C HIS B 68 2.58 -8.95 6.26
N GLY B 69 1.32 -9.27 5.98
CA GLY B 69 0.46 -9.97 6.93
C GLY B 69 -0.26 -8.97 7.85
N VAL B 70 -0.26 -7.69 7.49
CA VAL B 70 -0.87 -6.64 8.27
C VAL B 70 -1.29 -5.52 7.32
N THR B 71 -2.43 -4.89 7.57
CA THR B 71 -2.97 -3.87 6.68
C THR B 71 -3.51 -2.64 7.40
N ASP B 72 -3.27 -1.47 6.81
CA ASP B 72 -3.76 -0.19 7.31
C ASP B 72 -3.58 0.88 6.23
N PRO B 73 -4.42 1.92 6.24
CA PRO B 73 -4.34 3.01 5.28
C PRO B 73 -3.12 3.90 5.56
N ASP B 74 -2.64 3.87 6.81
CA ASP B 74 -1.60 4.77 7.25
C ASP B 74 -0.27 4.54 6.56
N LYS B 75 0.13 3.28 6.34
CA LYS B 75 1.44 3.01 5.78
C LYS B 75 1.54 3.55 4.36
N ILE B 76 0.44 3.50 3.61
CA ILE B 76 0.45 3.93 2.22
C ILE B 76 0.66 5.44 2.14
N LEU B 77 0.05 6.17 3.08
CA LEU B 77 0.07 7.62 3.05
C LEU B 77 1.26 8.20 3.83
N GLU B 78 1.72 7.50 4.88
CA GLU B 78 2.76 8.02 5.76
C GLU B 78 4.17 7.72 5.24
N LEU B 79 4.31 6.90 4.20
CA LEU B 79 5.62 6.68 3.58
C LEU B 79 6.02 7.90 2.73
N LEU B 80 5.15 8.91 2.65
CA LEU B 80 5.40 10.16 1.95
C LEU B 80 5.99 9.95 0.54
N PRO B 81 5.36 9.11 -0.30
CA PRO B 81 5.78 8.93 -1.67
C PRO B 81 5.60 10.23 -2.44
N ARG B 82 6.59 10.59 -3.27
CA ARG B 82 6.60 11.89 -3.94
C ARG B 82 5.62 11.92 -5.11
N ASP B 83 5.57 10.85 -5.90
CA ASP B 83 4.79 10.82 -7.13
C ASP B 83 3.49 10.02 -7.02
N SER B 84 3.11 9.62 -5.80
CA SER B 84 1.91 8.81 -5.60
C SER B 84 0.67 9.59 -6.02
N LYS B 85 -0.27 8.90 -6.67
CA LYS B 85 -1.51 9.53 -7.12
C LYS B 85 -2.48 9.69 -5.96
N ALA B 86 -2.19 9.05 -4.82
CA ALA B 86 -3.02 9.14 -3.63
C ALA B 86 -2.66 10.35 -2.77
N LYS B 87 -1.76 11.22 -3.27
CA LYS B 87 -1.28 12.36 -2.51
C LYS B 87 -1.41 13.66 -3.31
N GLU B 88 -1.98 13.59 -4.51
CA GLU B 88 -2.14 14.76 -5.35
C GLU B 88 -3.04 15.80 -4.67
N ASN B 89 -4.12 15.32 -4.03
CA ASN B 89 -5.06 16.16 -3.29
C ASN B 89 -5.62 17.32 -4.12
N GLU B 90 -5.46 17.27 -5.44
CA GLU B 90 -5.91 18.35 -6.32
C GLU B 90 -7.42 18.23 -6.59
N LYS B 91 -7.97 17.03 -6.35
CA LYS B 91 -9.39 16.77 -6.57
C LYS B 91 -9.84 15.56 -5.75
N TRP B 92 -11.16 15.37 -5.62
CA TRP B 92 -11.72 14.30 -4.80
C TRP B 92 -11.40 12.91 -5.34
N ASN B 93 -10.89 12.83 -6.58
CA ASN B 93 -10.52 11.56 -7.19
C ASN B 93 -9.38 10.92 -6.39
N THR B 94 -8.65 11.71 -5.59
CA THR B 94 -7.57 11.22 -4.76
C THR B 94 -8.07 10.24 -3.70
N GLN B 95 -9.23 10.51 -3.12
CA GLN B 95 -9.82 9.64 -2.11
C GLN B 95 -10.46 8.43 -2.76
N LYS B 96 -11.02 8.60 -3.96
CA LYS B 96 -11.67 7.51 -4.68
C LYS B 96 -10.64 6.47 -5.09
N TYR B 97 -9.46 6.92 -5.55
CA TYR B 97 -8.39 6.01 -5.90
C TYR B 97 -7.76 5.30 -4.71
N PHE B 98 -7.72 5.99 -3.56
CA PHE B 98 -7.14 5.44 -2.35
C PHE B 98 -7.99 4.28 -1.82
N VAL B 99 -9.30 4.31 -2.12
CA VAL B 99 -10.20 3.23 -1.73
C VAL B 99 -10.05 2.07 -2.71
N ILE B 100 -9.75 2.36 -3.97
CA ILE B 100 -9.58 1.31 -4.98
C ILE B 100 -8.36 0.45 -4.66
N THR B 101 -7.25 1.07 -4.26
CA THR B 101 -6.02 0.34 -3.97
C THR B 101 -6.21 -0.50 -2.71
N LEU B 102 -6.89 0.05 -1.69
CA LEU B 102 -7.11 -0.69 -0.45
C LEU B 102 -8.09 -1.84 -0.69
N SER B 103 -9.06 -1.65 -1.58
CA SER B 103 -10.07 -2.67 -1.84
C SER B 103 -9.48 -3.83 -2.64
N LYS B 104 -8.71 -3.52 -3.68
CA LYS B 104 -8.18 -4.55 -4.56
C LYS B 104 -6.96 -5.23 -3.96
N ALA B 105 -6.11 -4.49 -3.24
CA ALA B 105 -4.92 -5.07 -2.65
C ALA B 105 -5.30 -6.07 -1.56
N TRP B 106 -6.38 -5.77 -0.81
CA TRP B 106 -6.82 -6.68 0.23
C TRP B 106 -7.55 -7.89 -0.36
N SER B 107 -8.17 -7.74 -1.53
CA SER B 107 -8.83 -8.86 -2.17
C SER B 107 -7.82 -9.93 -2.56
N VAL B 108 -6.61 -9.49 -2.95
CA VAL B 108 -5.54 -10.41 -3.32
C VAL B 108 -4.93 -11.03 -2.06
N VAL B 109 -4.69 -10.21 -1.03
CA VAL B 109 -4.06 -10.69 0.20
C VAL B 109 -5.02 -11.64 0.91
N LYS B 110 -6.32 -11.35 0.89
CA LYS B 110 -7.32 -12.20 1.52
C LYS B 110 -7.40 -13.53 0.79
N LYS B 111 -7.21 -13.51 -0.53
CA LYS B 111 -7.22 -14.71 -1.34
C LYS B 111 -6.01 -15.60 -1.02
N TYR B 112 -4.88 -14.98 -0.68
CA TYR B 112 -3.68 -15.71 -0.32
C TYR B 112 -3.61 -16.14 1.15
N LEU B 113 -4.39 -15.50 2.02
CA LEU B 113 -4.46 -15.88 3.42
C LEU B 113 -5.31 -17.15 3.55
N GLU B 114 -6.27 -17.34 2.64
CA GLU B 114 -7.07 -18.55 2.59
C GLU B 114 -6.36 -19.59 1.72
N ALA B 115 -5.45 -20.35 2.34
CA ALA B 115 -4.68 -21.37 1.65
C ALA B 115 -5.50 -22.65 1.51
N THR B 1 -23.33 -1.59 -1.86
CA THR B 1 -22.12 -0.78 -2.07
C THR B 1 -21.51 -0.24 -0.78
N VAL B 2 -22.28 0.55 -0.02
CA VAL B 2 -21.79 1.15 1.21
C VAL B 2 -21.69 0.12 2.33
N VAL B 3 -22.57 -0.87 2.34
CA VAL B 3 -22.58 -1.87 3.40
C VAL B 3 -21.38 -2.82 3.31
N GLU B 4 -20.90 -3.08 2.09
CA GLU B 4 -19.73 -3.94 1.91
C GLU B 4 -18.44 -3.13 2.07
N PHE B 5 -18.53 -1.80 1.89
CA PHE B 5 -17.40 -0.92 2.13
C PHE B 5 -17.06 -0.78 3.62
N GLU B 6 -18.09 -0.75 4.46
CA GLU B 6 -17.92 -0.70 5.91
C GLU B 6 -17.50 -2.07 6.44
N GLU B 7 -17.91 -3.15 5.76
CA GLU B 7 -17.54 -4.49 6.17
C GLU B 7 -16.05 -4.73 5.95
N LEU B 8 -15.51 -4.25 4.83
CA LEU B 8 -14.08 -4.38 4.53
C LEU B 8 -13.27 -3.39 5.35
N ARG B 9 -13.90 -2.30 5.80
CA ARG B 9 -13.23 -1.31 6.63
C ARG B 9 -12.86 -1.93 7.98
N LYS B 10 -13.74 -2.81 8.49
CA LYS B 10 -13.49 -3.51 9.74
C LYS B 10 -12.54 -4.70 9.52
N GLU B 11 -12.49 -5.24 8.30
CA GLU B 11 -11.57 -6.32 8.00
C GLU B 11 -10.14 -5.79 7.96
N LEU B 12 -9.96 -4.58 7.41
CA LEU B 12 -8.64 -3.98 7.28
C LEU B 12 -8.14 -3.47 8.63
N VAL B 13 -9.03 -2.99 9.50
CA VAL B 13 -8.60 -2.48 10.80
C VAL B 13 -8.19 -3.59 11.76
N LYS B 14 -8.72 -4.80 11.56
CA LYS B 14 -8.34 -5.96 12.36
C LYS B 14 -7.05 -6.58 11.83
N ARG B 15 -6.72 -6.30 10.57
CA ARG B 15 -5.49 -6.78 9.95
C ARG B 15 -4.27 -5.96 10.34
N ASP B 16 -4.47 -4.87 11.09
CA ASP B 16 -3.37 -4.00 11.51
C ASP B 16 -2.54 -4.66 12.61
N SER B 17 -1.21 -4.57 12.49
CA SER B 17 -0.30 -5.15 13.45
C SER B 17 0.07 -4.14 14.55
N GLY B 18 -0.23 -2.86 14.32
CA GLY B 18 0.02 -1.80 15.29
C GLY B 18 1.45 -1.27 15.21
N LYS B 19 2.30 -1.88 14.37
CA LYS B 19 3.69 -1.45 14.22
C LYS B 19 3.77 -0.27 13.26
N PRO B 20 4.65 0.71 13.53
CA PRO B 20 4.83 1.86 12.68
C PRO B 20 5.46 1.44 11.36
N VAL B 21 5.15 2.16 10.28
CA VAL B 21 5.67 1.84 8.95
C VAL B 21 7.19 1.93 8.90
N GLU B 22 7.79 2.69 9.81
CA GLU B 22 9.23 2.87 9.85
C GLU B 22 9.93 1.55 10.17
N LYS B 23 9.30 0.72 11.02
CA LYS B 23 9.85 -0.59 11.38
C LYS B 23 9.43 -1.65 10.38
N ILE B 24 8.25 -1.51 9.77
CA ILE B 24 7.78 -2.46 8.78
C ILE B 24 8.67 -2.40 7.54
N LYS B 25 9.21 -1.23 7.24
CA LYS B 25 10.17 -1.03 6.15
C LYS B 25 11.44 -1.82 6.41
N GLU B 26 11.90 -1.86 7.67
CA GLU B 26 13.13 -2.56 8.01
C GLU B 26 12.90 -4.07 8.07
N GLU B 27 11.69 -4.49 8.44
CA GLU B 27 11.35 -5.91 8.51
C GLU B 27 11.17 -6.51 7.12
N ILE B 28 10.89 -5.67 6.11
CA ILE B 28 10.69 -6.14 4.76
C ILE B 28 11.96 -6.04 3.92
N CYS B 29 12.77 -5.01 4.12
CA CYS B 29 13.96 -4.82 3.30
C CYS B 29 15.03 -5.87 3.60
N THR B 30 15.00 -6.44 4.81
CA THR B 30 15.95 -7.48 5.20
C THR B 30 15.63 -8.83 4.55
N LYS B 31 14.45 -8.95 3.94
CA LYS B 31 14.02 -10.19 3.29
C LYS B 31 14.51 -10.26 1.84
N SER B 32 15.38 -9.32 1.44
CA SER B 32 15.86 -9.22 0.06
C SER B 32 14.68 -9.21 -0.92
N PRO B 33 13.80 -8.19 -0.81
CA PRO B 33 12.60 -8.06 -1.63
C PRO B 33 12.97 -7.77 -3.09
N PRO B 34 11.98 -7.82 -3.99
CA PRO B 34 12.16 -7.54 -5.41
C PRO B 34 12.83 -6.18 -5.62
N LYS B 35 13.49 -6.03 -6.77
CA LYS B 35 14.28 -4.83 -7.06
C LYS B 35 13.41 -3.57 -7.05
N LEU B 36 12.13 -3.71 -7.43
CA LEU B 36 11.23 -2.56 -7.45
C LEU B 36 10.94 -2.09 -6.03
N ILE B 37 10.82 -3.02 -5.09
CA ILE B 37 10.53 -2.69 -3.70
C ILE B 37 11.80 -2.22 -3.00
N LYS B 38 12.93 -2.86 -3.32
CA LYS B 38 14.21 -2.57 -2.68
C LYS B 38 14.69 -1.17 -3.02
N GLU B 39 14.52 -0.76 -4.28
CA GLU B 39 15.06 0.51 -4.75
C GLU B 39 14.12 1.68 -4.45
N ILE B 40 12.80 1.44 -4.39
CA ILE B 40 11.85 2.53 -4.20
C ILE B 40 11.57 2.80 -2.72
N ILE B 41 11.60 1.76 -1.88
CA ILE B 41 11.25 1.94 -0.47
C ILE B 41 12.47 1.93 0.44
N CYS B 42 13.45 1.07 0.18
CA CYS B 42 14.58 0.90 1.09
C CYS B 42 15.74 1.83 0.73
N GLU B 43 15.53 2.70 -0.28
CA GLU B 43 16.51 3.69 -0.69
C GLU B 43 15.84 5.05 -0.86
N ASN B 44 16.65 6.12 -1.00
CA ASN B 44 16.13 7.47 -1.13
C ASN B 44 15.56 7.74 -2.52
N LYS B 45 15.62 6.76 -3.43
CA LYS B 45 15.13 6.89 -4.79
C LYS B 45 13.60 6.88 -4.79
N THR B 46 13.01 7.18 -5.95
CA THR B 46 11.56 7.16 -6.12
C THR B 46 11.15 6.75 -7.54
N TYR B 47 9.85 6.74 -7.83
CA TYR B 47 9.34 6.30 -9.12
C TYR B 47 9.86 7.22 -10.22
N ALA B 48 10.23 8.46 -9.87
CA ALA B 48 10.73 9.41 -10.85
C ALA B 48 12.16 9.08 -11.28
N ASP B 49 12.88 8.27 -10.48
CA ASP B 49 14.24 7.89 -10.80
C ASP B 49 14.29 6.64 -11.68
N VAL B 50 13.22 5.84 -11.66
CA VAL B 50 13.10 4.64 -12.48
C VAL B 50 12.12 4.83 -13.65
N ASN B 51 11.55 6.03 -13.76
CA ASN B 51 10.66 6.42 -14.85
C ASN B 51 9.45 5.50 -14.99
N ILE B 52 8.95 4.96 -13.87
CA ILE B 52 7.76 4.10 -13.88
C ILE B 52 6.51 4.95 -13.61
N ASP B 53 5.38 4.55 -14.18
CA ASP B 53 4.11 5.22 -13.91
C ASP B 53 3.70 5.03 -12.46
N ARG B 54 3.39 6.12 -11.75
CA ARG B 54 3.07 6.05 -10.33
C ARG B 54 1.78 5.26 -10.10
N SER B 55 0.95 5.11 -11.13
CA SER B 55 -0.24 4.28 -11.02
C SER B 55 0.17 2.83 -10.80
N ARG B 56 1.19 2.38 -11.54
CA ARG B 56 1.72 1.03 -11.42
C ARG B 56 2.61 0.95 -10.18
N GLY B 57 3.36 2.02 -9.91
CA GLY B 57 4.32 2.05 -8.81
C GLY B 57 3.60 1.96 -7.47
N ASP B 58 2.49 2.68 -7.31
CA ASP B 58 1.71 2.63 -6.08
C ASP B 58 1.06 1.26 -5.90
N TRP B 59 0.55 0.68 -6.98
CA TRP B 59 -0.17 -0.57 -6.90
C TRP B 59 0.74 -1.75 -6.60
N HIS B 60 1.99 -1.72 -7.09
CA HIS B 60 2.94 -2.80 -6.84
C HIS B 60 3.44 -2.79 -5.40
N VAL B 61 3.66 -1.61 -4.82
CA VAL B 61 4.12 -1.53 -3.43
C VAL B 61 2.97 -1.77 -2.46
N ILE B 62 1.76 -1.35 -2.80
CA ILE B 62 0.62 -1.58 -1.93
C ILE B 62 0.32 -3.07 -1.82
N LEU B 63 0.52 -3.81 -2.91
CA LEU B 63 0.31 -5.25 -2.87
C LEU B 63 1.39 -5.90 -2.01
N TYR B 64 2.66 -5.54 -2.22
CA TYR B 64 3.75 -6.27 -1.59
C TYR B 64 3.81 -5.93 -0.10
N LEU B 65 3.53 -4.67 0.27
CA LEU B 65 3.58 -4.26 1.66
C LEU B 65 2.46 -4.96 2.44
N MET B 66 1.29 -5.15 1.83
CA MET B 66 0.17 -5.80 2.48
C MET B 66 0.32 -7.33 2.45
N LYS B 67 1.04 -7.85 1.45
CA LYS B 67 1.34 -9.28 1.37
C LYS B 67 2.30 -9.71 2.49
N HIS B 68 2.85 -8.73 3.22
CA HIS B 68 3.68 -9.01 4.39
C HIS B 68 2.83 -9.60 5.53
N GLY B 69 1.51 -9.68 5.35
CA GLY B 69 0.61 -10.28 6.32
C GLY B 69 0.00 -9.25 7.27
N VAL B 70 0.04 -7.97 6.87
CA VAL B 70 -0.50 -6.89 7.68
C VAL B 70 -1.01 -5.78 6.77
N THR B 71 -2.14 -5.17 7.13
CA THR B 71 -2.74 -4.08 6.35
C THR B 71 -3.35 -2.99 7.23
N ASP B 72 -3.28 -1.74 6.74
CA ASP B 72 -3.91 -0.60 7.38
C ASP B 72 -3.92 0.58 6.40
N PRO B 73 -5.11 1.11 6.05
CA PRO B 73 -5.24 2.23 5.14
C PRO B 73 -4.40 3.42 5.58
N ASP B 74 -4.22 3.61 6.89
CA ASP B 74 -3.45 4.74 7.39
C ASP B 74 -1.96 4.59 7.11
N LYS B 75 -1.44 3.37 7.19
CA LYS B 75 -0.03 3.09 6.94
C LYS B 75 0.30 3.21 5.46
N ILE B 76 -0.69 2.94 4.60
CA ILE B 76 -0.52 3.04 3.16
C ILE B 76 -0.37 4.50 2.74
N LEU B 77 -1.06 5.41 3.44
CA LEU B 77 -0.97 6.83 3.14
C LEU B 77 0.20 7.47 3.88
N GLU B 78 0.48 7.01 5.11
CA GLU B 78 1.58 7.54 5.90
C GLU B 78 2.93 7.00 5.43
N LEU B 79 2.93 6.14 4.41
CA LEU B 79 4.15 5.70 3.73
C LEU B 79 4.85 6.92 3.12
N LEU B 80 4.09 8.02 2.97
CA LEU B 80 4.59 9.29 2.47
C LEU B 80 5.35 9.15 1.15
N PRO B 81 4.72 8.56 0.12
CA PRO B 81 5.27 8.50 -1.22
C PRO B 81 5.35 9.91 -1.80
N ARG B 82 6.34 10.15 -2.66
CA ARG B 82 6.62 11.47 -3.19
C ARG B 82 5.60 11.88 -4.25
N ASP B 83 5.26 10.95 -5.15
CA ASP B 83 4.47 11.24 -6.35
C ASP B 83 3.25 10.34 -6.50
N SER B 84 2.76 9.76 -5.40
CA SER B 84 1.62 8.86 -5.45
C SER B 84 0.36 9.58 -5.91
N LYS B 85 -0.44 8.92 -6.74
CA LYS B 85 -1.67 9.47 -7.29
C LYS B 85 -2.77 9.57 -6.23
N ALA B 86 -2.55 8.98 -5.05
CA ALA B 86 -3.52 8.99 -3.98
C ALA B 86 -3.42 10.29 -3.16
N LYS B 87 -2.46 11.17 -3.49
CA LYS B 87 -2.22 12.38 -2.72
C LYS B 87 -1.64 13.50 -3.57
N GLU B 88 -1.87 13.48 -4.89
CA GLU B 88 -1.41 14.55 -5.77
C GLU B 88 -2.07 15.88 -5.41
N ASN B 89 -3.33 15.81 -4.96
CA ASN B 89 -4.12 16.98 -4.63
C ASN B 89 -5.18 16.62 -3.59
N GLU B 90 -5.81 17.65 -3.01
CA GLU B 90 -6.91 17.46 -2.07
C GLU B 90 -8.20 17.09 -2.81
N LYS B 91 -8.17 17.15 -4.15
CA LYS B 91 -9.33 16.86 -4.98
C LYS B 91 -9.80 15.42 -4.79
N TRP B 92 -11.07 15.18 -5.14
CA TRP B 92 -11.74 13.91 -4.88
C TRP B 92 -11.24 12.78 -5.77
N ASN B 93 -10.55 13.10 -6.87
CA ASN B 93 -10.10 12.07 -7.80
C ASN B 93 -9.04 11.19 -7.14
N THR B 94 -8.25 11.75 -6.22
CA THR B 94 -7.27 10.98 -5.47
C THR B 94 -7.91 10.18 -4.34
N GLN B 95 -9.07 10.63 -3.85
CA GLN B 95 -9.78 9.95 -2.77
C GLN B 95 -10.49 8.72 -3.32
N LYS B 96 -11.06 8.83 -4.52
CA LYS B 96 -11.76 7.72 -5.15
C LYS B 96 -10.75 6.63 -5.52
N TYR B 97 -9.57 7.04 -6.00
CA TYR B 97 -8.52 6.10 -6.33
C TYR B 97 -7.91 5.39 -5.12
N PHE B 98 -7.85 6.11 -3.99
CA PHE B 98 -7.32 5.57 -2.75
C PHE B 98 -8.20 4.46 -2.18
N VAL B 99 -9.52 4.53 -2.42
CA VAL B 99 -10.44 3.50 -1.98
C VAL B 99 -10.37 2.30 -2.93
N ILE B 100 -10.08 2.54 -4.21
CA ILE B 100 -9.98 1.47 -5.18
C ILE B 100 -8.76 0.59 -4.90
N THR B 101 -7.63 1.20 -4.54
CA THR B 101 -6.41 0.45 -4.27
C THR B 101 -6.60 -0.37 -3.01
N LEU B 102 -7.30 0.18 -2.01
CA LEU B 102 -7.55 -0.55 -0.77
C LEU B 102 -8.47 -1.74 -1.00
N SER B 103 -9.47 -1.57 -1.88
CA SER B 103 -10.45 -2.60 -2.15
C SER B 103 -9.84 -3.75 -2.95
N LYS B 104 -9.14 -3.41 -4.05
CA LYS B 104 -8.62 -4.42 -4.96
C LYS B 104 -7.36 -5.07 -4.42
N ALA B 105 -6.52 -4.32 -3.68
CA ALA B 105 -5.30 -4.89 -3.14
C ALA B 105 -5.65 -5.91 -2.06
N TRP B 106 -6.66 -5.61 -1.25
CA TRP B 106 -7.05 -6.53 -0.19
C TRP B 106 -7.71 -7.78 -0.74
N SER B 107 -8.31 -7.70 -1.94
CA SER B 107 -8.86 -8.88 -2.58
C SER B 107 -7.74 -9.87 -2.91
N VAL B 108 -6.59 -9.35 -3.38
CA VAL B 108 -5.46 -10.18 -3.73
C VAL B 108 -4.71 -10.64 -2.47
N VAL B 109 -4.63 -9.78 -1.46
CA VAL B 109 -3.90 -10.11 -0.23
C VAL B 109 -4.70 -11.16 0.56
N LYS B 110 -6.03 -11.05 0.57
CA LYS B 110 -6.86 -12.00 1.29
C LYS B 110 -6.81 -13.36 0.59
N LYS B 111 -6.64 -13.35 -0.75
CA LYS B 111 -6.45 -14.57 -1.52
C LYS B 111 -5.11 -15.22 -1.15
N TYR B 112 -4.10 -14.40 -0.87
CA TYR B 112 -2.80 -14.88 -0.44
C TYR B 112 -2.76 -15.38 1.01
N LEU B 113 -3.67 -14.88 1.85
CA LEU B 113 -3.80 -15.33 3.23
C LEU B 113 -4.66 -16.58 3.31
N GLU B 114 -5.43 -16.87 2.26
CA GLU B 114 -6.22 -18.08 2.19
C GLU B 114 -5.30 -19.25 1.78
N ALA B 115 -4.68 -19.87 2.78
CA ALA B 115 -3.78 -21.00 2.57
C ALA B 115 -3.74 -21.88 3.82
N THR B 1 -22.56 -0.92 -2.64
CA THR B 1 -21.16 -0.49 -2.83
C THR B 1 -20.54 0.08 -1.56
N VAL B 2 -21.19 1.09 -0.96
CA VAL B 2 -20.67 1.74 0.24
C VAL B 2 -20.76 0.84 1.47
N VAL B 3 -21.77 -0.04 1.53
CA VAL B 3 -21.92 -0.92 2.67
C VAL B 3 -20.85 -2.00 2.69
N GLU B 4 -20.41 -2.44 1.50
CA GLU B 4 -19.33 -3.42 1.42
C GLU B 4 -18.00 -2.77 1.78
N PHE B 5 -17.86 -1.47 1.49
CA PHE B 5 -16.65 -0.73 1.84
C PHE B 5 -16.46 -0.53 3.33
N GLU B 6 -17.57 -0.48 4.08
CA GLU B 6 -17.53 -0.34 5.53
C GLU B 6 -17.17 -1.68 6.18
N GLU B 7 -17.55 -2.79 5.54
CA GLU B 7 -17.17 -4.11 6.03
C GLU B 7 -15.67 -4.32 5.85
N LEU B 8 -15.08 -3.70 4.82
CA LEU B 8 -13.65 -3.77 4.58
C LEU B 8 -12.92 -2.85 5.55
N ARG B 9 -13.57 -1.77 6.01
CA ARG B 9 -12.94 -0.87 6.97
C ARG B 9 -12.63 -1.63 8.25
N LYS B 10 -13.57 -2.49 8.68
CA LYS B 10 -13.41 -3.27 9.90
C LYS B 10 -12.48 -4.46 9.69
N GLU B 11 -12.36 -4.96 8.46
CA GLU B 11 -11.47 -6.08 8.20
C GLU B 11 -10.02 -5.61 8.21
N LEU B 12 -9.77 -4.39 7.72
CA LEU B 12 -8.43 -3.83 7.67
C LEU B 12 -7.96 -3.38 9.06
N VAL B 13 -8.89 -2.96 9.93
CA VAL B 13 -8.51 -2.54 11.28
C VAL B 13 -8.16 -3.70 12.19
N LYS B 14 -8.70 -4.90 11.90
CA LYS B 14 -8.34 -6.11 12.63
C LYS B 14 -7.00 -6.67 12.13
N ARG B 15 -6.68 -6.39 10.86
CA ARG B 15 -5.45 -6.87 10.23
C ARG B 15 -4.23 -6.03 10.61
N ASP B 16 -4.43 -4.89 11.25
CA ASP B 16 -3.34 -4.00 11.61
C ASP B 16 -2.52 -4.58 12.77
N SER B 17 -1.19 -4.51 12.67
CA SER B 17 -0.30 -5.01 13.71
C SER B 17 -0.21 -4.02 14.88
N GLY B 18 -0.68 -2.78 14.68
CA GLY B 18 -0.67 -1.76 15.71
C GLY B 18 0.65 -1.00 15.74
N LYS B 19 1.63 -1.45 14.96
CA LYS B 19 2.95 -0.84 14.90
C LYS B 19 2.96 0.29 13.87
N PRO B 20 3.85 1.28 14.02
CA PRO B 20 4.03 2.33 13.04
C PRO B 20 4.69 1.76 11.78
N VAL B 21 4.43 2.39 10.62
CA VAL B 21 4.97 1.92 9.35
C VAL B 21 6.49 2.05 9.28
N GLU B 22 7.07 2.92 10.12
CA GLU B 22 8.51 3.16 10.12
C GLU B 22 9.27 1.89 10.50
N LYS B 23 8.65 1.03 11.30
CA LYS B 23 9.28 -0.24 11.70
C LYS B 23 9.03 -1.32 10.65
N ILE B 24 7.86 -1.28 10.01
CA ILE B 24 7.50 -2.26 8.99
C ILE B 24 8.37 -2.07 7.76
N LYS B 25 8.81 -0.83 7.52
CA LYS B 25 9.71 -0.49 6.42
C LYS B 25 11.04 -1.22 6.57
N GLU B 26 11.51 -1.41 7.81
CA GLU B 26 12.77 -2.10 8.07
C GLU B 26 12.58 -3.61 8.09
N GLU B 27 11.40 -4.08 8.51
CA GLU B 27 11.11 -5.51 8.56
C GLU B 27 10.97 -6.08 7.15
N ILE B 28 10.66 -5.23 6.17
CA ILE B 28 10.52 -5.66 4.78
C ILE B 28 11.82 -5.48 4.01
N CYS B 29 12.58 -4.42 4.32
CA CYS B 29 13.79 -4.10 3.58
C CYS B 29 14.89 -5.11 3.87
N THR B 30 14.84 -5.77 5.04
CA THR B 30 15.82 -6.78 5.41
C THR B 30 15.58 -8.12 4.72
N LYS B 31 14.43 -8.27 4.05
CA LYS B 31 14.06 -9.50 3.35
C LYS B 31 14.65 -9.53 1.94
N SER B 32 15.48 -8.53 1.60
CA SER B 32 16.03 -8.39 0.25
C SER B 32 14.93 -8.45 -0.80
N PRO B 33 13.95 -7.54 -0.73
CA PRO B 33 12.81 -7.50 -1.63
C PRO B 33 13.26 -7.14 -3.06
N PRO B 34 12.35 -7.26 -4.03
CA PRO B 34 12.62 -6.95 -5.44
C PRO B 34 13.22 -5.56 -5.60
N LYS B 35 13.94 -5.33 -6.70
CA LYS B 35 14.71 -4.12 -6.90
C LYS B 35 13.83 -2.87 -6.82
N LEU B 36 12.68 -2.88 -7.49
CA LEU B 36 11.82 -1.70 -7.51
C LEU B 36 11.11 -1.50 -6.16
N ILE B 37 10.98 -2.57 -5.37
CA ILE B 37 10.37 -2.47 -4.05
C ILE B 37 11.39 -1.90 -3.08
N LYS B 38 12.64 -2.35 -3.15
CA LYS B 38 13.68 -1.89 -2.26
C LYS B 38 14.00 -0.42 -2.51
N GLU B 39 14.08 -0.04 -3.79
CA GLU B 39 14.46 1.32 -4.14
C GLU B 39 13.39 2.33 -3.78
N ILE B 40 12.11 1.97 -3.87
CA ILE B 40 11.04 2.94 -3.65
C ILE B 40 10.53 2.92 -2.21
N ILE B 41 10.58 1.76 -1.53
CA ILE B 41 10.06 1.65 -0.17
C ILE B 41 11.15 1.87 0.88
N CYS B 42 12.40 1.52 0.58
CA CYS B 42 13.46 1.53 1.58
C CYS B 42 14.51 2.60 1.28
N GLU B 43 14.90 2.74 0.00
CA GLU B 43 15.89 3.73 -0.39
C GLU B 43 15.23 5.09 -0.64
N ASN B 44 16.05 6.13 -0.85
CA ASN B 44 15.56 7.49 -1.06
C ASN B 44 15.05 7.69 -2.48
N LYS B 45 15.12 6.66 -3.33
CA LYS B 45 14.67 6.73 -4.71
C LYS B 45 13.14 6.75 -4.79
N THR B 46 12.60 6.98 -5.99
CA THR B 46 11.17 7.06 -6.21
C THR B 46 10.73 6.43 -7.53
N TYR B 47 9.44 6.52 -7.85
CA TYR B 47 8.87 5.89 -9.04
C TYR B 47 9.47 6.54 -10.29
N ALA B 48 10.03 7.74 -10.17
CA ALA B 48 10.63 8.44 -11.29
C ALA B 48 11.99 7.82 -11.64
N ASP B 49 12.63 7.15 -10.68
CA ASP B 49 13.94 6.55 -10.90
C ASP B 49 13.83 5.19 -11.60
N VAL B 50 12.67 4.54 -11.46
CA VAL B 50 12.38 3.30 -12.18
C VAL B 50 11.54 3.57 -13.43
N ASN B 51 11.09 4.82 -13.59
CA ASN B 51 10.34 5.28 -14.75
C ASN B 51 9.10 4.42 -15.02
N ILE B 52 8.40 4.00 -13.94
CA ILE B 52 7.19 3.21 -14.06
C ILE B 52 5.97 4.12 -14.04
N ASP B 53 4.85 3.66 -14.63
CA ASP B 53 3.61 4.42 -14.59
C ASP B 53 3.16 4.51 -13.13
N ARG B 54 2.71 5.68 -12.70
CA ARG B 54 2.41 5.92 -11.29
C ARG B 54 1.24 5.06 -10.82
N SER B 55 0.37 4.62 -11.73
CA SER B 55 -0.74 3.75 -11.37
C SER B 55 -0.21 2.39 -10.97
N ARG B 56 0.83 1.91 -11.67
CA ARG B 56 1.46 0.63 -11.40
C ARG B 56 2.49 0.77 -10.28
N GLY B 57 3.14 1.93 -10.19
CA GLY B 57 4.14 2.17 -9.16
C GLY B 57 3.50 2.10 -7.79
N ASP B 58 2.36 2.78 -7.62
CA ASP B 58 1.65 2.77 -6.35
C ASP B 58 1.09 1.38 -6.07
N TRP B 59 0.61 0.70 -7.11
CA TRP B 59 -0.05 -0.58 -6.95
C TRP B 59 0.92 -1.70 -6.61
N HIS B 60 2.16 -1.65 -7.12
CA HIS B 60 3.15 -2.67 -6.83
C HIS B 60 3.67 -2.55 -5.39
N VAL B 61 3.90 -1.32 -4.91
CA VAL B 61 4.39 -1.13 -3.55
C VAL B 61 3.28 -1.39 -2.54
N ILE B 62 2.03 -1.09 -2.89
CA ILE B 62 0.90 -1.35 -1.99
C ILE B 62 0.69 -2.85 -1.82
N LEU B 63 0.83 -3.62 -2.91
CA LEU B 63 0.61 -5.05 -2.83
C LEU B 63 1.65 -5.69 -1.91
N TYR B 64 2.91 -5.27 -2.00
CA TYR B 64 3.98 -5.94 -1.27
C TYR B 64 3.81 -5.59 0.22
N LEU B 65 3.40 -4.36 0.52
CA LEU B 65 3.23 -3.93 1.90
C LEU B 65 2.11 -4.72 2.57
N MET B 66 1.03 -5.01 1.81
CA MET B 66 -0.11 -5.74 2.36
C MET B 66 0.17 -7.25 2.36
N LYS B 67 1.04 -7.73 1.46
CA LYS B 67 1.43 -9.13 1.40
C LYS B 67 2.40 -9.49 2.53
N HIS B 68 2.83 -8.48 3.30
CA HIS B 68 3.71 -8.70 4.45
C HIS B 68 2.96 -9.44 5.58
N GLY B 69 1.68 -9.76 5.36
CA GLY B 69 0.88 -10.47 6.36
C GLY B 69 0.20 -9.50 7.32
N VAL B 70 0.19 -8.21 6.99
CA VAL B 70 -0.42 -7.17 7.79
C VAL B 70 -0.96 -6.10 6.85
N THR B 71 -2.12 -5.53 7.17
CA THR B 71 -2.77 -4.54 6.32
C THR B 71 -3.41 -3.41 7.11
N ASP B 72 -3.25 -2.19 6.62
CA ASP B 72 -3.79 -0.99 7.22
C ASP B 72 -3.65 0.21 6.28
N PRO B 73 -4.73 0.92 5.95
CA PRO B 73 -4.70 2.03 5.02
C PRO B 73 -3.79 3.16 5.50
N ASP B 74 -3.60 3.30 6.82
CA ASP B 74 -2.78 4.36 7.36
C ASP B 74 -1.30 4.15 7.05
N LYS B 75 -0.88 2.90 6.82
CA LYS B 75 0.50 2.59 6.51
C LYS B 75 0.85 3.14 5.13
N ILE B 76 -0.06 2.93 4.18
CA ILE B 76 0.17 3.28 2.78
C ILE B 76 0.27 4.80 2.62
N LEU B 77 -0.52 5.54 3.39
CA LEU B 77 -0.56 6.99 3.26
C LEU B 77 0.56 7.66 4.09
N GLU B 78 0.96 7.04 5.21
CA GLU B 78 1.95 7.64 6.10
C GLU B 78 3.39 7.41 5.62
N LEU B 79 3.59 6.58 4.58
CA LEU B 79 4.89 6.49 3.95
C LEU B 79 5.21 7.77 3.17
N LEU B 80 4.21 8.65 3.02
CA LEU B 80 4.37 9.94 2.37
C LEU B 80 5.12 9.84 1.04
N PRO B 81 4.67 8.97 0.12
CA PRO B 81 5.25 8.85 -1.20
C PRO B 81 5.06 10.16 -1.97
N ARG B 82 5.98 10.47 -2.89
CA ARG B 82 6.01 11.77 -3.55
C ARG B 82 5.03 11.84 -4.71
N ASP B 83 5.04 10.84 -5.59
CA ASP B 83 4.27 10.88 -6.83
C ASP B 83 3.00 10.02 -6.79
N SER B 84 2.58 9.61 -5.59
CA SER B 84 1.42 8.76 -5.44
C SER B 84 0.15 9.50 -5.87
N LYS B 85 -0.69 8.84 -6.68
CA LYS B 85 -1.91 9.46 -7.18
C LYS B 85 -2.97 9.57 -6.07
N ALA B 86 -2.69 8.97 -4.91
CA ALA B 86 -3.61 9.01 -3.77
C ALA B 86 -3.40 10.28 -2.93
N LYS B 87 -2.50 11.18 -3.35
CA LYS B 87 -2.16 12.35 -2.54
C LYS B 87 -1.79 13.55 -3.42
N GLU B 88 -2.11 13.51 -4.71
CA GLU B 88 -1.82 14.62 -5.61
C GLU B 88 -2.66 15.86 -5.27
N ASN B 89 -3.83 15.63 -4.65
CA ASN B 89 -4.75 16.71 -4.29
C ASN B 89 -5.60 16.31 -3.09
N GLU B 90 -6.13 17.30 -2.38
CA GLU B 90 -7.01 17.05 -1.24
C GLU B 90 -8.44 16.78 -1.69
N LYS B 91 -8.69 16.87 -3.01
CA LYS B 91 -10.02 16.69 -3.57
C LYS B 91 -10.55 15.28 -3.34
N TRP B 92 -11.87 15.12 -3.47
CA TRP B 92 -12.54 13.87 -3.16
C TRP B 92 -12.24 12.77 -4.19
N ASN B 93 -11.89 13.15 -5.41
CA ASN B 93 -11.58 12.17 -6.45
C ASN B 93 -10.25 11.48 -6.15
N THR B 94 -9.36 12.17 -5.43
CA THR B 94 -8.10 11.58 -4.98
C THR B 94 -8.30 10.50 -3.94
N GLN B 95 -9.31 10.68 -3.07
CA GLN B 95 -9.65 9.71 -2.05
C GLN B 95 -10.41 8.54 -2.66
N LYS B 96 -11.07 8.77 -3.81
CA LYS B 96 -11.81 7.72 -4.49
C LYS B 96 -10.86 6.66 -5.03
N TYR B 97 -9.71 7.09 -5.58
CA TYR B 97 -8.69 6.15 -6.01
C TYR B 97 -8.00 5.44 -4.85
N PHE B 98 -7.84 6.13 -3.73
CA PHE B 98 -7.23 5.56 -2.54
C PHE B 98 -8.08 4.40 -1.99
N VAL B 99 -9.40 4.45 -2.23
CA VAL B 99 -10.30 3.37 -1.82
C VAL B 99 -10.19 2.21 -2.82
N ILE B 100 -9.93 2.51 -4.10
CA ILE B 100 -9.81 1.46 -5.10
C ILE B 100 -8.59 0.59 -4.81
N THR B 101 -7.46 1.21 -4.45
CA THR B 101 -6.24 0.45 -4.18
C THR B 101 -6.42 -0.39 -2.93
N LEU B 102 -7.11 0.13 -1.92
CA LEU B 102 -7.35 -0.61 -0.68
C LEU B 102 -8.30 -1.78 -0.94
N SER B 103 -9.31 -1.57 -1.78
CA SER B 103 -10.31 -2.59 -2.05
C SER B 103 -9.71 -3.75 -2.83
N LYS B 104 -8.92 -3.43 -3.87
CA LYS B 104 -8.38 -4.45 -4.75
C LYS B 104 -7.14 -5.12 -4.15
N ALA B 105 -6.32 -4.35 -3.42
CA ALA B 105 -5.12 -4.92 -2.82
C ALA B 105 -5.50 -5.92 -1.73
N TRP B 106 -6.56 -5.64 -0.97
CA TRP B 106 -6.99 -6.55 0.06
C TRP B 106 -7.68 -7.77 -0.53
N SER B 107 -8.31 -7.62 -1.71
CA SER B 107 -8.93 -8.75 -2.38
C SER B 107 -7.87 -9.77 -2.80
N VAL B 108 -6.71 -9.28 -3.23
CA VAL B 108 -5.62 -10.15 -3.66
C VAL B 108 -4.95 -10.79 -2.45
N VAL B 109 -4.81 -10.04 -1.35
CA VAL B 109 -4.17 -10.57 -0.15
C VAL B 109 -5.11 -11.56 0.53
N LYS B 110 -6.42 -11.30 0.50
CA LYS B 110 -7.39 -12.16 1.18
C LYS B 110 -7.45 -13.53 0.53
N LYS B 111 -7.36 -13.59 -0.81
CA LYS B 111 -7.41 -14.87 -1.51
C LYS B 111 -6.10 -15.63 -1.31
N TYR B 112 -5.01 -14.92 -1.03
CA TYR B 112 -3.73 -15.56 -0.73
C TYR B 112 -3.59 -16.03 0.73
N LEU B 113 -4.36 -15.43 1.64
CA LEU B 113 -4.38 -15.85 3.04
C LEU B 113 -5.36 -17.00 3.22
N GLU B 114 -6.29 -17.17 2.28
CA GLU B 114 -7.23 -18.27 2.29
C GLU B 114 -6.53 -19.53 1.76
N ALA B 115 -5.85 -20.25 2.66
CA ALA B 115 -5.14 -21.47 2.32
C ALA B 115 -5.06 -22.40 3.52
N THR B 1 -24.42 -4.06 -1.27
CA THR B 1 -23.20 -3.41 -1.77
C THR B 1 -22.45 -2.61 -0.71
N VAL B 2 -23.13 -1.63 -0.09
CA VAL B 2 -22.50 -0.76 0.89
C VAL B 2 -22.21 -1.51 2.19
N VAL B 3 -23.04 -2.49 2.54
CA VAL B 3 -22.84 -3.23 3.79
C VAL B 3 -21.65 -4.20 3.70
N GLU B 4 -21.31 -4.64 2.49
CA GLU B 4 -20.13 -5.47 2.28
C GLU B 4 -18.88 -4.59 2.30
N PHE B 5 -19.00 -3.31 1.89
CA PHE B 5 -17.90 -2.37 1.93
C PHE B 5 -17.53 -1.93 3.35
N GLU B 6 -18.52 -1.83 4.22
CA GLU B 6 -18.29 -1.49 5.62
C GLU B 6 -17.76 -2.70 6.38
N GLU B 7 -18.09 -3.91 5.92
CA GLU B 7 -17.56 -5.12 6.52
C GLU B 7 -16.06 -5.24 6.23
N LEU B 8 -15.63 -4.78 5.05
CA LEU B 8 -14.22 -4.79 4.69
C LEU B 8 -13.46 -3.71 5.44
N ARG B 9 -14.14 -2.62 5.81
CA ARG B 9 -13.50 -1.56 6.59
C ARG B 9 -13.04 -2.13 7.92
N LYS B 10 -13.88 -2.97 8.54
CA LYS B 10 -13.57 -3.58 9.82
C LYS B 10 -12.57 -4.72 9.67
N GLU B 11 -12.48 -5.32 8.48
CA GLU B 11 -11.50 -6.38 8.28
C GLU B 11 -10.11 -5.76 8.13
N LEU B 12 -10.03 -4.59 7.49
CA LEU B 12 -8.75 -3.92 7.28
C LEU B 12 -8.23 -3.32 8.58
N VAL B 13 -9.12 -2.94 9.51
CA VAL B 13 -8.68 -2.37 10.76
C VAL B 13 -8.19 -3.41 11.76
N LYS B 14 -8.68 -4.65 11.64
CA LYS B 14 -8.25 -5.74 12.51
C LYS B 14 -6.94 -6.37 12.03
N ARG B 15 -6.60 -6.18 10.75
CA ARG B 15 -5.35 -6.69 10.19
C ARG B 15 -4.16 -5.79 10.52
N ASP B 16 -4.39 -4.71 11.27
CA ASP B 16 -3.34 -3.77 11.65
C ASP B 16 -2.44 -4.36 12.74
N SER B 17 -1.12 -4.17 12.62
CA SER B 17 -0.16 -4.65 13.61
C SER B 17 0.04 -3.64 14.73
N GLY B 18 -0.40 -2.39 14.51
CA GLY B 18 -0.31 -1.33 15.51
C GLY B 18 1.07 -0.68 15.54
N LYS B 19 2.03 -1.20 14.77
CA LYS B 19 3.38 -0.65 14.73
C LYS B 19 3.44 0.56 13.80
N PRO B 20 4.29 1.55 14.11
CA PRO B 20 4.54 2.68 13.23
C PRO B 20 5.08 2.21 11.89
N VAL B 21 4.75 2.92 10.81
CA VAL B 21 5.17 2.50 9.47
C VAL B 21 6.68 2.51 9.29
N GLU B 22 7.39 3.37 10.03
CA GLU B 22 8.84 3.46 9.94
C GLU B 22 9.49 2.20 10.52
N LYS B 23 8.76 1.44 11.34
CA LYS B 23 9.25 0.18 11.88
C LYS B 23 8.93 -0.95 10.91
N ILE B 24 7.75 -0.90 10.29
CA ILE B 24 7.33 -1.92 9.34
C ILE B 24 8.22 -1.90 8.10
N LYS B 25 8.61 -0.70 7.68
CA LYS B 25 9.47 -0.51 6.51
C LYS B 25 10.81 -1.21 6.70
N GLU B 26 11.45 -1.01 7.86
CA GLU B 26 12.78 -1.54 8.09
C GLU B 26 12.73 -3.04 8.41
N GLU B 27 11.59 -3.51 8.95
CA GLU B 27 11.38 -4.92 9.19
C GLU B 27 11.19 -5.68 7.88
N ILE B 28 10.80 -4.96 6.82
CA ILE B 28 10.60 -5.55 5.51
C ILE B 28 11.87 -5.46 4.66
N CYS B 29 12.60 -4.35 4.76
CA CYS B 29 13.80 -4.14 3.94
C CYS B 29 14.92 -5.09 4.34
N THR B 30 14.91 -5.61 5.57
CA THR B 30 15.93 -6.55 6.02
C THR B 30 15.71 -7.95 5.43
N LYS B 31 14.53 -8.20 4.85
CA LYS B 31 14.19 -9.48 4.25
C LYS B 31 14.50 -9.49 2.75
N SER B 32 15.17 -8.43 2.27
CA SER B 32 15.52 -8.28 0.86
C SER B 32 14.29 -8.43 -0.05
N PRO B 33 13.45 -7.39 -0.10
CA PRO B 33 12.25 -7.35 -0.93
C PRO B 33 12.58 -7.50 -2.42
N PRO B 34 11.55 -7.69 -3.25
CA PRO B 34 11.69 -7.76 -4.70
C PRO B 34 12.43 -6.53 -5.25
N LYS B 35 12.98 -6.66 -6.47
CA LYS B 35 13.83 -5.63 -7.05
C LYS B 35 13.09 -4.29 -7.14
N LEU B 36 11.79 -4.32 -7.42
CA LEU B 36 11.02 -3.09 -7.55
C LEU B 36 10.80 -2.43 -6.19
N ILE B 37 10.60 -3.25 -5.15
CA ILE B 37 10.31 -2.75 -3.82
C ILE B 37 11.59 -2.25 -3.14
N LYS B 38 12.70 -2.96 -3.35
CA LYS B 38 13.96 -2.63 -2.69
C LYS B 38 14.50 -1.30 -3.22
N GLU B 39 14.32 -1.03 -4.52
CA GLU B 39 14.87 0.18 -5.11
C GLU B 39 13.99 1.40 -4.80
N ILE B 40 12.68 1.21 -4.60
CA ILE B 40 11.79 2.34 -4.36
C ILE B 40 11.62 2.64 -2.86
N ILE B 41 11.63 1.62 -2.00
CA ILE B 41 11.37 1.81 -0.59
C ILE B 41 12.65 1.74 0.25
N CYS B 42 13.54 0.79 -0.06
CA CYS B 42 14.71 0.55 0.77
C CYS B 42 15.91 1.39 0.29
N GLU B 43 15.69 2.27 -0.69
CA GLU B 43 16.70 3.18 -1.20
C GLU B 43 16.10 4.58 -1.37
N ASN B 44 16.96 5.59 -1.58
CA ASN B 44 16.52 6.97 -1.69
C ASN B 44 15.88 7.27 -3.05
N LYS B 45 15.85 6.28 -3.94
CA LYS B 45 15.26 6.45 -5.27
C LYS B 45 13.73 6.44 -5.19
N THR B 46 13.09 6.74 -6.31
CA THR B 46 11.62 6.77 -6.39
C THR B 46 11.27 6.40 -7.83
N TYR B 47 9.96 6.42 -8.14
CA TYR B 47 9.43 5.96 -9.41
C TYR B 47 9.99 6.80 -10.55
N ALA B 48 10.49 8.01 -10.26
CA ALA B 48 11.05 8.88 -11.27
C ALA B 48 12.42 8.40 -11.73
N ASP B 49 13.10 7.60 -10.89
CA ASP B 49 14.43 7.09 -11.21
C ASP B 49 14.38 5.79 -12.01
N VAL B 50 13.22 5.12 -12.01
CA VAL B 50 13.01 3.88 -12.75
C VAL B 50 12.03 4.06 -13.92
N ASN B 51 11.49 5.27 -14.07
CA ASN B 51 10.61 5.65 -15.16
C ASN B 51 9.42 4.70 -15.29
N ILE B 52 8.84 4.29 -14.15
CA ILE B 52 7.66 3.43 -14.14
C ILE B 52 6.40 4.30 -14.04
N ASP B 53 5.26 3.78 -14.49
CA ASP B 53 4.00 4.50 -14.39
C ASP B 53 3.75 4.78 -12.92
N ARG B 54 3.41 6.03 -12.57
CA ARG B 54 3.22 6.41 -11.18
C ARG B 54 2.00 5.73 -10.58
N SER B 55 1.00 5.44 -11.42
CA SER B 55 -0.21 4.76 -11.00
C SER B 55 0.10 3.30 -10.65
N ARG B 56 0.96 2.68 -11.46
CA ARG B 56 1.30 1.27 -11.30
C ARG B 56 2.34 1.09 -10.20
N GLY B 57 3.18 2.11 -9.98
CA GLY B 57 4.20 2.05 -8.95
C GLY B 57 3.55 2.02 -7.57
N ASP B 58 2.47 2.79 -7.39
CA ASP B 58 1.72 2.77 -6.15
C ASP B 58 1.08 1.41 -5.91
N TRP B 59 0.55 0.80 -6.98
CA TRP B 59 -0.13 -0.47 -6.88
C TRP B 59 0.83 -1.62 -6.58
N HIS B 60 2.06 -1.55 -7.10
CA HIS B 60 3.05 -2.58 -6.86
C HIS B 60 3.49 -2.60 -5.40
N VAL B 61 3.70 -1.43 -4.79
CA VAL B 61 4.15 -1.36 -3.41
C VAL B 61 3.01 -1.64 -2.44
N ILE B 62 1.78 -1.24 -2.79
CA ILE B 62 0.63 -1.49 -1.93
C ILE B 62 0.33 -2.98 -1.85
N LEU B 63 0.54 -3.71 -2.95
CA LEU B 63 0.31 -5.15 -2.95
C LEU B 63 1.31 -5.84 -2.03
N TYR B 64 2.60 -5.47 -2.12
CA TYR B 64 3.63 -6.17 -1.39
C TYR B 64 3.65 -5.79 0.11
N LEU B 65 3.38 -4.52 0.41
CA LEU B 65 3.32 -4.08 1.80
C LEU B 65 2.12 -4.71 2.49
N MET B 66 1.03 -4.94 1.75
CA MET B 66 -0.17 -5.53 2.29
C MET B 66 -0.04 -7.05 2.38
N LYS B 67 0.75 -7.64 1.49
CA LYS B 67 0.99 -9.08 1.44
C LYS B 67 1.92 -9.51 2.58
N HIS B 68 2.54 -8.55 3.25
CA HIS B 68 3.42 -8.81 4.39
C HIS B 68 2.64 -9.43 5.55
N GLY B 69 1.32 -9.57 5.42
CA GLY B 69 0.49 -10.19 6.44
C GLY B 69 -0.07 -9.15 7.41
N VAL B 70 -0.01 -7.87 7.03
CA VAL B 70 -0.51 -6.78 7.85
C VAL B 70 -1.09 -5.71 6.92
N THR B 71 -2.24 -5.14 7.30
CA THR B 71 -2.91 -4.13 6.49
C THR B 71 -3.55 -3.02 7.31
N ASP B 72 -3.48 -1.80 6.80
CA ASP B 72 -4.14 -0.64 7.38
C ASP B 72 -4.03 0.57 6.45
N PRO B 73 -5.16 1.17 6.04
CA PRO B 73 -5.19 2.32 5.13
C PRO B 73 -4.26 3.45 5.60
N ASP B 74 -4.10 3.61 6.91
CA ASP B 74 -3.30 4.70 7.45
C ASP B 74 -1.80 4.52 7.22
N LYS B 75 -1.35 3.28 7.00
CA LYS B 75 0.06 3.00 6.76
C LYS B 75 0.46 3.49 5.38
N ILE B 76 -0.38 3.18 4.38
CA ILE B 76 -0.09 3.46 2.99
C ILE B 76 -0.12 4.98 2.73
N LEU B 77 -0.98 5.71 3.44
CA LEU B 77 -1.10 7.14 3.24
C LEU B 77 0.01 7.90 3.97
N GLU B 78 0.51 7.35 5.07
CA GLU B 78 1.53 8.04 5.87
C GLU B 78 2.95 7.80 5.34
N LEU B 79 3.14 6.85 4.41
CA LEU B 79 4.43 6.67 3.75
C LEU B 79 4.71 7.88 2.86
N LEU B 80 3.66 8.61 2.48
CA LEU B 80 3.76 9.84 1.72
C LEU B 80 4.77 9.73 0.56
N PRO B 81 4.56 8.83 -0.40
CA PRO B 81 5.43 8.71 -1.56
C PRO B 81 5.44 10.02 -2.35
N ARG B 82 6.56 10.30 -3.05
CA ARG B 82 6.76 11.58 -3.72
C ARG B 82 5.78 11.75 -4.89
N ASP B 83 5.39 10.64 -5.53
CA ASP B 83 4.53 10.67 -6.70
C ASP B 83 3.20 9.92 -6.52
N SER B 84 2.80 9.69 -5.26
CA SER B 84 1.58 8.95 -4.98
C SER B 84 0.35 9.66 -5.54
N LYS B 85 -0.45 8.94 -6.34
CA LYS B 85 -1.65 9.51 -6.95
C LYS B 85 -2.71 9.76 -5.89
N ALA B 86 -2.54 9.17 -4.70
CA ALA B 86 -3.46 9.37 -3.58
C ALA B 86 -3.11 10.65 -2.82
N LYS B 87 -2.13 11.42 -3.31
CA LYS B 87 -1.65 12.61 -2.65
C LYS B 87 -1.46 13.78 -3.62
N GLU B 88 -1.66 13.54 -4.93
CA GLU B 88 -1.49 14.57 -5.95
C GLU B 88 -2.52 15.70 -5.77
N ASN B 89 -3.60 15.45 -5.02
CA ASN B 89 -4.63 16.45 -4.80
C ASN B 89 -5.39 16.11 -3.52
N GLU B 90 -6.01 17.12 -2.91
CA GLU B 90 -6.81 16.95 -1.70
C GLU B 90 -8.26 16.64 -2.06
N LYS B 91 -8.62 16.80 -3.34
CA LYS B 91 -9.98 16.58 -3.82
C LYS B 91 -10.38 15.11 -3.72
N TRP B 92 -11.69 14.85 -3.81
CA TRP B 92 -12.25 13.52 -3.68
C TRP B 92 -11.83 12.56 -4.80
N ASN B 93 -11.21 13.08 -5.85
CA ASN B 93 -10.77 12.25 -6.97
C ASN B 93 -9.71 11.25 -6.49
N THR B 94 -8.81 11.71 -5.61
CA THR B 94 -7.77 10.84 -5.06
C THR B 94 -8.33 9.95 -3.94
N GLN B 95 -9.44 10.35 -3.34
CA GLN B 95 -10.06 9.56 -2.29
C GLN B 95 -10.74 8.34 -2.88
N LYS B 96 -11.33 8.47 -4.08
CA LYS B 96 -11.91 7.34 -4.78
C LYS B 96 -10.83 6.36 -5.20
N TYR B 97 -9.69 6.87 -5.69
CA TYR B 97 -8.57 6.02 -6.04
C TYR B 97 -7.93 5.31 -4.85
N PHE B 98 -7.90 6.00 -3.71
CA PHE B 98 -7.30 5.46 -2.51
C PHE B 98 -8.09 4.27 -1.97
N VAL B 99 -9.41 4.27 -2.18
CA VAL B 99 -10.26 3.14 -1.77
C VAL B 99 -10.13 2.00 -2.77
N ILE B 100 -9.85 2.33 -4.04
CA ILE B 100 -9.70 1.29 -5.07
C ILE B 100 -8.46 0.46 -4.80
N THR B 101 -7.34 1.11 -4.46
CA THR B 101 -6.09 0.38 -4.24
C THR B 101 -6.23 -0.50 -3.01
N LEU B 102 -6.94 -0.02 -1.98
CA LEU B 102 -7.15 -0.80 -0.77
C LEU B 102 -8.10 -1.96 -1.01
N SER B 103 -9.14 -1.73 -1.81
CA SER B 103 -10.17 -2.73 -2.05
C SER B 103 -9.64 -3.86 -2.91
N LYS B 104 -8.92 -3.53 -3.98
CA LYS B 104 -8.41 -4.54 -4.91
C LYS B 104 -7.20 -5.26 -4.33
N ALA B 105 -6.37 -4.55 -3.56
CA ALA B 105 -5.18 -5.17 -2.98
C ALA B 105 -5.58 -6.20 -1.93
N TRP B 106 -6.58 -5.86 -1.10
CA TRP B 106 -7.01 -6.77 -0.05
C TRP B 106 -7.77 -7.96 -0.64
N SER B 107 -8.36 -7.80 -1.82
CA SER B 107 -9.02 -8.90 -2.50
C SER B 107 -8.01 -9.97 -2.89
N VAL B 108 -6.82 -9.55 -3.33
CA VAL B 108 -5.77 -10.46 -3.73
C VAL B 108 -5.09 -11.06 -2.50
N VAL B 109 -4.82 -10.25 -1.48
CA VAL B 109 -4.13 -10.73 -0.30
C VAL B 109 -5.03 -11.67 0.49
N LYS B 110 -6.33 -11.36 0.59
CA LYS B 110 -7.26 -12.21 1.31
C LYS B 110 -7.43 -13.54 0.59
N LYS B 111 -7.34 -13.51 -0.75
CA LYS B 111 -7.42 -14.74 -1.55
C LYS B 111 -6.20 -15.62 -1.29
N TYR B 112 -5.04 -15.01 -1.02
CA TYR B 112 -3.83 -15.76 -0.71
C TYR B 112 -3.68 -16.17 0.75
N LEU B 113 -4.39 -15.50 1.66
CA LEU B 113 -4.42 -15.89 3.06
C LEU B 113 -5.28 -17.13 3.24
N GLU B 114 -6.28 -17.32 2.36
CA GLU B 114 -7.09 -18.53 2.35
C GLU B 114 -6.41 -19.58 1.46
N ALA B 115 -5.48 -20.33 2.05
CA ALA B 115 -4.74 -21.37 1.35
C ALA B 115 -5.59 -22.64 1.22
N THR B 1 -24.37 -1.79 -1.34
CA THR B 1 -23.07 -1.20 -1.69
C THR B 1 -22.28 -0.70 -0.51
N VAL B 2 -22.82 0.29 0.21
CA VAL B 2 -22.11 0.91 1.33
C VAL B 2 -21.86 -0.10 2.45
N VAL B 3 -22.74 -1.09 2.59
CA VAL B 3 -22.59 -2.11 3.63
C VAL B 3 -21.36 -2.98 3.37
N GLU B 4 -20.96 -3.11 2.10
CA GLU B 4 -19.80 -3.91 1.73
C GLU B 4 -18.52 -3.13 2.03
N PHE B 5 -18.56 -1.81 1.86
CA PHE B 5 -17.42 -0.96 2.18
C PHE B 5 -17.16 -0.81 3.68
N GLU B 6 -18.23 -0.89 4.49
CA GLU B 6 -18.10 -0.85 5.94
C GLU B 6 -17.62 -2.20 6.47
N GLU B 7 -17.90 -3.28 5.74
CA GLU B 7 -17.43 -4.60 6.13
C GLU B 7 -15.93 -4.74 5.85
N LEU B 8 -15.47 -4.20 4.73
CA LEU B 8 -14.05 -4.24 4.37
C LEU B 8 -13.27 -3.25 5.23
N ARG B 9 -13.92 -2.15 5.64
CA ARG B 9 -13.31 -1.17 6.53
C ARG B 9 -12.93 -1.83 7.85
N LYS B 10 -13.83 -2.68 8.37
CA LYS B 10 -13.62 -3.35 9.65
C LYS B 10 -12.72 -4.56 9.51
N GLU B 11 -12.61 -5.13 8.30
CA GLU B 11 -11.70 -6.25 8.09
C GLU B 11 -10.26 -5.74 8.06
N LEU B 12 -10.06 -4.53 7.52
CA LEU B 12 -8.74 -3.92 7.44
C LEU B 12 -8.29 -3.40 8.80
N VAL B 13 -9.22 -2.87 9.60
CA VAL B 13 -8.83 -2.32 10.90
C VAL B 13 -8.42 -3.42 11.89
N LYS B 14 -8.91 -4.64 11.70
CA LYS B 14 -8.50 -5.78 12.50
C LYS B 14 -7.22 -6.40 11.97
N ARG B 15 -6.89 -6.13 10.69
CA ARG B 15 -5.65 -6.62 10.08
C ARG B 15 -4.44 -5.78 10.47
N ASP B 16 -4.65 -4.65 11.15
CA ASP B 16 -3.57 -3.78 11.59
C ASP B 16 -2.78 -4.42 12.73
N SER B 17 -1.44 -4.37 12.66
CA SER B 17 -0.57 -4.95 13.68
C SER B 17 -0.35 -4.00 14.85
N GLY B 18 -0.96 -2.80 14.79
CA GLY B 18 -0.88 -1.85 15.88
C GLY B 18 0.42 -1.03 15.83
N LYS B 19 1.06 -0.98 14.65
CA LYS B 19 2.31 -0.26 14.47
C LYS B 19 2.24 0.62 13.21
N PRO B 20 2.97 1.74 13.18
CA PRO B 20 3.04 2.64 12.05
C PRO B 20 3.81 2.01 10.90
N VAL B 21 3.57 2.47 9.68
CA VAL B 21 4.22 1.93 8.50
C VAL B 21 5.72 2.26 8.45
N GLU B 22 6.14 3.28 9.19
CA GLU B 22 7.53 3.71 9.21
C GLU B 22 8.42 2.64 9.81
N LYS B 23 7.91 1.87 10.78
CA LYS B 23 8.67 0.80 11.40
C LYS B 23 8.55 -0.48 10.58
N ILE B 24 7.44 -0.64 9.85
CA ILE B 24 7.22 -1.82 9.02
C ILE B 24 8.18 -1.80 7.83
N LYS B 25 8.60 -0.61 7.41
CA LYS B 25 9.55 -0.46 6.31
C LYS B 25 10.88 -1.11 6.68
N GLU B 26 11.26 -1.06 7.96
CA GLU B 26 12.51 -1.65 8.43
C GLU B 26 12.35 -3.17 8.59
N GLU B 27 11.13 -3.61 8.91
CA GLU B 27 10.84 -5.03 9.07
C GLU B 27 10.76 -5.73 7.71
N ILE B 28 10.50 -4.97 6.65
CA ILE B 28 10.36 -5.52 5.31
C ILE B 28 11.64 -5.37 4.49
N CYS B 29 12.37 -4.26 4.67
CA CYS B 29 13.58 -4.03 3.88
C CYS B 29 14.71 -4.96 4.33
N THR B 30 14.63 -5.50 5.55
CA THR B 30 15.63 -6.44 6.05
C THR B 30 15.47 -7.81 5.37
N LYS B 31 14.32 -8.04 4.72
CA LYS B 31 14.06 -9.27 3.98
C LYS B 31 14.70 -9.16 2.59
N SER B 32 14.32 -10.06 1.67
CA SER B 32 14.79 -10.02 0.30
C SER B 32 13.62 -9.65 -0.63
N PRO B 33 13.26 -8.37 -0.70
CA PRO B 33 12.17 -7.88 -1.53
C PRO B 33 12.52 -7.99 -3.02
N PRO B 34 11.51 -7.91 -3.89
CA PRO B 34 11.71 -7.88 -5.33
C PRO B 34 12.64 -6.75 -5.74
N LYS B 35 13.29 -6.88 -6.90
CA LYS B 35 14.27 -5.92 -7.37
C LYS B 35 13.65 -4.53 -7.52
N LEU B 36 12.40 -4.46 -7.98
CA LEU B 36 11.72 -3.19 -8.16
C LEU B 36 11.43 -2.55 -6.81
N ILE B 37 11.02 -3.36 -5.82
CA ILE B 37 10.68 -2.87 -4.51
C ILE B 37 11.92 -2.41 -3.76
N LYS B 38 13.06 -3.07 -3.99
CA LYS B 38 14.31 -2.71 -3.33
C LYS B 38 14.76 -1.31 -3.77
N GLU B 39 14.57 -0.99 -5.05
CA GLU B 39 15.03 0.29 -5.57
C GLU B 39 14.12 1.44 -5.12
N ILE B 40 12.85 1.17 -4.85
CA ILE B 40 11.92 2.24 -4.47
C ILE B 40 11.83 2.41 -2.95
N ILE B 41 12.00 1.33 -2.19
CA ILE B 41 11.84 1.37 -0.74
C ILE B 41 13.17 1.35 0.00
N CYS B 42 14.06 0.43 -0.35
CA CYS B 42 15.33 0.27 0.37
C CYS B 42 16.38 1.27 -0.11
N GLU B 43 16.06 2.10 -1.11
CA GLU B 43 16.99 3.10 -1.63
C GLU B 43 16.29 4.46 -1.70
N ASN B 44 17.09 5.52 -1.90
CA ASN B 44 16.57 6.88 -1.97
C ASN B 44 15.93 7.18 -3.32
N LYS B 45 15.93 6.20 -4.24
CA LYS B 45 15.35 6.38 -5.56
C LYS B 45 13.83 6.31 -5.47
N THR B 46 13.14 6.61 -6.58
CA THR B 46 11.69 6.61 -6.63
C THR B 46 11.31 6.23 -8.06
N TYR B 47 10.00 6.22 -8.33
CA TYR B 47 9.43 5.78 -9.58
C TYR B 47 9.96 6.67 -10.72
N ALA B 48 10.46 7.87 -10.39
CA ALA B 48 10.97 8.79 -11.38
C ALA B 48 12.32 8.33 -11.95
N ASP B 49 13.02 7.45 -11.22
CA ASP B 49 14.31 6.94 -11.66
C ASP B 49 14.12 5.70 -12.55
N VAL B 50 13.18 4.83 -12.17
CA VAL B 50 12.92 3.58 -12.90
C VAL B 50 11.93 3.80 -14.06
N ASN B 51 11.44 5.02 -14.21
CA ASN B 51 10.55 5.42 -15.30
C ASN B 51 9.29 4.56 -15.38
N ILE B 52 8.75 4.14 -14.22
CA ILE B 52 7.52 3.36 -14.17
C ILE B 52 6.33 4.31 -13.97
N ASP B 53 5.14 3.87 -14.38
CA ASP B 53 3.92 4.66 -14.21
C ASP B 53 3.73 4.89 -12.71
N ARG B 54 3.34 6.11 -12.33
CA ARG B 54 3.19 6.44 -10.91
C ARG B 54 2.00 5.69 -10.31
N SER B 55 0.97 5.45 -11.13
CA SER B 55 -0.22 4.72 -10.70
C SER B 55 0.12 3.26 -10.45
N ARG B 56 1.00 2.70 -11.28
CA ARG B 56 1.38 1.29 -11.20
C ARG B 56 2.46 1.10 -10.15
N GLY B 57 3.30 2.11 -9.96
CA GLY B 57 4.37 2.07 -8.97
C GLY B 57 3.78 2.04 -7.57
N ASP B 58 2.76 2.86 -7.31
CA ASP B 58 2.08 2.86 -6.03
C ASP B 58 1.41 1.51 -5.79
N TRP B 59 0.82 0.94 -6.84
CA TRP B 59 0.14 -0.34 -6.73
C TRP B 59 1.08 -1.51 -6.48
N HIS B 60 2.30 -1.44 -7.04
CA HIS B 60 3.29 -2.50 -6.86
C HIS B 60 3.78 -2.54 -5.42
N VAL B 61 3.98 -1.38 -4.79
CA VAL B 61 4.44 -1.36 -3.40
C VAL B 61 3.29 -1.64 -2.45
N ILE B 62 2.06 -1.22 -2.79
CA ILE B 62 0.91 -1.47 -1.94
C ILE B 62 0.61 -2.97 -1.89
N LEU B 63 0.87 -3.70 -2.98
CA LEU B 63 0.64 -5.14 -2.99
C LEU B 63 1.65 -5.83 -2.07
N TYR B 64 2.94 -5.54 -2.24
CA TYR B 64 3.96 -6.26 -1.50
C TYR B 64 4.01 -5.91 -0.01
N LEU B 65 3.80 -4.63 0.31
CA LEU B 65 3.84 -4.18 1.70
C LEU B 65 2.68 -4.80 2.48
N MET B 66 1.51 -4.93 1.84
CA MET B 66 0.35 -5.52 2.49
C MET B 66 0.39 -7.04 2.49
N LYS B 67 1.10 -7.65 1.53
CA LYS B 67 1.29 -9.10 1.51
C LYS B 67 2.25 -9.55 2.62
N HIS B 68 2.82 -8.59 3.35
CA HIS B 68 3.64 -8.87 4.53
C HIS B 68 2.77 -9.47 5.66
N GLY B 69 1.45 -9.49 5.47
CA GLY B 69 0.53 -10.09 6.44
C GLY B 69 -0.13 -9.04 7.32
N VAL B 70 -0.08 -7.77 6.93
CA VAL B 70 -0.68 -6.68 7.68
C VAL B 70 -1.12 -5.60 6.69
N THR B 71 -2.26 -4.96 6.95
CA THR B 71 -2.77 -3.93 6.07
C THR B 71 -3.86 -3.11 6.77
N ASP B 72 -3.85 -1.81 6.49
CA ASP B 72 -4.89 -0.87 6.91
C ASP B 72 -4.73 0.45 6.17
N PRO B 73 -5.79 1.27 6.08
CA PRO B 73 -5.77 2.50 5.31
C PRO B 73 -4.64 3.44 5.73
N ASP B 74 -4.27 3.42 7.01
CA ASP B 74 -3.25 4.33 7.52
C ASP B 74 -1.86 4.01 7.00
N LYS B 75 -1.63 2.76 6.57
CA LYS B 75 -0.31 2.36 6.09
C LYS B 75 -0.01 2.99 4.73
N ILE B 76 -1.00 3.06 3.86
CA ILE B 76 -0.81 3.60 2.52
C ILE B 76 -0.63 5.11 2.59
N LEU B 77 -1.38 5.78 3.47
CA LEU B 77 -1.33 7.23 3.55
C LEU B 77 -0.10 7.70 4.32
N GLU B 78 0.43 6.87 5.23
CA GLU B 78 1.63 7.22 5.98
C GLU B 78 2.91 6.84 5.23
N LEU B 79 2.80 6.03 4.18
CA LEU B 79 3.96 5.62 3.41
C LEU B 79 4.58 6.83 2.71
N LEU B 80 3.78 7.86 2.45
CA LEU B 80 4.20 9.12 1.87
C LEU B 80 5.15 8.93 0.68
N PRO B 81 4.71 8.24 -0.39
CA PRO B 81 5.47 8.19 -1.63
C PRO B 81 5.60 9.60 -2.21
N ARG B 82 6.72 9.86 -2.90
CA ARG B 82 7.00 11.19 -3.43
C ARG B 82 6.00 11.58 -4.51
N ASP B 83 5.55 10.58 -5.28
CA ASP B 83 4.62 10.80 -6.39
C ASP B 83 3.28 10.09 -6.16
N SER B 84 2.87 9.96 -4.89
CA SER B 84 1.66 9.25 -4.51
C SER B 84 0.43 9.86 -5.18
N LYS B 85 -0.36 9.04 -5.87
CA LYS B 85 -1.60 9.47 -6.50
C LYS B 85 -2.67 9.76 -5.44
N ALA B 86 -2.45 9.30 -4.20
CA ALA B 86 -3.40 9.49 -3.12
C ALA B 86 -3.19 10.85 -2.43
N LYS B 87 -2.20 11.62 -2.89
CA LYS B 87 -1.85 12.91 -2.28
C LYS B 87 -1.73 14.04 -3.30
N GLU B 88 -2.15 13.80 -4.54
CA GLU B 88 -2.02 14.81 -5.60
C GLU B 88 -2.94 16.00 -5.40
N ASN B 89 -4.02 15.81 -4.63
CA ASN B 89 -5.01 16.85 -4.41
C ASN B 89 -5.69 16.67 -3.05
N GLU B 90 -6.28 17.75 -2.52
CA GLU B 90 -7.07 17.69 -1.31
C GLU B 90 -8.50 17.23 -1.64
N LYS B 91 -8.87 17.27 -2.91
CA LYS B 91 -10.20 16.91 -3.37
C LYS B 91 -10.43 15.40 -3.24
N TRP B 92 -11.66 14.97 -3.54
CA TRP B 92 -12.10 13.60 -3.32
C TRP B 92 -11.57 12.67 -4.41
N ASN B 93 -10.92 13.22 -5.45
CA ASN B 93 -10.42 12.39 -6.54
C ASN B 93 -9.38 11.40 -6.02
N THR B 94 -8.57 11.82 -5.04
CA THR B 94 -7.58 10.94 -4.43
C THR B 94 -8.24 9.95 -3.47
N GLN B 95 -9.40 10.31 -2.92
CA GLN B 95 -10.11 9.45 -2.00
C GLN B 95 -10.80 8.32 -2.77
N LYS B 96 -11.20 8.58 -4.02
CA LYS B 96 -11.79 7.56 -4.86
C LYS B 96 -10.74 6.52 -5.25
N TYR B 97 -9.53 6.98 -5.55
CA TYR B 97 -8.42 6.07 -5.85
C TYR B 97 -7.92 5.33 -4.62
N PHE B 98 -7.95 6.00 -3.46
CA PHE B 98 -7.47 5.44 -2.22
C PHE B 98 -8.33 4.29 -1.71
N VAL B 99 -9.62 4.32 -2.05
CA VAL B 99 -10.53 3.23 -1.70
C VAL B 99 -10.35 2.08 -2.70
N ILE B 100 -10.00 2.41 -3.96
CA ILE B 100 -9.80 1.39 -4.97
C ILE B 100 -8.57 0.54 -4.64
N THR B 101 -7.49 1.18 -4.18
CA THR B 101 -6.26 0.44 -3.88
C THR B 101 -6.51 -0.45 -2.67
N LEU B 102 -7.24 0.04 -1.67
CA LEU B 102 -7.51 -0.75 -0.48
C LEU B 102 -8.42 -1.93 -0.80
N SER B 103 -9.36 -1.74 -1.74
CA SER B 103 -10.30 -2.78 -2.09
C SER B 103 -9.62 -3.89 -2.91
N LYS B 104 -8.85 -3.49 -3.92
CA LYS B 104 -8.23 -4.46 -4.83
C LYS B 104 -7.00 -5.11 -4.20
N ALA B 105 -6.23 -4.36 -3.40
CA ALA B 105 -5.04 -4.91 -2.79
C ALA B 105 -5.43 -5.96 -1.74
N TRP B 106 -6.50 -5.70 -0.99
CA TRP B 106 -6.93 -6.64 0.03
C TRP B 106 -7.57 -7.88 -0.60
N SER B 107 -8.11 -7.76 -1.82
CA SER B 107 -8.64 -8.91 -2.53
C SER B 107 -7.51 -9.89 -2.85
N VAL B 108 -6.33 -9.37 -3.20
CA VAL B 108 -5.16 -10.19 -3.51
C VAL B 108 -4.51 -10.71 -2.23
N VAL B 109 -4.45 -9.87 -1.18
CA VAL B 109 -3.82 -10.26 0.07
C VAL B 109 -4.66 -11.33 0.75
N LYS B 110 -5.99 -11.18 0.75
CA LYS B 110 -6.87 -12.14 1.39
C LYS B 110 -6.84 -13.46 0.63
N LYS B 111 -6.66 -13.40 -0.69
CA LYS B 111 -6.52 -14.59 -1.51
C LYS B 111 -5.24 -15.35 -1.14
N TYR B 112 -4.21 -14.62 -0.71
CA TYR B 112 -2.95 -15.21 -0.29
C TYR B 112 -2.92 -15.67 1.17
N LEU B 113 -3.82 -15.13 2.01
CA LEU B 113 -3.90 -15.54 3.41
C LEU B 113 -4.72 -16.83 3.52
N GLU B 114 -5.59 -17.09 2.55
CA GLU B 114 -6.36 -18.33 2.49
C GLU B 114 -5.52 -19.39 1.78
N ALA B 115 -4.69 -20.09 2.56
CA ALA B 115 -3.84 -21.16 2.04
C ALA B 115 -3.52 -22.16 3.15
N THR B 1 -22.76 -0.64 -2.38
CA THR B 1 -21.38 -0.12 -2.40
C THR B 1 -20.89 0.35 -1.03
N VAL B 2 -21.65 1.24 -0.39
CA VAL B 2 -21.26 1.78 0.91
C VAL B 2 -21.34 0.73 2.00
N VAL B 3 -22.27 -0.22 1.89
CA VAL B 3 -22.42 -1.27 2.88
C VAL B 3 -21.22 -2.21 2.84
N GLU B 4 -20.75 -2.52 1.64
CA GLU B 4 -19.60 -3.40 1.45
C GLU B 4 -18.32 -2.68 1.88
N PHE B 5 -18.30 -1.35 1.78
CA PHE B 5 -17.16 -0.57 2.22
C PHE B 5 -16.96 -0.56 3.74
N GLU B 6 -18.06 -0.59 4.49
CA GLU B 6 -17.99 -0.61 5.94
C GLU B 6 -17.56 -1.99 6.44
N GLU B 7 -17.88 -3.05 5.69
CA GLU B 7 -17.47 -4.39 6.06
C GLU B 7 -15.96 -4.56 5.81
N LEU B 8 -15.44 -3.94 4.76
CA LEU B 8 -14.01 -4.00 4.46
C LEU B 8 -13.25 -3.07 5.40
N ARG B 9 -13.87 -1.96 5.81
CA ARG B 9 -13.25 -1.01 6.72
C ARG B 9 -12.93 -1.70 8.05
N LYS B 10 -13.81 -2.59 8.49
CA LYS B 10 -13.61 -3.32 9.74
C LYS B 10 -12.68 -4.51 9.54
N GLU B 11 -12.58 -5.05 8.31
CA GLU B 11 -11.72 -6.18 8.07
C GLU B 11 -10.25 -5.72 7.99
N LEU B 12 -10.00 -4.57 7.36
CA LEU B 12 -8.65 -4.06 7.22
C LEU B 12 -8.13 -3.52 8.55
N VAL B 13 -9.02 -2.97 9.40
CA VAL B 13 -8.59 -2.43 10.67
C VAL B 13 -8.23 -3.53 11.68
N LYS B 14 -8.84 -4.72 11.53
CA LYS B 14 -8.52 -5.86 12.39
C LYS B 14 -7.25 -6.57 11.91
N ARG B 15 -6.89 -6.38 10.64
CA ARG B 15 -5.66 -6.94 10.09
C ARG B 15 -4.44 -6.07 10.40
N ASP B 16 -4.65 -4.96 11.10
CA ASP B 16 -3.56 -4.07 11.47
C ASP B 16 -2.81 -4.64 12.68
N SER B 17 -1.47 -4.62 12.64
CA SER B 17 -0.66 -5.07 13.77
C SER B 17 -0.51 -3.96 14.81
N GLY B 18 -0.96 -2.75 14.48
CA GLY B 18 -0.90 -1.61 15.39
C GLY B 18 0.49 -0.96 15.40
N LYS B 19 1.43 -1.50 14.61
CA LYS B 19 2.80 -1.01 14.56
C LYS B 19 2.92 0.17 13.61
N PRO B 20 3.83 1.10 13.87
CA PRO B 20 4.09 2.25 13.02
C PRO B 20 4.78 1.81 11.74
N VAL B 21 4.52 2.51 10.64
CA VAL B 21 5.09 2.17 9.34
C VAL B 21 6.59 2.40 9.27
N GLU B 22 7.12 3.21 10.19
CA GLU B 22 8.53 3.52 10.22
C GLU B 22 9.35 2.26 10.46
N LYS B 23 8.83 1.35 11.30
CA LYS B 23 9.52 0.11 11.63
C LYS B 23 9.21 -0.98 10.61
N ILE B 24 8.02 -0.96 10.02
CA ILE B 24 7.62 -1.96 9.04
C ILE B 24 8.44 -1.78 7.76
N LYS B 25 8.76 -0.54 7.40
CA LYS B 25 9.57 -0.23 6.23
C LYS B 25 10.96 -0.85 6.35
N GLU B 26 11.58 -0.73 7.52
CA GLU B 26 12.95 -1.21 7.71
C GLU B 26 12.97 -2.72 7.94
N GLU B 27 11.87 -3.27 8.47
CA GLU B 27 11.74 -4.71 8.68
C GLU B 27 11.59 -5.44 7.36
N ILE B 28 11.14 -4.74 6.31
CA ILE B 28 11.02 -5.33 4.98
C ILE B 28 12.30 -5.07 4.16
N CYS B 29 12.93 -3.92 4.38
CA CYS B 29 14.13 -3.52 3.64
C CYS B 29 15.32 -4.41 4.00
N THR B 30 15.32 -4.99 5.21
CA THR B 30 16.38 -5.89 5.63
C THR B 30 16.21 -7.31 5.09
N LYS B 31 15.05 -7.61 4.49
CA LYS B 31 14.74 -8.95 3.97
C LYS B 31 15.14 -9.08 2.51
N SER B 32 15.99 -8.17 2.01
CA SER B 32 16.44 -8.16 0.62
C SER B 32 15.27 -8.39 -0.35
N PRO B 33 14.29 -7.47 -0.34
CA PRO B 33 13.09 -7.55 -1.16
C PRO B 33 13.43 -7.47 -2.65
N PRO B 34 12.46 -7.78 -3.52
CA PRO B 34 12.64 -7.75 -4.96
C PRO B 34 13.03 -6.35 -5.43
N LYS B 35 13.60 -6.24 -6.63
CA LYS B 35 14.22 -5.01 -7.10
C LYS B 35 13.26 -3.83 -7.12
N LEU B 36 11.98 -4.05 -7.46
CA LEU B 36 11.04 -2.95 -7.55
C LEU B 36 10.78 -2.37 -6.16
N ILE B 37 10.55 -3.24 -5.17
CA ILE B 37 10.26 -2.80 -3.82
C ILE B 37 11.54 -2.29 -3.15
N LYS B 38 12.69 -2.87 -3.50
CA LYS B 38 13.95 -2.49 -2.91
C LYS B 38 14.39 -1.12 -3.39
N GLU B 39 14.32 -0.87 -4.69
CA GLU B 39 14.84 0.38 -5.26
C GLU B 39 13.95 1.57 -4.89
N ILE B 40 12.67 1.34 -4.57
CA ILE B 40 11.77 2.45 -4.25
C ILE B 40 11.63 2.67 -2.74
N ILE B 41 11.55 1.61 -1.94
CA ILE B 41 11.29 1.75 -0.51
C ILE B 41 12.54 1.50 0.33
N CYS B 42 13.44 0.64 -0.14
CA CYS B 42 14.63 0.25 0.61
C CYS B 42 15.85 1.06 0.15
N GLU B 43 15.64 1.99 -0.79
CA GLU B 43 16.67 2.90 -1.27
C GLU B 43 16.10 4.32 -1.36
N ASN B 44 16.98 5.31 -1.56
CA ASN B 44 16.58 6.71 -1.58
C ASN B 44 15.94 7.14 -2.91
N LYS B 45 15.84 6.22 -3.88
CA LYS B 45 15.28 6.51 -5.19
C LYS B 45 13.75 6.51 -5.12
N THR B 46 13.09 6.84 -6.23
CA THR B 46 11.63 6.87 -6.31
C THR B 46 11.27 6.50 -7.75
N TYR B 47 9.97 6.52 -8.05
CA TYR B 47 9.43 6.06 -9.33
C TYR B 47 9.98 6.91 -10.46
N ALA B 48 10.44 8.14 -10.15
CA ALA B 48 10.97 9.04 -11.16
C ALA B 48 12.36 8.58 -11.62
N ASP B 49 13.05 7.78 -10.81
CA ASP B 49 14.37 7.28 -11.15
C ASP B 49 14.34 5.99 -11.94
N VAL B 50 13.19 5.28 -11.93
CA VAL B 50 13.01 4.03 -12.66
C VAL B 50 12.03 4.16 -13.82
N ASN B 51 11.49 5.36 -14.02
CA ASN B 51 10.61 5.68 -15.15
C ASN B 51 9.38 4.76 -15.22
N ILE B 52 8.86 4.33 -14.07
CA ILE B 52 7.67 3.48 -14.04
C ILE B 52 6.43 4.36 -13.88
N ASP B 53 5.28 3.91 -14.39
CA ASP B 53 4.04 4.64 -14.22
C ASP B 53 3.68 4.77 -12.75
N ARG B 54 3.20 5.96 -12.34
CA ARG B 54 2.90 6.21 -10.94
C ARG B 54 1.69 5.39 -10.49
N SER B 55 0.82 5.02 -11.43
CA SER B 55 -0.34 4.19 -11.15
C SER B 55 0.12 2.77 -10.77
N ARG B 56 1.14 2.26 -11.49
CA ARG B 56 1.67 0.94 -11.24
C ARG B 56 2.59 0.95 -10.02
N GLY B 57 3.34 2.04 -9.84
CA GLY B 57 4.28 2.16 -8.74
C GLY B 57 3.55 2.04 -7.41
N ASP B 58 2.41 2.73 -7.27
CA ASP B 58 1.62 2.68 -6.06
C ASP B 58 0.98 1.30 -5.86
N TRP B 59 0.52 0.70 -6.95
CA TRP B 59 -0.19 -0.57 -6.88
C TRP B 59 0.74 -1.75 -6.55
N HIS B 60 1.98 -1.70 -7.05
CA HIS B 60 2.94 -2.76 -6.78
C HIS B 60 3.40 -2.76 -5.32
N VAL B 61 3.61 -1.57 -4.75
CA VAL B 61 4.07 -1.49 -3.37
C VAL B 61 2.92 -1.74 -2.38
N ILE B 62 1.70 -1.34 -2.73
CA ILE B 62 0.55 -1.57 -1.85
C ILE B 62 0.26 -3.06 -1.75
N LEU B 63 0.42 -3.80 -2.85
CA LEU B 63 0.22 -5.24 -2.82
C LEU B 63 1.26 -5.91 -1.93
N TYR B 64 2.52 -5.47 -2.00
CA TYR B 64 3.60 -6.14 -1.30
C TYR B 64 3.53 -5.80 0.20
N LEU B 65 3.17 -4.56 0.53
CA LEU B 65 3.08 -4.13 1.92
C LEU B 65 1.93 -4.84 2.62
N MET B 66 0.83 -5.10 1.90
CA MET B 66 -0.32 -5.79 2.46
C MET B 66 -0.10 -7.30 2.48
N LYS B 67 0.70 -7.82 1.54
CA LYS B 67 1.01 -9.24 1.46
C LYS B 67 1.98 -9.65 2.59
N HIS B 68 2.51 -8.66 3.32
CA HIS B 68 3.38 -8.90 4.46
C HIS B 68 2.61 -9.55 5.61
N GLY B 69 1.30 -9.80 5.43
CA GLY B 69 0.48 -10.45 6.44
C GLY B 69 -0.16 -9.44 7.39
N VAL B 70 -0.15 -8.17 7.02
CA VAL B 70 -0.71 -7.10 7.84
C VAL B 70 -1.17 -5.99 6.90
N THR B 71 -2.30 -5.35 7.22
CA THR B 71 -2.85 -4.28 6.41
C THR B 71 -3.46 -3.16 7.23
N ASP B 72 -3.34 -1.92 6.74
CA ASP B 72 -3.93 -0.75 7.38
C ASP B 72 -3.89 0.47 6.45
N PRO B 73 -5.06 1.07 6.13
CA PRO B 73 -5.14 2.23 5.26
C PRO B 73 -4.27 3.39 5.71
N ASP B 74 -4.08 3.54 7.02
CA ASP B 74 -3.36 4.69 7.55
C ASP B 74 -1.88 4.67 7.23
N LYS B 75 -1.21 3.53 7.45
CA LYS B 75 0.23 3.44 7.19
C LYS B 75 0.53 3.52 5.70
N ILE B 76 -0.41 3.06 4.87
CA ILE B 76 -0.25 3.10 3.43
C ILE B 76 -0.22 4.55 2.95
N LEU B 77 -0.98 5.42 3.60
CA LEU B 77 -1.01 6.83 3.24
C LEU B 77 0.12 7.60 3.93
N GLU B 78 0.53 7.16 5.13
CA GLU B 78 1.56 7.84 5.90
C GLU B 78 2.95 7.61 5.32
N LEU B 79 3.09 6.72 4.34
CA LEU B 79 4.34 6.60 3.59
C LEU B 79 4.54 7.82 2.69
N LEU B 80 3.45 8.56 2.43
CA LEU B 80 3.43 9.79 1.64
C LEU B 80 4.46 9.80 0.50
N PRO B 81 4.39 8.83 -0.43
CA PRO B 81 5.33 8.75 -1.53
C PRO B 81 5.32 10.04 -2.35
N ARG B 82 6.46 10.37 -2.95
CA ARG B 82 6.64 11.65 -3.61
C ARG B 82 5.69 11.84 -4.78
N ASP B 83 5.44 10.76 -5.54
CA ASP B 83 4.67 10.83 -6.77
C ASP B 83 3.35 10.03 -6.71
N SER B 84 2.94 9.57 -5.53
CA SER B 84 1.74 8.76 -5.40
C SER B 84 0.50 9.56 -5.78
N LYS B 85 -0.39 8.95 -6.58
CA LYS B 85 -1.62 9.62 -7.02
C LYS B 85 -2.64 9.66 -5.89
N ALA B 86 -2.42 8.90 -4.83
CA ALA B 86 -3.30 8.89 -3.67
C ALA B 86 -2.90 9.99 -2.68
N LYS B 87 -1.76 10.66 -2.93
CA LYS B 87 -1.22 11.65 -2.00
C LYS B 87 -1.29 13.07 -2.57
N GLU B 88 -1.56 13.22 -3.87
CA GLU B 88 -1.67 14.54 -4.48
C GLU B 88 -2.79 15.33 -3.83
N ASN B 89 -3.94 14.67 -3.61
CA ASN B 89 -5.11 15.26 -2.96
C ASN B 89 -5.55 16.58 -3.62
N GLU B 90 -5.14 16.82 -4.87
CA GLU B 90 -5.55 18.01 -5.60
C GLU B 90 -7.00 17.88 -6.05
N LYS B 91 -7.54 16.65 -6.05
CA LYS B 91 -8.90 16.36 -6.47
C LYS B 91 -9.46 15.21 -5.64
N TRP B 92 -10.79 15.11 -5.60
CA TRP B 92 -11.46 14.02 -4.90
C TRP B 92 -11.20 12.68 -5.57
N ASN B 93 -10.65 12.70 -6.77
CA ASN B 93 -10.34 11.49 -7.52
C ASN B 93 -9.28 10.66 -6.79
N THR B 94 -8.40 11.34 -6.03
CA THR B 94 -7.34 10.66 -5.29
C THR B 94 -7.89 9.87 -4.10
N GLN B 95 -9.02 10.30 -3.54
CA GLN B 95 -9.65 9.59 -2.44
C GLN B 95 -10.41 8.38 -2.96
N LYS B 96 -10.96 8.49 -4.17
CA LYS B 96 -11.68 7.40 -4.82
C LYS B 96 -10.67 6.34 -5.26
N TYR B 97 -9.50 6.76 -5.72
CA TYR B 97 -8.43 5.84 -6.09
C TYR B 97 -7.79 5.16 -4.88
N PHE B 98 -7.70 5.89 -3.76
CA PHE B 98 -7.12 5.38 -2.53
C PHE B 98 -7.93 4.22 -1.93
N VAL B 99 -9.25 4.28 -2.06
CA VAL B 99 -10.10 3.20 -1.57
C VAL B 99 -10.15 2.04 -2.57
N ILE B 100 -9.88 2.31 -3.85
CA ILE B 100 -9.84 1.25 -4.86
C ILE B 100 -8.61 0.37 -4.64
N THR B 101 -7.45 0.97 -4.35
CA THR B 101 -6.23 0.19 -4.18
C THR B 101 -6.36 -0.66 -2.92
N LEU B 102 -6.98 -0.12 -1.87
CA LEU B 102 -7.17 -0.86 -0.64
C LEU B 102 -8.16 -2.02 -0.84
N SER B 103 -9.19 -1.79 -1.65
CA SER B 103 -10.23 -2.80 -1.86
C SER B 103 -9.72 -3.94 -2.74
N LYS B 104 -9.05 -3.59 -3.84
CA LYS B 104 -8.58 -4.56 -4.81
C LYS B 104 -7.35 -5.30 -4.30
N ALA B 105 -6.45 -4.61 -3.59
CA ALA B 105 -5.25 -5.24 -3.08
C ALA B 105 -5.62 -6.24 -1.98
N TRP B 106 -6.63 -5.92 -1.17
CA TRP B 106 -7.05 -6.82 -0.11
C TRP B 106 -7.76 -8.04 -0.68
N SER B 107 -8.38 -7.92 -1.85
CA SER B 107 -9.02 -9.06 -2.49
C SER B 107 -7.96 -10.10 -2.86
N VAL B 108 -6.80 -9.64 -3.35
CA VAL B 108 -5.72 -10.53 -3.74
C VAL B 108 -4.97 -11.05 -2.53
N VAL B 109 -4.73 -10.18 -1.53
CA VAL B 109 -3.97 -10.57 -0.35
C VAL B 109 -4.79 -11.56 0.48
N LYS B 110 -6.11 -11.33 0.60
CA LYS B 110 -6.94 -12.24 1.38
C LYS B 110 -7.01 -13.59 0.68
N LYS B 111 -7.00 -13.60 -0.66
CA LYS B 111 -7.03 -14.83 -1.43
C LYS B 111 -5.75 -15.65 -1.18
N TYR B 112 -4.64 -14.97 -0.87
CA TYR B 112 -3.37 -15.64 -0.61
C TYR B 112 -3.08 -15.95 0.86
N LEU B 113 -3.73 -15.24 1.78
CA LEU B 113 -3.56 -15.50 3.20
C LEU B 113 -4.55 -16.57 3.68
N GLU B 114 -5.72 -16.64 3.04
CA GLU B 114 -6.74 -17.63 3.40
C GLU B 114 -6.69 -18.79 2.42
N ALA B 115 -5.82 -19.77 2.70
CA ALA B 115 -5.65 -20.94 1.86
C ALA B 115 -5.13 -22.11 2.69
N THR B 1 -24.04 -1.02 -1.74
CA THR B 1 -22.60 -0.82 -2.05
C THR B 1 -21.80 -0.31 -0.85
N VAL B 2 -22.23 0.80 -0.25
CA VAL B 2 -21.52 1.41 0.88
C VAL B 2 -21.41 0.43 2.05
N VAL B 3 -22.40 -0.45 2.21
CA VAL B 3 -22.38 -1.42 3.30
C VAL B 3 -21.26 -2.45 3.12
N GLU B 4 -20.84 -2.69 1.88
CA GLU B 4 -19.77 -3.63 1.60
C GLU B 4 -18.43 -2.99 1.93
N PHE B 5 -18.32 -1.67 1.73
CA PHE B 5 -17.11 -0.94 2.07
C PHE B 5 -16.90 -0.77 3.58
N GLU B 6 -17.99 -0.79 4.35
CA GLU B 6 -17.91 -0.68 5.81
C GLU B 6 -17.48 -2.00 6.43
N GLU B 7 -17.87 -3.13 5.80
CA GLU B 7 -17.46 -4.44 6.29
C GLU B 7 -15.96 -4.66 6.03
N LEU B 8 -15.45 -4.13 4.91
CA LEU B 8 -14.04 -4.26 4.58
C LEU B 8 -13.22 -3.25 5.39
N ARG B 9 -13.83 -2.13 5.79
CA ARG B 9 -13.18 -1.13 6.61
C ARG B 9 -12.83 -1.73 7.98
N LYS B 10 -13.72 -2.58 8.51
CA LYS B 10 -13.48 -3.25 9.78
C LYS B 10 -12.52 -4.41 9.61
N GLU B 11 -12.46 -5.02 8.42
CA GLU B 11 -11.49 -6.08 8.21
C GLU B 11 -10.07 -5.50 8.15
N LEU B 12 -9.92 -4.35 7.47
CA LEU B 12 -8.62 -3.73 7.30
C LEU B 12 -8.09 -3.19 8.63
N VAL B 13 -8.97 -2.82 9.57
CA VAL B 13 -8.54 -2.32 10.86
C VAL B 13 -8.09 -3.42 11.80
N LYS B 14 -8.61 -4.65 11.62
CA LYS B 14 -8.19 -5.79 12.42
C LYS B 14 -6.84 -6.34 11.97
N ARG B 15 -6.49 -6.11 10.70
CA ARG B 15 -5.23 -6.60 10.13
C ARG B 15 -4.05 -5.69 10.48
N ASP B 16 -4.32 -4.58 11.19
CA ASP B 16 -3.28 -3.62 11.55
C ASP B 16 -2.37 -4.15 12.65
N SER B 17 -1.06 -3.94 12.50
CA SER B 17 -0.06 -4.40 13.46
C SER B 17 0.08 -3.45 14.65
N GLY B 18 -0.55 -2.26 14.55
CA GLY B 18 -0.55 -1.29 15.64
C GLY B 18 0.73 -0.45 15.68
N LYS B 19 1.54 -0.53 14.63
CA LYS B 19 2.78 0.24 14.53
C LYS B 19 2.87 0.90 13.16
N PRO B 20 3.59 2.03 13.05
CA PRO B 20 3.70 2.80 11.83
C PRO B 20 4.53 2.05 10.78
N VAL B 21 4.35 2.42 9.51
CA VAL B 21 5.02 1.77 8.40
C VAL B 21 6.54 1.85 8.48
N GLU B 22 7.05 2.80 9.27
CA GLU B 22 8.48 2.97 9.46
C GLU B 22 9.10 1.71 10.06
N LYS B 23 8.31 0.91 10.78
CA LYS B 23 8.77 -0.35 11.34
C LYS B 23 8.61 -1.47 10.32
N ILE B 24 7.60 -1.38 9.46
CA ILE B 24 7.29 -2.41 8.48
C ILE B 24 8.37 -2.46 7.39
N LYS B 25 8.86 -1.29 6.97
CA LYS B 25 9.84 -1.22 5.89
C LYS B 25 11.21 -1.74 6.35
N GLU B 26 11.46 -1.72 7.65
CA GLU B 26 12.69 -2.28 8.20
C GLU B 26 12.59 -3.80 8.30
N GLU B 27 11.37 -4.32 8.51
CA GLU B 27 11.14 -5.75 8.57
C GLU B 27 11.11 -6.36 7.17
N ILE B 28 10.83 -5.55 6.16
CA ILE B 28 10.76 -6.02 4.78
C ILE B 28 12.12 -5.90 4.09
N CYS B 29 12.84 -4.80 4.30
CA CYS B 29 14.08 -4.56 3.59
C CYS B 29 15.18 -5.51 4.05
N THR B 30 15.11 -5.97 5.30
CA THR B 30 16.10 -6.89 5.84
C THR B 30 15.99 -8.29 5.22
N LYS B 31 14.88 -8.54 4.52
CA LYS B 31 14.63 -9.82 3.86
C LYS B 31 15.00 -9.77 2.38
N SER B 32 15.65 -8.69 1.95
CA SER B 32 16.07 -8.47 0.56
C SER B 32 14.88 -8.66 -0.39
N PRO B 33 13.96 -7.70 -0.40
CA PRO B 33 12.76 -7.71 -1.24
C PRO B 33 13.13 -7.47 -2.70
N PRO B 34 12.18 -7.63 -3.62
CA PRO B 34 12.38 -7.42 -5.05
C PRO B 34 12.98 -6.05 -5.33
N LYS B 35 13.65 -5.91 -6.47
CA LYS B 35 14.40 -4.69 -6.80
C LYS B 35 13.48 -3.47 -6.87
N LEU B 36 12.21 -3.66 -7.22
CA LEU B 36 11.26 -2.56 -7.27
C LEU B 36 10.94 -2.09 -5.85
N ILE B 37 10.65 -3.03 -4.95
CA ILE B 37 10.27 -2.71 -3.58
C ILE B 37 11.48 -2.16 -2.82
N LYS B 38 12.67 -2.72 -3.09
CA LYS B 38 13.88 -2.35 -2.36
C LYS B 38 14.30 -0.92 -2.69
N GLU B 39 14.20 -0.53 -3.95
CA GLU B 39 14.67 0.77 -4.40
C GLU B 39 13.66 1.89 -4.11
N ILE B 40 12.39 1.55 -3.92
CA ILE B 40 11.36 2.57 -3.72
C ILE B 40 11.01 2.73 -2.24
N ILE B 41 11.10 1.67 -1.44
CA ILE B 41 10.71 1.73 -0.03
C ILE B 41 11.91 1.88 0.89
N CYS B 42 13.01 1.17 0.60
CA CYS B 42 14.15 1.15 1.52
C CYS B 42 15.16 2.24 1.16
N GLU B 43 14.85 3.05 0.15
CA GLU B 43 15.70 4.16 -0.26
C GLU B 43 14.87 5.43 -0.44
N ASN B 44 15.54 6.59 -0.46
CA ASN B 44 14.89 7.88 -0.59
C ASN B 44 14.42 8.14 -2.02
N LYS B 45 14.66 7.19 -2.93
CA LYS B 45 14.27 7.30 -4.33
C LYS B 45 12.75 7.17 -4.47
N THR B 46 12.26 7.36 -5.69
CA THR B 46 10.85 7.23 -6.01
C THR B 46 10.60 6.68 -7.41
N TYR B 47 9.34 6.58 -7.81
CA TYR B 47 8.96 5.99 -9.09
C TYR B 47 9.53 6.84 -10.24
N ALA B 48 9.86 8.10 -9.96
CA ALA B 48 10.43 8.99 -10.95
C ALA B 48 11.88 8.61 -11.26
N ASP B 49 12.54 7.89 -10.34
CA ASP B 49 13.92 7.48 -10.50
C ASP B 49 14.05 6.14 -11.24
N VAL B 50 12.98 5.34 -11.24
CA VAL B 50 12.95 4.07 -11.94
C VAL B 50 12.07 4.10 -13.19
N ASN B 51 11.53 5.29 -13.51
CA ASN B 51 10.75 5.55 -14.71
C ASN B 51 9.53 4.65 -14.84
N ILE B 52 8.96 4.21 -13.71
CA ILE B 52 7.75 3.40 -13.70
C ILE B 52 6.52 4.31 -13.55
N ASP B 53 5.35 3.83 -13.99
CA ASP B 53 4.12 4.61 -13.90
C ASP B 53 3.81 4.87 -12.43
N ARG B 54 3.25 6.04 -12.12
CA ARG B 54 2.90 6.37 -10.75
C ARG B 54 1.70 5.57 -10.28
N SER B 55 0.77 5.29 -11.19
CA SER B 55 -0.43 4.52 -10.89
C SER B 55 -0.05 3.07 -10.58
N ARG B 56 0.88 2.51 -11.37
CA ARG B 56 1.27 1.12 -11.25
C ARG B 56 2.31 0.96 -10.14
N GLY B 57 3.14 1.98 -9.92
CA GLY B 57 4.15 1.95 -8.88
C GLY B 57 3.49 1.91 -7.52
N ASP B 58 2.46 2.73 -7.30
CA ASP B 58 1.71 2.72 -6.07
C ASP B 58 1.04 1.37 -5.83
N TRP B 59 0.57 0.74 -6.91
CA TRP B 59 -0.10 -0.55 -6.82
C TRP B 59 0.87 -1.69 -6.49
N HIS B 60 2.11 -1.61 -7.00
CA HIS B 60 3.10 -2.63 -6.75
C HIS B 60 3.52 -2.65 -5.29
N VAL B 61 3.72 -1.48 -4.68
CA VAL B 61 4.15 -1.40 -3.29
C VAL B 61 3.00 -1.72 -2.35
N ILE B 62 1.77 -1.36 -2.71
CA ILE B 62 0.61 -1.63 -1.86
C ILE B 62 0.35 -3.12 -1.79
N LEU B 63 0.54 -3.84 -2.90
CA LEU B 63 0.36 -5.28 -2.89
C LEU B 63 1.37 -5.94 -1.96
N TYR B 64 2.63 -5.50 -1.99
CA TYR B 64 3.68 -6.18 -1.25
C TYR B 64 3.55 -5.81 0.24
N LEU B 65 3.20 -4.56 0.54
CA LEU B 65 3.08 -4.12 1.93
C LEU B 65 1.92 -4.82 2.62
N MET B 66 0.82 -5.05 1.91
CA MET B 66 -0.34 -5.73 2.47
C MET B 66 -0.13 -7.25 2.49
N LYS B 67 0.68 -7.78 1.56
CA LYS B 67 0.98 -9.20 1.49
C LYS B 67 1.95 -9.60 2.60
N HIS B 68 2.50 -8.61 3.31
CA HIS B 68 3.40 -8.85 4.43
C HIS B 68 2.66 -9.47 5.61
N GLY B 69 1.35 -9.71 5.47
CA GLY B 69 0.54 -10.33 6.51
C GLY B 69 -0.05 -9.28 7.45
N VAL B 70 -0.04 -8.02 7.03
CA VAL B 70 -0.55 -6.90 7.83
C VAL B 70 -1.06 -5.84 6.87
N THR B 71 -2.16 -5.17 7.24
CA THR B 71 -2.73 -4.10 6.43
C THR B 71 -3.22 -2.93 7.28
N ASP B 72 -3.04 -1.72 6.75
CA ASP B 72 -3.45 -0.49 7.40
C ASP B 72 -3.38 0.68 6.42
N PRO B 73 -4.51 1.33 6.12
CA PRO B 73 -4.56 2.44 5.19
C PRO B 73 -3.57 3.54 5.54
N ASP B 74 -3.28 3.72 6.84
CA ASP B 74 -2.38 4.78 7.28
C ASP B 74 -0.93 4.53 6.86
N LYS B 75 -0.56 3.25 6.65
CA LYS B 75 0.79 2.92 6.23
C LYS B 75 1.03 3.32 4.79
N ILE B 76 0.00 3.21 3.95
CA ILE B 76 0.10 3.54 2.54
C ILE B 76 0.27 5.05 2.38
N LEU B 77 -0.39 5.84 3.23
CA LEU B 77 -0.30 7.28 3.14
C LEU B 77 0.96 7.79 3.83
N GLU B 78 1.39 7.16 4.92
CA GLU B 78 2.58 7.56 5.66
C GLU B 78 3.86 6.96 5.06
N LEU B 79 3.74 6.26 3.93
CA LEU B 79 4.91 5.81 3.18
C LEU B 79 5.62 7.03 2.55
N LEU B 80 4.92 8.17 2.51
CA LEU B 80 5.43 9.44 2.02
C LEU B 80 6.06 9.33 0.62
N PRO B 81 5.39 8.68 -0.35
CA PRO B 81 5.82 8.69 -1.72
C PRO B 81 5.75 10.11 -2.26
N ARG B 82 6.68 10.47 -3.14
CA ARG B 82 6.85 11.85 -3.58
C ARG B 82 5.80 12.27 -4.63
N ASP B 83 5.30 11.30 -5.40
CA ASP B 83 4.39 11.59 -6.51
C ASP B 83 3.19 10.65 -6.60
N SER B 84 2.79 10.05 -5.47
CA SER B 84 1.67 9.13 -5.45
C SER B 84 0.37 9.83 -5.83
N LYS B 85 -0.48 9.16 -6.61
CA LYS B 85 -1.74 9.73 -7.10
C LYS B 85 -2.71 9.97 -5.96
N ALA B 86 -2.42 9.44 -4.77
CA ALA B 86 -3.29 9.58 -3.61
C ALA B 86 -3.09 10.93 -2.91
N LYS B 87 -2.12 11.73 -3.36
CA LYS B 87 -1.86 13.04 -2.76
C LYS B 87 -1.40 14.07 -3.79
N GLU B 88 -1.46 13.74 -5.08
CA GLU B 88 -1.09 14.68 -6.14
C GLU B 88 -2.11 15.79 -6.30
N ASN B 89 -3.32 15.60 -5.77
CA ASN B 89 -4.39 16.57 -5.87
C ASN B 89 -5.32 16.50 -4.67
N GLU B 90 -5.98 17.60 -4.35
CA GLU B 90 -6.96 17.66 -3.27
C GLU B 90 -8.34 17.20 -3.77
N LYS B 91 -8.45 16.91 -5.07
CA LYS B 91 -9.70 16.49 -5.69
C LYS B 91 -10.14 15.12 -5.17
N TRP B 92 -11.42 14.81 -5.36
CA TRP B 92 -12.01 13.56 -4.93
C TRP B 92 -11.47 12.37 -5.72
N ASN B 93 -10.78 12.63 -6.83
CA ASN B 93 -10.22 11.58 -7.66
C ASN B 93 -9.18 10.79 -6.88
N THR B 94 -8.40 11.47 -6.04
CA THR B 94 -7.38 10.83 -5.24
C THR B 94 -7.95 10.08 -4.04
N GLN B 95 -9.12 10.51 -3.55
CA GLN B 95 -9.77 9.85 -2.44
C GLN B 95 -10.44 8.55 -2.90
N LYS B 96 -11.08 8.57 -4.07
CA LYS B 96 -11.74 7.39 -4.60
C LYS B 96 -10.71 6.37 -5.07
N TYR B 97 -9.55 6.84 -5.56
CA TYR B 97 -8.46 5.95 -5.93
C TYR B 97 -7.84 5.25 -4.72
N PHE B 98 -7.83 5.94 -3.58
CA PHE B 98 -7.28 5.38 -2.36
C PHE B 98 -8.18 4.24 -1.89
N VAL B 99 -9.47 4.30 -2.18
CA VAL B 99 -10.40 3.23 -1.86
C VAL B 99 -10.25 2.08 -2.86
N ILE B 100 -9.90 2.38 -4.12
CA ILE B 100 -9.74 1.36 -5.14
C ILE B 100 -8.54 0.48 -4.82
N THR B 101 -7.43 1.07 -4.37
CA THR B 101 -6.23 0.31 -4.08
C THR B 101 -6.46 -0.55 -2.84
N LEU B 102 -7.18 -0.02 -1.84
CA LEU B 102 -7.45 -0.77 -0.62
C LEU B 102 -8.40 -1.93 -0.92
N SER B 103 -9.35 -1.73 -1.84
CA SER B 103 -10.34 -2.73 -2.15
C SER B 103 -9.73 -3.88 -2.96
N LYS B 104 -8.94 -3.53 -3.99
CA LYS B 104 -8.39 -4.52 -4.89
C LYS B 104 -7.17 -5.22 -4.30
N ALA B 105 -6.34 -4.49 -3.53
CA ALA B 105 -5.15 -5.08 -2.96
C ALA B 105 -5.53 -6.10 -1.89
N TRP B 106 -6.56 -5.79 -1.10
CA TRP B 106 -6.99 -6.70 -0.04
C TRP B 106 -7.75 -7.90 -0.63
N SER B 107 -8.35 -7.74 -1.81
CA SER B 107 -9.01 -8.86 -2.46
C SER B 107 -8.00 -9.92 -2.86
N VAL B 108 -6.81 -9.50 -3.28
CA VAL B 108 -5.74 -10.42 -3.67
C VAL B 108 -5.09 -11.02 -2.44
N VAL B 109 -4.84 -10.19 -1.41
CA VAL B 109 -4.16 -10.67 -0.22
C VAL B 109 -5.07 -11.61 0.55
N LYS B 110 -6.38 -11.31 0.62
CA LYS B 110 -7.32 -12.17 1.33
C LYS B 110 -7.47 -13.50 0.60
N LYS B 111 -7.33 -13.48 -0.74
CA LYS B 111 -7.37 -14.69 -1.54
C LYS B 111 -6.16 -15.57 -1.25
N TYR B 112 -5.01 -14.96 -0.94
CA TYR B 112 -3.81 -15.69 -0.60
C TYR B 112 -3.70 -16.11 0.86
N LEU B 113 -4.45 -15.44 1.75
CA LEU B 113 -4.52 -15.83 3.15
C LEU B 113 -5.53 -16.96 3.33
N GLU B 114 -6.40 -17.16 2.35
CA GLU B 114 -7.36 -18.25 2.36
C GLU B 114 -6.64 -19.53 1.94
N ALA B 115 -6.02 -20.22 2.91
CA ALA B 115 -5.30 -21.46 2.67
C ALA B 115 -5.29 -22.32 3.93
N THR B 1 -23.83 -1.33 -1.69
CA THR B 1 -22.53 -0.72 -1.99
C THR B 1 -21.79 -0.21 -0.77
N VAL B 2 -22.37 0.78 -0.07
CA VAL B 2 -21.75 1.40 1.09
C VAL B 2 -21.62 0.39 2.24
N VAL B 3 -22.57 -0.54 2.34
CA VAL B 3 -22.55 -1.54 3.40
C VAL B 3 -21.35 -2.46 3.24
N GLU B 4 -20.99 -2.78 1.99
CA GLU B 4 -19.86 -3.64 1.72
C GLU B 4 -18.54 -2.93 2.00
N PHE B 5 -18.52 -1.60 1.87
CA PHE B 5 -17.34 -0.82 2.21
C PHE B 5 -17.10 -0.67 3.71
N GLU B 6 -18.17 -0.71 4.52
CA GLU B 6 -18.05 -0.63 5.96
C GLU B 6 -17.57 -1.97 6.53
N GLU B 7 -17.91 -3.07 5.87
CA GLU B 7 -17.43 -4.39 6.28
C GLU B 7 -15.95 -4.55 5.95
N LEU B 8 -15.51 -3.95 4.84
CA LEU B 8 -14.12 -3.96 4.44
C LEU B 8 -13.31 -3.06 5.37
N ARG B 9 -13.92 -1.94 5.80
CA ARG B 9 -13.28 -0.97 6.67
C ARG B 9 -12.92 -1.60 8.01
N LYS B 10 -13.78 -2.47 8.54
CA LYS B 10 -13.55 -3.12 9.81
C LYS B 10 -12.58 -4.30 9.65
N GLU B 11 -12.50 -4.87 8.46
CA GLU B 11 -11.57 -5.97 8.22
C GLU B 11 -10.14 -5.43 8.16
N LEU B 12 -9.98 -4.20 7.66
CA LEU B 12 -8.67 -3.57 7.56
C LEU B 12 -8.22 -3.06 8.94
N VAL B 13 -9.14 -2.55 9.76
CA VAL B 13 -8.75 -2.01 11.06
C VAL B 13 -8.28 -3.10 12.02
N LYS B 14 -8.76 -4.33 11.82
CA LYS B 14 -8.31 -5.47 12.62
C LYS B 14 -7.02 -6.06 12.06
N ARG B 15 -6.74 -5.83 10.77
CA ARG B 15 -5.53 -6.32 10.12
C ARG B 15 -4.30 -5.46 10.44
N ASP B 16 -4.51 -4.31 11.09
CA ASP B 16 -3.40 -3.41 11.42
C ASP B 16 -2.51 -3.98 12.53
N SER B 17 -1.18 -3.90 12.34
CA SER B 17 -0.23 -4.42 13.30
C SER B 17 0.05 -3.42 14.43
N GLY B 18 -0.54 -2.22 14.34
CA GLY B 18 -0.42 -1.22 15.39
C GLY B 18 0.88 -0.43 15.30
N LYS B 19 1.58 -0.53 14.17
CA LYS B 19 2.87 0.14 13.99
C LYS B 19 2.92 0.85 12.62
N PRO B 20 3.68 1.96 12.53
CA PRO B 20 3.83 2.73 11.31
C PRO B 20 4.71 2.01 10.30
N VAL B 21 4.65 2.45 9.03
CA VAL B 21 5.44 1.86 7.95
C VAL B 21 6.93 2.05 8.16
N GLU B 22 7.31 3.05 8.96
CA GLU B 22 8.72 3.37 9.17
C GLU B 22 9.50 2.19 9.72
N LYS B 23 8.86 1.37 10.56
CA LYS B 23 9.51 0.19 11.12
C LYS B 23 9.32 -1.01 10.20
N ILE B 24 8.24 -1.02 9.42
CA ILE B 24 7.89 -2.15 8.59
C ILE B 24 8.83 -2.25 7.38
N LYS B 25 9.24 -1.11 6.80
CA LYS B 25 10.10 -1.12 5.63
C LYS B 25 11.52 -1.53 6.01
N GLU B 26 11.89 -1.37 7.28
CA GLU B 26 13.19 -1.81 7.76
C GLU B 26 13.21 -3.32 7.95
N GLU B 27 12.05 -3.91 8.27
CA GLU B 27 11.92 -5.36 8.36
C GLU B 27 11.85 -5.98 6.98
N ILE B 28 11.45 -5.20 5.97
CA ILE B 28 11.32 -5.68 4.60
C ILE B 28 12.66 -5.63 3.87
N CYS B 29 13.58 -4.75 4.29
CA CYS B 29 14.87 -4.62 3.62
C CYS B 29 15.65 -5.94 3.63
N THR B 30 15.45 -6.76 4.66
CA THR B 30 16.19 -8.02 4.80
C THR B 30 15.54 -9.20 4.10
N LYS B 31 14.30 -9.02 3.62
CA LYS B 31 13.56 -10.09 2.96
C LYS B 31 13.99 -10.26 1.51
N SER B 32 14.96 -9.45 1.07
CA SER B 32 15.41 -9.42 -0.33
C SER B 32 14.23 -9.33 -1.29
N PRO B 33 13.43 -8.25 -1.21
CA PRO B 33 12.25 -8.06 -2.05
C PRO B 33 12.61 -7.99 -3.52
N PRO B 34 11.61 -8.05 -4.41
CA PRO B 34 11.79 -7.85 -5.83
C PRO B 34 12.52 -6.54 -6.11
N LYS B 35 13.16 -6.44 -7.29
CA LYS B 35 14.01 -5.30 -7.61
C LYS B 35 13.24 -3.99 -7.53
N LEU B 36 11.96 -4.00 -7.91
CA LEU B 36 11.13 -2.80 -7.89
C LEU B 36 10.73 -2.46 -6.46
N ILE B 37 10.43 -3.47 -5.65
CA ILE B 37 9.96 -3.24 -4.30
C ILE B 37 11.08 -2.68 -3.42
N LYS B 38 12.28 -3.25 -3.52
CA LYS B 38 13.41 -2.81 -2.72
C LYS B 38 13.85 -1.41 -3.16
N GLU B 39 13.71 -1.11 -4.46
CA GLU B 39 14.15 0.15 -5.02
C GLU B 39 13.29 1.32 -4.49
N ILE B 40 12.02 1.06 -4.17
CA ILE B 40 11.14 2.14 -3.73
C ILE B 40 10.88 2.08 -2.22
N ILE B 41 10.86 0.89 -1.61
CA ILE B 41 10.54 0.76 -0.20
C ILE B 41 11.77 0.87 0.69
N CYS B 42 12.81 0.08 0.41
CA CYS B 42 13.96 0.04 1.30
C CYS B 42 14.85 1.27 1.08
N GLU B 43 15.01 1.70 -0.17
CA GLU B 43 15.79 2.88 -0.50
C GLU B 43 14.93 4.14 -0.35
N ASN B 44 15.56 5.31 -0.25
CA ASN B 44 14.86 6.58 -0.15
C ASN B 44 14.41 7.08 -1.52
N LYS B 45 14.75 6.32 -2.58
CA LYS B 45 14.41 6.67 -3.95
C LYS B 45 12.93 6.50 -4.23
N THR B 46 12.47 7.00 -5.38
CA THR B 46 11.06 6.93 -5.76
C THR B 46 10.86 6.53 -7.23
N TYR B 47 9.61 6.50 -7.68
CA TYR B 47 9.25 5.95 -8.98
C TYR B 47 9.87 6.79 -10.11
N ALA B 48 10.17 8.06 -9.85
CA ALA B 48 10.79 8.93 -10.85
C ALA B 48 12.25 8.57 -11.06
N ASP B 49 12.86 7.86 -10.10
CA ASP B 49 14.26 7.47 -10.17
C ASP B 49 14.41 6.17 -10.95
N VAL B 50 13.33 5.37 -11.02
CA VAL B 50 13.33 4.11 -11.76
C VAL B 50 12.49 4.18 -13.04
N ASN B 51 11.95 5.37 -13.34
CA ASN B 51 11.22 5.66 -14.56
C ASN B 51 10.00 4.75 -14.75
N ILE B 52 9.38 4.29 -13.66
CA ILE B 52 8.17 3.47 -13.74
C ILE B 52 6.95 4.37 -13.60
N ASP B 53 5.80 3.92 -14.12
CA ASP B 53 4.55 4.66 -13.97
C ASP B 53 4.20 4.85 -12.50
N ARG B 54 3.77 6.06 -12.13
CA ARG B 54 3.48 6.36 -10.72
C ARG B 54 2.22 5.65 -10.27
N SER B 55 1.29 5.40 -11.18
CA SER B 55 0.05 4.72 -10.87
C SER B 55 0.30 3.23 -10.61
N ARG B 56 1.17 2.62 -11.44
CA ARG B 56 1.47 1.20 -11.33
C ARG B 56 2.50 0.97 -10.23
N GLY B 57 3.38 1.95 -10.01
CA GLY B 57 4.38 1.86 -8.96
C GLY B 57 3.72 1.81 -7.59
N ASP B 58 2.69 2.64 -7.39
CA ASP B 58 1.92 2.62 -6.15
C ASP B 58 1.27 1.27 -5.93
N TRP B 59 0.66 0.72 -6.98
CA TRP B 59 -0.05 -0.55 -6.87
C TRP B 59 0.90 -1.71 -6.58
N HIS B 60 2.14 -1.64 -7.08
CA HIS B 60 3.13 -2.68 -6.83
C HIS B 60 3.54 -2.70 -5.36
N VAL B 61 3.81 -1.53 -4.77
CA VAL B 61 4.28 -1.48 -3.38
C VAL B 61 3.11 -1.68 -2.41
N ILE B 62 1.90 -1.27 -2.79
CA ILE B 62 0.74 -1.46 -1.93
C ILE B 62 0.43 -2.95 -1.79
N LEU B 63 0.63 -3.73 -2.86
CA LEU B 63 0.39 -5.17 -2.79
C LEU B 63 1.42 -5.82 -1.87
N TYR B 64 2.68 -5.41 -1.96
CA TYR B 64 3.74 -6.09 -1.21
C TYR B 64 3.64 -5.70 0.27
N LEU B 65 3.28 -4.45 0.56
CA LEU B 65 3.13 -3.99 1.94
C LEU B 65 1.97 -4.70 2.62
N MET B 66 0.90 -4.99 1.87
CA MET B 66 -0.23 -5.71 2.41
C MET B 66 0.03 -7.21 2.47
N LYS B 67 0.93 -7.70 1.60
CA LYS B 67 1.31 -9.11 1.58
C LYS B 67 2.27 -9.44 2.73
N HIS B 68 2.81 -8.41 3.38
CA HIS B 68 3.71 -8.57 4.52
C HIS B 68 2.96 -9.13 5.73
N GLY B 69 1.62 -9.25 5.64
CA GLY B 69 0.82 -9.85 6.71
C GLY B 69 0.14 -8.78 7.56
N VAL B 70 0.08 -7.53 7.08
CA VAL B 70 -0.55 -6.43 7.79
C VAL B 70 -1.14 -5.47 6.77
N THR B 71 -2.37 -5.01 7.01
CA THR B 71 -3.08 -4.15 6.07
C THR B 71 -3.98 -3.13 6.75
N ASP B 72 -3.88 -1.87 6.30
CA ASP B 72 -4.79 -0.80 6.72
C ASP B 72 -4.56 0.47 5.88
N PRO B 73 -5.54 1.37 5.82
CA PRO B 73 -5.47 2.58 5.01
C PRO B 73 -4.25 3.44 5.38
N ASP B 74 -3.85 3.41 6.64
CA ASP B 74 -2.75 4.24 7.12
C ASP B 74 -1.40 3.83 6.56
N LYS B 75 -1.25 2.55 6.16
CA LYS B 75 0.03 2.08 5.64
C LYS B 75 0.29 2.69 4.26
N ILE B 76 -0.76 2.86 3.45
CA ILE B 76 -0.61 3.39 2.11
C ILE B 76 -0.25 4.87 2.17
N LEU B 77 -0.83 5.59 3.12
CA LEU B 77 -0.60 7.02 3.24
C LEU B 77 0.66 7.34 4.04
N GLU B 78 0.99 6.51 5.04
CA GLU B 78 2.17 6.73 5.88
C GLU B 78 3.42 6.12 5.25
N LEU B 79 3.30 5.54 4.06
CA LEU B 79 4.46 5.12 3.28
C LEU B 79 5.29 6.35 2.87
N LEU B 80 4.67 7.53 2.94
CA LEU B 80 5.30 8.80 2.57
C LEU B 80 5.98 8.75 1.19
N PRO B 81 5.29 8.25 0.16
CA PRO B 81 5.80 8.27 -1.20
C PRO B 81 5.86 9.71 -1.71
N ARG B 82 6.87 10.02 -2.53
CA ARG B 82 7.10 11.36 -3.02
C ARG B 82 6.30 11.67 -4.28
N ASP B 83 5.90 10.63 -5.03
CA ASP B 83 5.29 10.78 -6.33
C ASP B 83 3.98 10.00 -6.48
N SER B 84 3.40 9.54 -5.37
CA SER B 84 2.17 8.76 -5.40
C SER B 84 0.99 9.58 -5.87
N LYS B 85 0.02 8.90 -6.52
CA LYS B 85 -1.19 9.55 -7.01
C LYS B 85 -2.09 9.95 -5.84
N ALA B 86 -1.97 9.26 -4.71
CA ALA B 86 -2.82 9.51 -3.54
C ALA B 86 -2.36 10.76 -2.77
N LYS B 87 -1.19 11.31 -3.14
CA LYS B 87 -0.63 12.48 -2.47
C LYS B 87 -1.01 13.79 -3.17
N GLU B 88 -1.64 13.71 -4.35
CA GLU B 88 -1.98 14.91 -5.11
C GLU B 88 -3.10 15.68 -4.43
N ASN B 89 -4.19 14.98 -4.06
CA ASN B 89 -5.33 15.56 -3.37
C ASN B 89 -5.89 16.80 -4.09
N GLU B 90 -5.59 16.94 -5.40
CA GLU B 90 -6.03 18.09 -6.17
C GLU B 90 -7.53 18.02 -6.47
N LYS B 91 -8.08 16.80 -6.46
CA LYS B 91 -9.49 16.56 -6.76
C LYS B 91 -10.02 15.40 -5.91
N TRP B 92 -11.35 15.24 -5.88
CA TRP B 92 -11.99 14.15 -5.15
C TRP B 92 -11.61 12.80 -5.77
N ASN B 93 -11.05 12.82 -6.99
CA ASN B 93 -10.61 11.61 -7.66
C ASN B 93 -9.51 10.92 -6.85
N THR B 94 -8.82 11.68 -5.98
CA THR B 94 -7.79 11.12 -5.11
C THR B 94 -8.36 10.19 -4.05
N GLN B 95 -9.56 10.50 -3.54
CA GLN B 95 -10.21 9.67 -2.53
C GLN B 95 -10.80 8.42 -3.19
N LYS B 96 -11.21 8.52 -4.46
CA LYS B 96 -11.74 7.38 -5.19
C LYS B 96 -10.65 6.35 -5.44
N TYR B 97 -9.45 6.81 -5.82
CA TYR B 97 -8.34 5.92 -6.07
C TYR B 97 -7.82 5.25 -4.80
N PHE B 98 -7.89 5.96 -3.67
CA PHE B 98 -7.40 5.47 -2.41
C PHE B 98 -8.24 4.32 -1.89
N VAL B 99 -9.55 4.34 -2.19
CA VAL B 99 -10.46 3.26 -1.81
C VAL B 99 -10.30 2.10 -2.79
N ILE B 100 -9.93 2.38 -4.05
CA ILE B 100 -9.75 1.33 -5.04
C ILE B 100 -8.53 0.48 -4.70
N THR B 101 -7.43 1.12 -4.28
CA THR B 101 -6.21 0.37 -3.98
C THR B 101 -6.46 -0.49 -2.75
N LEU B 102 -7.22 0.02 -1.78
CA LEU B 102 -7.51 -0.74 -0.56
C LEU B 102 -8.45 -1.90 -0.86
N SER B 103 -9.40 -1.69 -1.77
CA SER B 103 -10.39 -2.71 -2.09
C SER B 103 -9.77 -3.84 -2.92
N LYS B 104 -9.03 -3.47 -3.97
CA LYS B 104 -8.49 -4.46 -4.90
C LYS B 104 -7.26 -5.17 -4.32
N ALA B 105 -6.43 -4.45 -3.55
CA ALA B 105 -5.23 -5.05 -3.01
C ALA B 105 -5.58 -6.03 -1.90
N TRP B 106 -6.61 -5.72 -1.11
CA TRP B 106 -7.04 -6.62 -0.05
C TRP B 106 -7.74 -7.84 -0.62
N SER B 107 -8.35 -7.71 -1.81
CA SER B 107 -8.98 -8.85 -2.45
C SER B 107 -7.93 -9.89 -2.84
N VAL B 108 -6.77 -9.43 -3.32
CA VAL B 108 -5.69 -10.32 -3.74
C VAL B 108 -4.98 -10.91 -2.53
N VAL B 109 -4.80 -10.10 -1.47
CA VAL B 109 -4.08 -10.58 -0.29
C VAL B 109 -4.97 -11.55 0.49
N LYS B 110 -6.29 -11.30 0.53
CA LYS B 110 -7.19 -12.13 1.32
C LYS B 110 -7.33 -13.52 0.70
N LYS B 111 -7.35 -13.60 -0.64
CA LYS B 111 -7.47 -14.90 -1.31
C LYS B 111 -6.15 -15.66 -1.20
N TYR B 112 -5.03 -14.97 -0.99
CA TYR B 112 -3.76 -15.63 -0.71
C TYR B 112 -3.56 -16.06 0.74
N LEU B 113 -4.25 -15.39 1.68
CA LEU B 113 -4.22 -15.78 3.08
C LEU B 113 -5.20 -16.91 3.33
N GLU B 114 -6.17 -17.10 2.44
CA GLU B 114 -7.10 -18.21 2.52
C GLU B 114 -6.43 -19.47 1.98
N ALA B 115 -5.71 -20.18 2.87
CA ALA B 115 -5.01 -21.40 2.52
C ALA B 115 -4.86 -22.29 3.75
N THR B 1 -24.49 -3.28 -1.44
CA THR B 1 -23.09 -2.93 -1.77
C THR B 1 -22.33 -2.31 -0.60
N VAL B 2 -22.86 -1.24 -0.01
CA VAL B 2 -22.19 -0.53 1.07
C VAL B 2 -22.01 -1.38 2.31
N VAL B 3 -22.87 -2.39 2.49
CA VAL B 3 -22.76 -3.30 3.63
C VAL B 3 -21.46 -4.10 3.58
N GLU B 4 -20.99 -4.37 2.37
CA GLU B 4 -19.80 -5.18 2.16
C GLU B 4 -18.56 -4.30 2.31
N PHE B 5 -18.66 -3.02 1.91
CA PHE B 5 -17.57 -2.09 2.04
C PHE B 5 -17.25 -1.74 3.50
N GLU B 6 -18.27 -1.73 4.36
CA GLU B 6 -18.09 -1.47 5.78
C GLU B 6 -17.60 -2.74 6.48
N GLU B 7 -17.93 -3.92 5.94
CA GLU B 7 -17.46 -5.17 6.52
C GLU B 7 -15.96 -5.34 6.28
N LEU B 8 -15.49 -4.91 5.10
CA LEU B 8 -14.07 -4.97 4.77
C LEU B 8 -13.32 -3.88 5.53
N ARG B 9 -13.99 -2.77 5.89
CA ARG B 9 -13.35 -1.72 6.67
C ARG B 9 -12.94 -2.25 8.04
N LYS B 10 -13.77 -3.10 8.64
CA LYS B 10 -13.47 -3.70 9.93
C LYS B 10 -12.49 -4.86 9.76
N GLU B 11 -12.40 -5.45 8.57
CA GLU B 11 -11.44 -6.51 8.33
C GLU B 11 -10.03 -5.92 8.18
N LEU B 12 -9.94 -4.74 7.55
CA LEU B 12 -8.65 -4.08 7.34
C LEU B 12 -8.11 -3.56 8.67
N VAL B 13 -8.98 -3.10 9.57
CA VAL B 13 -8.53 -2.57 10.84
C VAL B 13 -8.06 -3.65 11.81
N LYS B 14 -8.55 -4.88 11.64
CA LYS B 14 -8.11 -6.02 12.43
C LYS B 14 -6.81 -6.61 11.89
N ARG B 15 -6.52 -6.36 10.61
CA ARG B 15 -5.28 -6.84 9.99
C ARG B 15 -4.11 -5.89 10.26
N ASP B 16 -4.36 -4.80 10.99
CA ASP B 16 -3.32 -3.84 11.32
C ASP B 16 -2.45 -4.36 12.47
N SER B 17 -1.13 -4.18 12.37
CA SER B 17 -0.19 -4.57 13.41
C SER B 17 -0.04 -3.45 14.45
N GLY B 18 -0.51 -2.25 14.11
CA GLY B 18 -0.45 -1.10 15.00
C GLY B 18 0.91 -0.41 14.95
N LYS B 19 1.85 -0.95 14.18
CA LYS B 19 3.20 -0.42 14.08
C LYS B 19 3.26 0.71 13.04
N PRO B 20 4.16 1.68 13.24
CA PRO B 20 4.38 2.77 12.30
C PRO B 20 5.06 2.23 11.04
N VAL B 21 4.82 2.89 9.90
CA VAL B 21 5.35 2.44 8.62
C VAL B 21 6.87 2.59 8.52
N GLU B 22 7.45 3.45 9.37
CA GLU B 22 8.89 3.71 9.34
C GLU B 22 9.69 2.46 9.66
N LYS B 23 9.20 1.65 10.61
CA LYS B 23 9.92 0.46 11.04
C LYS B 23 9.56 -0.75 10.16
N ILE B 24 8.40 -0.69 9.50
CA ILE B 24 7.91 -1.81 8.71
C ILE B 24 8.76 -1.98 7.44
N LYS B 25 9.18 -0.86 6.83
CA LYS B 25 9.98 -0.92 5.62
C LYS B 25 11.41 -1.36 5.94
N GLU B 26 11.85 -1.20 7.19
CA GLU B 26 13.15 -1.67 7.62
C GLU B 26 13.14 -3.19 7.76
N GLU B 27 11.98 -3.77 8.11
CA GLU B 27 11.83 -5.21 8.18
C GLU B 27 11.70 -5.81 6.79
N ILE B 28 11.28 -5.00 5.81
CA ILE B 28 11.14 -5.44 4.43
C ILE B 28 12.48 -5.38 3.69
N CYS B 29 13.42 -4.58 4.18
CA CYS B 29 14.73 -4.45 3.54
C CYS B 29 15.46 -5.79 3.49
N THR B 30 15.22 -6.65 4.49
CA THR B 30 15.93 -7.92 4.59
C THR B 30 15.22 -9.10 3.91
N LYS B 31 13.99 -8.89 3.45
CA LYS B 31 13.20 -9.93 2.80
C LYS B 31 13.60 -10.11 1.34
N SER B 32 14.62 -9.36 0.89
CA SER B 32 15.10 -9.39 -0.48
C SER B 32 13.95 -9.42 -1.50
N PRO B 33 13.01 -8.46 -1.41
CA PRO B 33 11.87 -8.37 -2.28
C PRO B 33 12.30 -8.00 -3.71
N PRO B 34 11.37 -8.03 -4.68
CA PRO B 34 11.64 -7.68 -6.06
C PRO B 34 12.31 -6.31 -6.17
N LYS B 35 13.04 -6.10 -7.27
CA LYS B 35 13.85 -4.90 -7.44
C LYS B 35 13.00 -3.64 -7.34
N LEU B 36 11.77 -3.66 -7.86
CA LEU B 36 10.91 -2.49 -7.82
C LEU B 36 10.54 -2.16 -6.37
N ILE B 37 10.28 -3.19 -5.57
CA ILE B 37 9.86 -3.00 -4.19
C ILE B 37 11.05 -2.54 -3.34
N LYS B 38 12.23 -3.15 -3.55
CA LYS B 38 13.39 -2.86 -2.73
C LYS B 38 13.92 -1.45 -3.02
N GLU B 39 13.89 -1.03 -4.29
CA GLU B 39 14.45 0.25 -4.68
C GLU B 39 13.53 1.41 -4.33
N ILE B 40 12.22 1.17 -4.13
CA ILE B 40 11.30 2.25 -3.80
C ILE B 40 10.96 2.26 -2.30
N ILE B 41 10.88 1.09 -1.66
CA ILE B 41 10.50 1.02 -0.25
C ILE B 41 11.72 1.09 0.68
N CYS B 42 12.75 0.27 0.43
CA CYS B 42 13.88 0.20 1.33
C CYS B 42 14.81 1.40 1.13
N GLU B 43 15.12 1.71 -0.14
CA GLU B 43 16.00 2.82 -0.46
C GLU B 43 15.24 4.16 -0.41
N ASN B 44 15.99 5.26 -0.34
CA ASN B 44 15.42 6.60 -0.29
C ASN B 44 15.03 7.10 -1.68
N LYS B 45 15.17 6.26 -2.71
CA LYS B 45 14.83 6.60 -4.08
C LYS B 45 13.32 6.66 -4.25
N THR B 46 12.87 7.03 -5.45
CA THR B 46 11.45 7.12 -5.77
C THR B 46 11.14 6.69 -7.20
N TYR B 47 9.87 6.78 -7.59
CA TYR B 47 9.41 6.27 -8.87
C TYR B 47 10.07 7.00 -10.05
N ALA B 48 10.62 8.19 -9.81
CA ALA B 48 11.29 8.95 -10.87
C ALA B 48 12.69 8.41 -11.13
N ASP B 49 13.29 7.71 -10.15
CA ASP B 49 14.63 7.16 -10.28
C ASP B 49 14.64 5.85 -11.05
N VAL B 50 13.47 5.20 -11.14
CA VAL B 50 13.29 3.99 -11.93
C VAL B 50 12.39 4.24 -13.15
N ASN B 51 11.88 5.47 -13.27
CA ASN B 51 11.06 5.92 -14.39
C ASN B 51 9.88 4.98 -14.65
N ILE B 52 9.22 4.52 -13.59
CA ILE B 52 8.07 3.64 -13.70
C ILE B 52 6.77 4.45 -13.70
N ASP B 53 5.72 3.90 -14.31
CA ASP B 53 4.39 4.51 -14.28
C ASP B 53 3.88 4.61 -12.85
N ARG B 54 3.48 5.81 -12.42
CA ARG B 54 3.10 6.06 -11.04
C ARG B 54 1.91 5.22 -10.62
N SER B 55 0.95 5.00 -11.52
CA SER B 55 -0.25 4.23 -11.18
C SER B 55 0.12 2.78 -10.90
N ARG B 56 1.11 2.25 -11.63
CA ARG B 56 1.58 0.89 -11.41
C ARG B 56 2.48 0.85 -10.19
N GLY B 57 3.29 1.89 -10.00
CA GLY B 57 4.24 1.94 -8.90
C GLY B 57 3.53 1.95 -7.56
N ASP B 58 2.46 2.75 -7.45
CA ASP B 58 1.67 2.82 -6.22
C ASP B 58 0.98 1.48 -5.96
N TRP B 59 0.51 0.82 -7.03
CA TRP B 59 -0.22 -0.43 -6.89
C TRP B 59 0.70 -1.60 -6.52
N HIS B 60 1.93 -1.60 -7.02
CA HIS B 60 2.88 -2.67 -6.72
C HIS B 60 3.33 -2.62 -5.26
N VAL B 61 3.57 -1.43 -4.71
CA VAL B 61 4.02 -1.32 -3.33
C VAL B 61 2.87 -1.55 -2.36
N ILE B 62 1.65 -1.15 -2.73
CA ILE B 62 0.49 -1.37 -1.86
C ILE B 62 0.18 -2.86 -1.78
N LEU B 63 0.37 -3.58 -2.90
CA LEU B 63 0.16 -5.02 -2.90
C LEU B 63 1.17 -5.69 -1.98
N TYR B 64 2.45 -5.34 -2.10
CA TYR B 64 3.48 -6.04 -1.36
C TYR B 64 3.39 -5.75 0.14
N LEU B 65 3.01 -4.51 0.50
CA LEU B 65 2.89 -4.14 1.90
C LEU B 65 1.76 -4.91 2.56
N MET B 66 0.72 -5.27 1.80
CA MET B 66 -0.36 -6.10 2.33
C MET B 66 0.03 -7.58 2.33
N LYS B 67 0.83 -8.00 1.34
CA LYS B 67 1.31 -9.37 1.26
C LYS B 67 2.33 -9.67 2.37
N HIS B 68 2.76 -8.64 3.10
CA HIS B 68 3.67 -8.79 4.24
C HIS B 68 2.91 -9.35 5.44
N GLY B 69 1.60 -9.63 5.28
CA GLY B 69 0.80 -10.24 6.33
C GLY B 69 0.18 -9.20 7.27
N VAL B 70 0.15 -7.94 6.83
CA VAL B 70 -0.39 -6.84 7.64
C VAL B 70 -0.95 -5.77 6.71
N THR B 71 -2.07 -5.16 7.10
CA THR B 71 -2.70 -4.11 6.29
C THR B 71 -3.29 -2.98 7.13
N ASP B 72 -3.16 -1.75 6.63
CA ASP B 72 -3.74 -0.57 7.27
C ASP B 72 -3.69 0.65 6.34
N PRO B 73 -4.84 1.25 6.03
CA PRO B 73 -4.91 2.41 5.15
C PRO B 73 -4.02 3.57 5.62
N ASP B 74 -3.82 3.72 6.93
CA ASP B 74 -3.09 4.86 7.46
C ASP B 74 -1.60 4.81 7.16
N LYS B 75 -0.96 3.65 7.34
CA LYS B 75 0.47 3.52 7.09
C LYS B 75 0.77 3.60 5.60
N ILE B 76 -0.20 3.24 4.75
CA ILE B 76 -0.03 3.31 3.32
C ILE B 76 0.02 4.77 2.85
N LEU B 77 -0.71 5.65 3.53
CA LEU B 77 -0.69 7.07 3.21
C LEU B 77 0.44 7.79 3.96
N GLU B 78 0.75 7.34 5.18
CA GLU B 78 1.82 7.92 5.98
C GLU B 78 3.20 7.47 5.48
N LEU B 79 3.24 6.61 4.46
CA LEU B 79 4.48 6.28 3.77
C LEU B 79 4.99 7.52 3.02
N LEU B 80 4.10 8.49 2.80
CA LEU B 80 4.40 9.75 2.14
C LEU B 80 5.15 9.54 0.82
N PRO B 81 4.63 8.70 -0.09
CA PRO B 81 5.21 8.55 -1.42
C PRO B 81 5.04 9.87 -2.18
N ARG B 82 6.12 10.33 -2.83
CA ARG B 82 6.15 11.67 -3.40
C ARG B 82 5.29 11.79 -4.65
N ASP B 83 5.33 10.78 -5.51
CA ASP B 83 4.67 10.83 -6.81
C ASP B 83 3.35 10.04 -6.85
N SER B 84 2.88 9.57 -5.69
CA SER B 84 1.68 8.75 -5.63
C SER B 84 0.45 9.53 -6.08
N LYS B 85 -0.39 8.91 -6.90
CA LYS B 85 -1.61 9.56 -7.40
C LYS B 85 -2.59 9.80 -6.26
N ALA B 86 -2.35 9.19 -5.10
CA ALA B 86 -3.18 9.38 -3.92
C ALA B 86 -2.79 10.67 -3.19
N LYS B 87 -1.75 11.38 -3.67
CA LYS B 87 -1.25 12.58 -3.03
C LYS B 87 -0.91 13.68 -4.05
N GLU B 88 -0.97 13.37 -5.35
CA GLU B 88 -0.67 14.35 -6.39
C GLU B 88 -1.65 15.52 -6.41
N ASN B 89 -2.79 15.38 -5.70
CA ASN B 89 -3.78 16.44 -5.62
C ASN B 89 -4.62 16.26 -4.35
N GLU B 90 -5.18 17.36 -3.84
CA GLU B 90 -6.04 17.33 -2.68
C GLU B 90 -7.50 17.10 -3.09
N LYS B 91 -7.76 17.05 -4.40
CA LYS B 91 -9.10 16.84 -4.93
C LYS B 91 -9.57 15.42 -4.62
N TRP B 92 -10.88 15.22 -4.59
CA TRP B 92 -11.51 13.96 -4.22
C TRP B 92 -11.17 12.81 -5.16
N ASN B 93 -10.65 13.09 -6.35
CA ASN B 93 -10.37 12.04 -7.31
C ASN B 93 -9.24 11.14 -6.80
N THR B 94 -8.33 11.70 -5.98
CA THR B 94 -7.26 10.90 -5.38
C THR B 94 -7.77 10.05 -4.23
N GLN B 95 -8.90 10.45 -3.62
CA GLN B 95 -9.49 9.70 -2.53
C GLN B 95 -10.25 8.49 -3.08
N LYS B 96 -10.86 8.64 -4.26
CA LYS B 96 -11.57 7.52 -4.87
C LYS B 96 -10.59 6.48 -5.36
N TYR B 97 -9.40 6.91 -5.79
CA TYR B 97 -8.34 5.99 -6.17
C TYR B 97 -7.67 5.33 -4.97
N PHE B 98 -7.55 6.07 -3.87
CA PHE B 98 -6.94 5.57 -2.65
C PHE B 98 -7.76 4.43 -2.03
N VAL B 99 -9.08 4.48 -2.15
CA VAL B 99 -9.93 3.40 -1.67
C VAL B 99 -10.00 2.23 -2.65
N ILE B 100 -9.75 2.49 -3.94
CA ILE B 100 -9.72 1.43 -4.94
C ILE B 100 -8.51 0.53 -4.70
N THR B 101 -7.35 1.12 -4.42
CA THR B 101 -6.13 0.34 -4.25
C THR B 101 -6.25 -0.48 -2.97
N LEU B 102 -6.86 0.08 -1.92
CA LEU B 102 -7.03 -0.64 -0.67
C LEU B 102 -8.03 -1.78 -0.83
N SER B 103 -9.08 -1.57 -1.63
CA SER B 103 -10.12 -2.57 -1.80
C SER B 103 -9.64 -3.72 -2.66
N LYS B 104 -8.94 -3.41 -3.76
CA LYS B 104 -8.50 -4.42 -4.71
C LYS B 104 -7.27 -5.17 -4.21
N ALA B 105 -6.36 -4.47 -3.50
CA ALA B 105 -5.15 -5.10 -3.00
C ALA B 105 -5.50 -6.10 -1.90
N TRP B 106 -6.50 -5.79 -1.07
CA TRP B 106 -6.91 -6.72 -0.03
C TRP B 106 -7.72 -7.89 -0.60
N SER B 107 -8.35 -7.69 -1.76
CA SER B 107 -9.10 -8.76 -2.40
C SER B 107 -8.14 -9.86 -2.86
N VAL B 108 -6.93 -9.47 -3.29
CA VAL B 108 -5.92 -10.42 -3.75
C VAL B 108 -5.27 -11.10 -2.55
N VAL B 109 -4.94 -10.33 -1.51
CA VAL B 109 -4.25 -10.87 -0.34
C VAL B 109 -5.21 -11.78 0.44
N LYS B 110 -6.48 -11.41 0.53
CA LYS B 110 -7.47 -12.21 1.24
C LYS B 110 -7.70 -13.52 0.50
N LYS B 111 -7.64 -13.48 -0.84
CA LYS B 111 -7.79 -14.67 -1.66
C LYS B 111 -6.63 -15.63 -1.43
N TYR B 112 -5.45 -15.09 -1.10
CA TYR B 112 -4.28 -15.89 -0.80
C TYR B 112 -4.14 -16.35 0.65
N LEU B 113 -4.86 -15.69 1.57
CA LEU B 113 -4.89 -16.10 2.97
C LEU B 113 -5.88 -17.24 3.17
N GLU B 114 -6.89 -17.34 2.29
CA GLU B 114 -7.85 -18.42 2.31
C GLU B 114 -7.28 -19.61 1.54
N ALA B 115 -6.52 -20.46 2.24
CA ALA B 115 -5.91 -21.64 1.67
C ALA B 115 -5.66 -22.69 2.75
N THR B 1 -23.58 -0.56 -1.70
CA THR B 1 -22.26 0.02 -1.99
C THR B 1 -21.50 0.45 -0.75
N VAL B 2 -22.07 1.39 0.02
CA VAL B 2 -21.42 1.93 1.20
C VAL B 2 -21.27 0.87 2.29
N VAL B 3 -22.26 -0.04 2.41
CA VAL B 3 -22.21 -1.06 3.44
C VAL B 3 -21.10 -2.08 3.18
N GLU B 4 -20.78 -2.33 1.91
CA GLU B 4 -19.69 -3.24 1.56
C GLU B 4 -18.35 -2.61 1.93
N PHE B 5 -18.24 -1.28 1.81
CA PHE B 5 -17.03 -0.58 2.21
C PHE B 5 -16.80 -0.53 3.72
N GLU B 6 -17.87 -0.63 4.50
CA GLU B 6 -17.79 -0.65 5.96
C GLU B 6 -17.32 -2.02 6.44
N GLU B 7 -17.62 -3.08 5.68
CA GLU B 7 -17.16 -4.41 6.03
C GLU B 7 -15.65 -4.55 5.80
N LEU B 8 -15.13 -3.95 4.73
CA LEU B 8 -13.71 -3.99 4.44
C LEU B 8 -12.98 -3.03 5.38
N ARG B 9 -13.62 -1.91 5.75
CA ARG B 9 -13.03 -0.95 6.65
C ARG B 9 -12.65 -1.62 7.98
N LYS B 10 -13.54 -2.48 8.48
CA LYS B 10 -13.35 -3.17 9.75
C LYS B 10 -12.42 -4.38 9.59
N GLU B 11 -12.32 -4.93 8.38
CA GLU B 11 -11.45 -6.08 8.14
C GLU B 11 -10.00 -5.62 8.00
N LEU B 12 -9.77 -4.50 7.33
CA LEU B 12 -8.42 -3.98 7.13
C LEU B 12 -7.87 -3.41 8.45
N VAL B 13 -8.74 -2.85 9.29
CA VAL B 13 -8.29 -2.31 10.57
C VAL B 13 -7.96 -3.41 11.57
N LYS B 14 -8.59 -4.59 11.42
CA LYS B 14 -8.31 -5.74 12.25
C LYS B 14 -6.99 -6.40 11.84
N ARG B 15 -6.60 -6.24 10.57
CA ARG B 15 -5.36 -6.82 10.06
C ARG B 15 -4.13 -5.97 10.40
N ASP B 16 -4.33 -4.86 11.12
CA ASP B 16 -3.23 -3.99 11.49
C ASP B 16 -2.37 -4.60 12.60
N SER B 17 -1.04 -4.51 12.47
CA SER B 17 -0.11 -5.03 13.46
C SER B 17 0.02 -4.05 14.64
N GLY B 18 -0.41 -2.80 14.44
CA GLY B 18 -0.41 -1.79 15.49
C GLY B 18 0.91 -1.01 15.54
N LYS B 19 1.94 -1.47 14.80
CA LYS B 19 3.23 -0.79 14.76
C LYS B 19 3.23 0.30 13.70
N PRO B 20 4.00 1.39 13.93
CA PRO B 20 4.12 2.49 13.00
C PRO B 20 4.85 2.07 11.73
N VAL B 21 4.77 2.89 10.68
CA VAL B 21 5.33 2.56 9.38
C VAL B 21 6.85 2.36 9.43
N GLU B 22 7.53 3.02 10.38
CA GLU B 22 8.97 2.93 10.47
C GLU B 22 9.41 1.53 10.88
N LYS B 23 8.51 0.76 11.51
CA LYS B 23 8.80 -0.62 11.89
C LYS B 23 8.48 -1.56 10.73
N ILE B 24 7.47 -1.21 9.92
CA ILE B 24 7.04 -2.05 8.80
C ILE B 24 8.07 -1.98 7.67
N LYS B 25 8.57 -0.78 7.38
CA LYS B 25 9.55 -0.56 6.33
C LYS B 25 10.83 -1.33 6.58
N GLU B 26 11.33 -1.31 7.83
CA GLU B 26 12.60 -1.95 8.14
C GLU B 26 12.44 -3.45 8.30
N GLU B 27 11.24 -3.92 8.62
CA GLU B 27 10.94 -5.35 8.70
C GLU B 27 10.79 -5.96 7.31
N ILE B 28 10.54 -5.13 6.29
CA ILE B 28 10.35 -5.61 4.93
C ILE B 28 11.59 -5.36 4.07
N CYS B 29 12.30 -4.25 4.31
CA CYS B 29 13.46 -3.89 3.50
C CYS B 29 14.62 -4.87 3.73
N THR B 30 14.71 -5.44 4.94
CA THR B 30 15.81 -6.34 5.28
C THR B 30 15.59 -7.78 4.82
N LYS B 31 14.39 -8.07 4.29
CA LYS B 31 14.01 -9.42 3.89
C LYS B 31 14.30 -9.68 2.42
N SER B 32 15.21 -8.89 1.83
CA SER B 32 15.57 -8.99 0.41
C SER B 32 14.34 -8.94 -0.49
N PRO B 33 13.58 -7.84 -0.44
CA PRO B 33 12.38 -7.64 -1.23
C PRO B 33 12.71 -7.48 -2.72
N PRO B 34 11.69 -7.43 -3.58
CA PRO B 34 11.86 -7.26 -5.02
C PRO B 34 12.65 -6.00 -5.36
N LYS B 35 13.24 -5.96 -6.56
CA LYS B 35 14.10 -4.87 -6.98
C LYS B 35 13.36 -3.54 -6.99
N LEU B 36 12.05 -3.56 -7.27
CA LEU B 36 11.26 -2.34 -7.31
C LEU B 36 11.09 -1.77 -5.91
N ILE B 37 11.00 -2.63 -4.90
CA ILE B 37 10.82 -2.18 -3.52
C ILE B 37 12.13 -1.66 -2.96
N LYS B 38 13.27 -2.22 -3.38
CA LYS B 38 14.56 -1.74 -2.91
C LYS B 38 14.83 -0.34 -3.41
N GLU B 39 14.53 -0.09 -4.69
CA GLU B 39 14.86 1.18 -5.30
C GLU B 39 13.85 2.29 -4.97
N ILE B 40 12.64 1.92 -4.51
CA ILE B 40 11.63 2.91 -4.18
C ILE B 40 11.44 3.07 -2.67
N ILE B 41 11.59 1.98 -1.90
CA ILE B 41 11.35 2.04 -0.46
C ILE B 41 12.65 2.05 0.34
N CYS B 42 13.63 1.22 -0.03
CA CYS B 42 14.88 1.13 0.73
C CYS B 42 15.80 2.30 0.41
N GLU B 43 15.42 3.14 -0.56
CA GLU B 43 16.19 4.32 -0.94
C GLU B 43 15.29 5.55 -0.99
N ASN B 44 15.90 6.74 -1.02
CA ASN B 44 15.16 8.00 -1.05
C ASN B 44 14.62 8.30 -2.46
N LYS B 45 14.93 7.44 -3.43
CA LYS B 45 14.46 7.60 -4.81
C LYS B 45 12.97 7.32 -4.90
N THR B 46 12.38 7.61 -6.06
CA THR B 46 10.96 7.41 -6.30
C THR B 46 10.63 6.96 -7.72
N TYR B 47 9.35 6.81 -8.04
CA TYR B 47 8.91 6.27 -9.32
C TYR B 47 9.40 7.16 -10.47
N ALA B 48 9.69 8.43 -10.19
CA ALA B 48 10.17 9.36 -11.20
C ALA B 48 11.61 9.04 -11.60
N ASP B 49 12.36 8.36 -10.71
CA ASP B 49 13.76 8.03 -10.96
C ASP B 49 13.91 6.72 -11.73
N VAL B 50 12.88 5.87 -11.68
CA VAL B 50 12.88 4.57 -12.35
C VAL B 50 11.97 4.56 -13.59
N ASN B 51 11.34 5.70 -13.88
CA ASN B 51 10.52 5.89 -15.07
C ASN B 51 9.39 4.86 -15.19
N ILE B 52 8.84 4.43 -14.06
CA ILE B 52 7.71 3.50 -14.05
C ILE B 52 6.40 4.29 -13.99
N ASP B 53 5.30 3.68 -14.46
CA ASP B 53 4.00 4.34 -14.44
C ASP B 53 3.56 4.65 -13.01
N ARG B 54 2.89 5.77 -12.82
CA ARG B 54 2.48 6.22 -11.48
C ARG B 54 1.39 5.29 -10.94
N SER B 55 0.53 4.77 -11.82
CA SER B 55 -0.55 3.90 -11.41
C SER B 55 -0.01 2.53 -10.99
N ARG B 56 0.98 2.01 -11.73
CA ARG B 56 1.54 0.70 -11.46
C ARG B 56 2.56 0.76 -10.33
N GLY B 57 3.28 1.87 -10.19
CA GLY B 57 4.27 2.01 -9.14
C GLY B 57 3.62 1.94 -7.77
N ASP B 58 2.51 2.66 -7.59
CA ASP B 58 1.81 2.66 -6.32
C ASP B 58 1.15 1.32 -6.07
N TRP B 59 0.64 0.69 -7.14
CA TRP B 59 -0.08 -0.57 -7.00
C TRP B 59 0.85 -1.74 -6.70
N HIS B 60 2.08 -1.72 -7.25
CA HIS B 60 3.03 -2.79 -7.00
C HIS B 60 3.52 -2.79 -5.56
N VAL B 61 3.74 -1.61 -4.98
CA VAL B 61 4.21 -1.54 -3.60
C VAL B 61 3.07 -1.77 -2.61
N ILE B 62 1.85 -1.33 -2.94
CA ILE B 62 0.71 -1.54 -2.06
C ILE B 62 0.38 -3.02 -1.96
N LEU B 63 0.53 -3.76 -3.07
CA LEU B 63 0.27 -5.19 -3.05
C LEU B 63 1.28 -5.91 -2.17
N TYR B 64 2.56 -5.59 -2.32
CA TYR B 64 3.60 -6.32 -1.62
C TYR B 64 3.68 -5.97 -0.14
N LEU B 65 3.44 -4.69 0.22
CA LEU B 65 3.42 -4.27 1.60
C LEU B 65 2.21 -4.87 2.32
N MET B 66 1.10 -5.06 1.59
CA MET B 66 -0.11 -5.63 2.15
C MET B 66 -0.01 -7.16 2.19
N LYS B 67 0.70 -7.75 1.22
CA LYS B 67 0.87 -9.19 1.11
C LYS B 67 1.89 -9.69 2.14
N HIS B 68 2.52 -8.77 2.88
CA HIS B 68 3.43 -9.12 3.97
C HIS B 68 2.67 -9.79 5.12
N GLY B 69 1.34 -9.88 5.02
CA GLY B 69 0.52 -10.53 6.03
C GLY B 69 -0.03 -9.52 7.05
N VAL B 70 0.04 -8.22 6.72
CA VAL B 70 -0.44 -7.15 7.58
C VAL B 70 -0.98 -6.03 6.70
N THR B 71 -2.09 -5.41 7.12
CA THR B 71 -2.72 -4.35 6.35
C THR B 71 -3.26 -3.22 7.23
N ASP B 72 -3.16 -1.98 6.73
CA ASP B 72 -3.72 -0.82 7.39
C ASP B 72 -3.66 0.38 6.43
N PRO B 73 -4.82 0.94 6.04
CA PRO B 73 -4.89 2.06 5.13
C PRO B 73 -4.03 3.25 5.59
N ASP B 74 -3.91 3.45 6.90
CA ASP B 74 -3.18 4.58 7.42
C ASP B 74 -1.68 4.47 7.17
N LYS B 75 -1.15 3.25 7.11
CA LYS B 75 0.28 3.04 6.92
C LYS B 75 0.66 3.28 5.47
N ILE B 76 -0.27 3.03 4.55
CA ILE B 76 -0.03 3.20 3.12
C ILE B 76 0.02 4.69 2.77
N LEU B 77 -0.75 5.51 3.49
CA LEU B 77 -0.73 6.95 3.27
C LEU B 77 0.38 7.62 4.09
N GLU B 78 0.68 7.09 5.27
CA GLU B 78 1.74 7.60 6.12
C GLU B 78 3.12 7.10 5.66
N LEU B 79 3.16 6.33 4.56
CA LEU B 79 4.41 5.95 3.93
C LEU B 79 5.10 7.21 3.36
N LEU B 80 4.35 8.31 3.25
CA LEU B 80 4.85 9.58 2.76
C LEU B 80 5.59 9.44 1.42
N PRO B 81 4.94 8.88 0.40
CA PRO B 81 5.48 8.81 -0.94
C PRO B 81 5.65 10.21 -1.50
N ARG B 82 6.58 10.39 -2.45
CA ARG B 82 6.92 11.72 -2.96
C ARG B 82 5.93 12.17 -4.02
N ASP B 83 5.45 11.23 -4.85
CA ASP B 83 4.64 11.55 -6.02
C ASP B 83 3.55 10.54 -6.35
N SER B 84 3.00 9.84 -5.33
CA SER B 84 1.96 8.84 -5.57
C SER B 84 0.66 9.51 -6.02
N LYS B 85 -0.15 8.79 -6.81
CA LYS B 85 -1.40 9.31 -7.32
C LYS B 85 -2.42 9.56 -6.20
N ALA B 86 -2.17 8.98 -5.02
CA ALA B 86 -3.03 9.14 -3.87
C ALA B 86 -2.67 10.39 -3.06
N LYS B 87 -1.64 11.14 -3.49
CA LYS B 87 -1.13 12.29 -2.75
C LYS B 87 -0.79 13.47 -3.66
N GLU B 88 -0.78 13.27 -4.98
CA GLU B 88 -0.45 14.34 -5.92
C GLU B 88 -1.44 15.49 -5.84
N ASN B 89 -2.65 15.24 -5.32
CA ASN B 89 -3.68 16.26 -5.19
C ASN B 89 -4.59 15.94 -4.01
N GLU B 90 -5.20 16.97 -3.43
CA GLU B 90 -6.19 16.83 -2.38
C GLU B 90 -7.57 16.56 -2.98
N LYS B 91 -7.66 16.57 -4.32
CA LYS B 91 -8.92 16.39 -5.03
C LYS B 91 -9.51 15.01 -4.79
N TRP B 92 -10.81 14.87 -5.09
CA TRP B 92 -11.58 13.67 -4.80
C TRP B 92 -11.13 12.47 -5.62
N ASN B 93 -10.45 12.69 -6.74
CA ASN B 93 -10.05 11.58 -7.61
C ASN B 93 -8.93 10.77 -6.95
N THR B 94 -8.07 11.42 -6.16
CA THR B 94 -7.00 10.72 -5.45
C THR B 94 -7.52 9.96 -4.25
N GLN B 95 -8.61 10.44 -3.65
CA GLN B 95 -9.23 9.78 -2.51
C GLN B 95 -10.02 8.57 -2.98
N LYS B 96 -10.68 8.69 -4.15
CA LYS B 96 -11.46 7.59 -4.70
C LYS B 96 -10.55 6.50 -5.23
N TYR B 97 -9.38 6.88 -5.75
CA TYR B 97 -8.36 5.91 -6.14
C TYR B 97 -7.71 5.20 -4.96
N PHE B 98 -7.58 5.92 -3.84
CA PHE B 98 -7.01 5.38 -2.63
C PHE B 98 -7.90 4.25 -2.07
N VAL B 99 -9.21 4.34 -2.29
CA VAL B 99 -10.13 3.29 -1.89
C VAL B 99 -10.07 2.13 -2.89
N ILE B 100 -9.78 2.41 -4.17
CA ILE B 100 -9.69 1.36 -5.18
C ILE B 100 -8.49 0.46 -4.90
N THR B 101 -7.35 1.04 -4.52
CA THR B 101 -6.14 0.26 -4.28
C THR B 101 -6.34 -0.60 -3.03
N LEU B 102 -7.01 -0.07 -2.01
CA LEU B 102 -7.25 -0.82 -0.78
C LEU B 102 -8.25 -1.95 -1.03
N SER B 103 -9.24 -1.72 -1.88
CA SER B 103 -10.27 -2.70 -2.15
C SER B 103 -9.71 -3.87 -2.96
N LYS B 104 -8.97 -3.56 -4.03
CA LYS B 104 -8.48 -4.57 -4.94
C LYS B 104 -7.26 -5.30 -4.37
N ALA B 105 -6.40 -4.59 -3.64
CA ALA B 105 -5.23 -5.21 -3.05
C ALA B 105 -5.64 -6.22 -1.99
N TRP B 106 -6.66 -5.90 -1.19
CA TRP B 106 -7.10 -6.80 -0.15
C TRP B 106 -7.86 -7.99 -0.72
N SER B 107 -8.44 -7.84 -1.92
CA SER B 107 -9.13 -8.95 -2.56
C SER B 107 -8.12 -10.03 -2.94
N VAL B 108 -6.91 -9.61 -3.35
CA VAL B 108 -5.86 -10.55 -3.74
C VAL B 108 -5.20 -11.15 -2.50
N VAL B 109 -4.95 -10.33 -1.48
CA VAL B 109 -4.27 -10.80 -0.28
C VAL B 109 -5.21 -11.70 0.52
N LYS B 110 -6.51 -11.38 0.57
CA LYS B 110 -7.47 -12.20 1.29
C LYS B 110 -7.62 -13.55 0.60
N LYS B 111 -7.53 -13.56 -0.73
CA LYS B 111 -7.60 -14.80 -1.51
C LYS B 111 -6.39 -15.69 -1.21
N TYR B 112 -5.24 -15.08 -0.91
CA TYR B 112 -4.04 -15.82 -0.56
C TYR B 112 -3.95 -16.21 0.92
N LEU B 113 -4.70 -15.53 1.78
CA LEU B 113 -4.79 -15.87 3.20
C LEU B 113 -5.83 -16.98 3.40
N GLU B 114 -6.67 -17.21 2.39
CA GLU B 114 -7.64 -18.30 2.42
C GLU B 114 -6.93 -19.61 2.08
N ALA B 115 -6.36 -20.26 3.11
CA ALA B 115 -5.66 -21.52 2.95
C ALA B 115 -5.71 -22.32 4.25
N THR B 1 -24.12 -1.14 -1.81
CA THR B 1 -22.72 -0.83 -2.14
C THR B 1 -21.91 -0.35 -0.95
N VAL B 2 -22.32 0.77 -0.34
CA VAL B 2 -21.59 1.36 0.78
C VAL B 2 -21.47 0.39 1.94
N VAL B 3 -22.47 -0.49 2.13
CA VAL B 3 -22.44 -1.45 3.22
C VAL B 3 -21.32 -2.47 3.03
N GLU B 4 -20.92 -2.74 1.78
CA GLU B 4 -19.85 -3.68 1.50
C GLU B 4 -18.50 -3.04 1.81
N PHE B 5 -18.40 -1.73 1.61
CA PHE B 5 -17.20 -0.99 1.94
C PHE B 5 -16.95 -0.84 3.44
N GLU B 6 -18.03 -0.85 4.23
CA GLU B 6 -17.94 -0.73 5.68
C GLU B 6 -17.51 -2.07 6.29
N GLU B 7 -17.89 -3.19 5.67
CA GLU B 7 -17.49 -4.51 6.15
C GLU B 7 -16.00 -4.74 5.88
N LEU B 8 -15.49 -4.21 4.77
CA LEU B 8 -14.08 -4.34 4.44
C LEU B 8 -13.25 -3.33 5.24
N ARG B 9 -13.88 -2.22 5.66
CA ARG B 9 -13.22 -1.22 6.50
C ARG B 9 -12.88 -1.85 7.86
N LYS B 10 -13.75 -2.71 8.36
CA LYS B 10 -13.53 -3.39 9.63
C LYS B 10 -12.56 -4.56 9.46
N GLU B 11 -12.47 -5.14 8.26
CA GLU B 11 -11.50 -6.19 8.02
C GLU B 11 -10.10 -5.59 7.94
N LEU B 12 -9.98 -4.44 7.28
CA LEU B 12 -8.69 -3.79 7.09
C LEU B 12 -8.14 -3.25 8.41
N VAL B 13 -9.03 -2.89 9.35
CA VAL B 13 -8.57 -2.36 10.64
C VAL B 13 -8.16 -3.47 11.61
N LYS B 14 -8.71 -4.68 11.44
CA LYS B 14 -8.36 -5.81 12.29
C LYS B 14 -7.07 -6.50 11.84
N ARG B 15 -6.69 -6.30 10.58
CA ARG B 15 -5.46 -6.87 10.03
C ARG B 15 -4.23 -6.05 10.42
N ASP B 16 -4.43 -4.95 11.14
CA ASP B 16 -3.34 -4.08 11.56
C ASP B 16 -2.52 -4.72 12.68
N SER B 17 -1.19 -4.62 12.59
CA SER B 17 -0.30 -5.17 13.62
C SER B 17 -0.22 -4.24 14.83
N GLY B 18 -0.69 -3.00 14.66
CA GLY B 18 -0.68 -2.00 15.72
C GLY B 18 0.66 -1.28 15.80
N LYS B 19 1.64 -1.70 15.00
CA LYS B 19 2.97 -1.09 14.99
C LYS B 19 3.02 0.07 14.00
N PRO B 20 3.87 1.07 14.24
CA PRO B 20 4.06 2.21 13.36
C PRO B 20 4.51 1.76 11.96
N VAL B 21 4.27 2.59 10.95
CA VAL B 21 4.64 2.27 9.58
C VAL B 21 6.15 2.22 9.38
N GLU B 22 6.90 2.97 10.19
CA GLU B 22 8.35 3.00 10.08
C GLU B 22 8.95 1.70 10.60
N LYS B 23 8.20 0.94 11.43
CA LYS B 23 8.65 -0.35 11.91
C LYS B 23 8.44 -1.42 10.83
N ILE B 24 7.44 -1.23 9.98
CA ILE B 24 7.16 -2.17 8.89
C ILE B 24 8.21 -1.99 7.78
N LYS B 25 8.56 -0.72 7.50
CA LYS B 25 9.53 -0.38 6.47
C LYS B 25 10.91 -0.92 6.80
N GLU B 26 11.35 -0.78 8.05
CA GLU B 26 12.69 -1.19 8.45
C GLU B 26 12.79 -2.71 8.58
N GLU B 27 11.67 -3.38 8.87
CA GLU B 27 11.65 -4.83 8.98
C GLU B 27 11.65 -5.50 7.61
N ILE B 28 11.20 -4.78 6.57
CA ILE B 28 11.11 -5.33 5.24
C ILE B 28 12.38 -5.04 4.43
N CYS B 29 12.94 -3.83 4.55
CA CYS B 29 14.09 -3.45 3.75
C CYS B 29 15.36 -4.14 4.22
N THR B 30 15.38 -4.61 5.47
CA THR B 30 16.55 -5.31 6.01
C THR B 30 16.61 -6.78 5.57
N LYS B 31 15.54 -7.27 4.95
CA LYS B 31 15.44 -8.65 4.51
C LYS B 31 15.71 -8.79 3.01
N SER B 32 16.47 -7.84 2.45
CA SER B 32 16.85 -7.82 1.04
C SER B 32 15.66 -8.13 0.12
N PRO B 33 14.63 -7.28 0.15
CA PRO B 33 13.42 -7.42 -0.65
C PRO B 33 13.73 -7.23 -2.13
N PRO B 34 12.76 -7.48 -3.01
CA PRO B 34 12.90 -7.31 -4.45
C PRO B 34 13.42 -5.92 -4.81
N LYS B 35 14.07 -5.80 -5.96
CA LYS B 35 14.73 -4.57 -6.37
C LYS B 35 13.74 -3.41 -6.46
N LEU B 36 12.47 -3.70 -6.81
CA LEU B 36 11.46 -2.66 -6.93
C LEU B 36 11.10 -2.11 -5.56
N ILE B 37 11.07 -2.97 -4.54
CA ILE B 37 10.75 -2.54 -3.19
C ILE B 37 11.96 -1.88 -2.55
N LYS B 38 13.16 -2.42 -2.78
CA LYS B 38 14.37 -1.89 -2.18
C LYS B 38 14.67 -0.49 -2.74
N GLU B 39 14.52 -0.31 -4.04
CA GLU B 39 14.95 0.91 -4.72
C GLU B 39 13.93 2.03 -4.55
N ILE B 40 12.65 1.70 -4.33
CA ILE B 40 11.62 2.72 -4.23
C ILE B 40 11.26 3.04 -2.78
N ILE B 41 11.29 2.05 -1.88
CA ILE B 41 10.82 2.23 -0.51
C ILE B 41 11.93 2.71 0.42
N CYS B 42 13.19 2.35 0.15
CA CYS B 42 14.27 2.62 1.09
C CYS B 42 15.49 3.28 0.44
N GLU B 43 15.29 3.89 -0.73
CA GLU B 43 16.33 4.70 -1.36
C GLU B 43 15.75 6.05 -1.78
N ASN B 44 16.63 6.98 -2.19
CA ASN B 44 16.20 8.31 -2.61
C ASN B 44 15.48 8.26 -3.97
N LYS B 45 15.46 7.09 -4.61
CA LYS B 45 14.83 6.94 -5.92
C LYS B 45 13.33 6.75 -5.80
N THR B 46 12.61 7.04 -6.87
CA THR B 46 11.16 6.87 -6.95
C THR B 46 10.70 6.41 -8.33
N TYR B 47 9.39 6.33 -8.54
CA TYR B 47 8.83 5.75 -9.76
C TYR B 47 9.27 6.57 -10.97
N ALA B 48 9.56 7.87 -10.79
CA ALA B 48 9.98 8.72 -11.89
C ALA B 48 11.43 8.44 -12.28
N ASP B 49 12.22 7.84 -11.38
CA ASP B 49 13.62 7.53 -11.64
C ASP B 49 13.79 6.16 -12.31
N VAL B 50 12.78 5.29 -12.18
CA VAL B 50 12.79 3.97 -12.80
C VAL B 50 11.84 3.90 -14.01
N ASN B 51 11.24 5.05 -14.35
CA ASN B 51 10.40 5.20 -15.54
C ASN B 51 9.18 4.27 -15.53
N ILE B 52 8.71 3.89 -14.33
CA ILE B 52 7.50 3.07 -14.21
C ILE B 52 6.30 3.99 -14.01
N ASP B 53 5.11 3.54 -14.41
CA ASP B 53 3.90 4.32 -14.24
C ASP B 53 3.66 4.52 -12.74
N ARG B 54 3.31 5.74 -12.33
CA ARG B 54 3.08 6.05 -10.92
C ARG B 54 1.82 5.37 -10.40
N SER B 55 0.85 5.15 -11.28
CA SER B 55 -0.37 4.44 -10.95
C SER B 55 -0.07 2.97 -10.64
N ARG B 56 0.80 2.37 -11.45
CA ARG B 56 1.14 0.96 -11.33
C ARG B 56 2.20 0.77 -10.26
N GLY B 57 3.06 1.77 -10.06
CA GLY B 57 4.09 1.71 -9.06
C GLY B 57 3.48 1.67 -7.66
N ASP B 58 2.47 2.51 -7.41
CA ASP B 58 1.76 2.47 -6.15
C ASP B 58 1.08 1.14 -5.94
N TRP B 59 0.50 0.59 -7.01
CA TRP B 59 -0.22 -0.66 -6.93
C TRP B 59 0.71 -1.86 -6.68
N HIS B 60 1.93 -1.82 -7.21
CA HIS B 60 2.89 -2.89 -7.00
C HIS B 60 3.37 -2.94 -5.56
N VAL B 61 3.63 -1.78 -4.95
CA VAL B 61 4.14 -1.75 -3.58
C VAL B 61 3.02 -1.97 -2.57
N ILE B 62 1.79 -1.53 -2.88
CA ILE B 62 0.66 -1.75 -2.00
C ILE B 62 0.32 -3.24 -1.92
N LEU B 63 0.46 -3.96 -3.04
CA LEU B 63 0.21 -5.40 -3.04
C LEU B 63 1.24 -6.10 -2.16
N TYR B 64 2.52 -5.73 -2.27
CA TYR B 64 3.57 -6.42 -1.55
C TYR B 64 3.62 -6.07 -0.06
N LEU B 65 3.38 -4.81 0.29
CA LEU B 65 3.42 -4.38 1.68
C LEU B 65 2.25 -4.98 2.45
N MET B 66 1.09 -5.10 1.80
CA MET B 66 -0.09 -5.68 2.44
C MET B 66 -0.03 -7.20 2.45
N LYS B 67 0.65 -7.80 1.47
CA LYS B 67 0.79 -9.25 1.39
C LYS B 67 1.79 -9.75 2.45
N HIS B 68 2.48 -8.81 3.10
CA HIS B 68 3.42 -9.14 4.17
C HIS B 68 2.70 -9.79 5.35
N GLY B 69 1.36 -9.84 5.32
CA GLY B 69 0.58 -10.50 6.35
C GLY B 69 -0.06 -9.50 7.33
N VAL B 70 -0.06 -8.22 6.95
CA VAL B 70 -0.60 -7.15 7.79
C VAL B 70 -1.10 -6.05 6.86
N THR B 71 -2.24 -5.44 7.21
CA THR B 71 -2.82 -4.37 6.42
C THR B 71 -3.44 -3.26 7.27
N ASP B 72 -3.30 -2.02 6.80
CA ASP B 72 -3.88 -0.85 7.43
C ASP B 72 -3.80 0.35 6.48
N PRO B 73 -4.94 0.95 6.11
CA PRO B 73 -4.98 2.06 5.18
C PRO B 73 -4.06 3.21 5.60
N ASP B 74 -3.90 3.43 6.91
CA ASP B 74 -3.11 4.53 7.42
C ASP B 74 -1.62 4.36 7.08
N LYS B 75 -1.18 3.12 6.88
CA LYS B 75 0.22 2.84 6.58
C LYS B 75 0.56 3.25 5.15
N ILE B 76 -0.40 3.06 4.24
CA ILE B 76 -0.19 3.38 2.83
C ILE B 76 -0.10 4.89 2.62
N LEU B 77 -0.87 5.66 3.40
CA LEU B 77 -0.87 7.11 3.27
C LEU B 77 0.28 7.74 4.08
N GLU B 78 0.65 7.13 5.21
CA GLU B 78 1.74 7.64 6.04
C GLU B 78 3.10 7.12 5.56
N LEU B 79 3.13 6.34 4.49
CA LEU B 79 4.39 5.90 3.89
C LEU B 79 5.10 7.09 3.23
N LEU B 80 4.36 8.18 3.02
CA LEU B 80 4.89 9.41 2.42
C LEU B 80 5.63 9.16 1.11
N PRO B 81 5.00 8.48 0.14
CA PRO B 81 5.54 8.30 -1.19
C PRO B 81 5.68 9.66 -1.88
N ARG B 82 6.71 9.82 -2.72
CA ARG B 82 7.05 11.12 -3.29
C ARG B 82 6.21 11.44 -4.53
N ASP B 83 5.83 10.41 -5.28
CA ASP B 83 5.17 10.57 -6.58
C ASP B 83 3.83 9.85 -6.68
N SER B 84 3.28 9.40 -5.56
CA SER B 84 2.04 8.64 -5.54
C SER B 84 0.86 9.49 -6.02
N LYS B 85 -0.11 8.84 -6.68
CA LYS B 85 -1.29 9.52 -7.21
C LYS B 85 -2.21 10.00 -6.09
N ALA B 86 -2.09 9.38 -4.91
CA ALA B 86 -2.89 9.75 -3.76
C ALA B 86 -2.37 11.04 -3.12
N LYS B 87 -1.13 11.40 -3.44
CA LYS B 87 -0.47 12.58 -2.87
C LYS B 87 -0.55 13.79 -3.80
N GLU B 88 -1.21 13.66 -4.95
CA GLU B 88 -1.29 14.76 -5.91
C GLU B 88 -2.29 15.82 -5.44
N ASN B 89 -3.28 15.40 -4.64
CA ASN B 89 -4.32 16.26 -4.07
C ASN B 89 -4.91 17.27 -5.07
N GLU B 90 -4.94 16.93 -6.36
CA GLU B 90 -5.49 17.82 -7.38
C GLU B 90 -6.98 18.03 -7.15
N LYS B 91 -7.69 16.96 -6.77
CA LYS B 91 -9.09 17.03 -6.40
C LYS B 91 -9.46 15.75 -5.64
N TRP B 92 -10.77 15.55 -5.42
CA TRP B 92 -11.28 14.47 -4.57
C TRP B 92 -11.02 13.10 -5.19
N ASN B 93 -10.56 13.05 -6.45
CA ASN B 93 -10.37 11.77 -7.12
C ASN B 93 -9.21 10.99 -6.50
N THR B 94 -8.34 11.65 -5.75
CA THR B 94 -7.25 10.96 -5.08
C THR B 94 -7.78 10.12 -3.92
N GLN B 95 -8.90 10.54 -3.33
CA GLN B 95 -9.55 9.77 -2.27
C GLN B 95 -10.35 8.62 -2.88
N LYS B 96 -10.91 8.83 -4.08
CA LYS B 96 -11.62 7.79 -4.80
C LYS B 96 -10.65 6.67 -5.18
N TYR B 97 -9.46 7.04 -5.65
CA TYR B 97 -8.43 6.08 -5.99
C TYR B 97 -7.86 5.35 -4.78
N PHE B 98 -7.86 6.03 -3.62
CA PHE B 98 -7.32 5.46 -2.40
C PHE B 98 -8.23 4.32 -1.94
N VAL B 99 -9.53 4.40 -2.25
CA VAL B 99 -10.48 3.35 -1.90
C VAL B 99 -10.35 2.19 -2.89
N ILE B 100 -9.99 2.48 -4.15
CA ILE B 100 -9.86 1.44 -5.16
C ILE B 100 -8.67 0.55 -4.85
N THR B 101 -7.54 1.14 -4.43
CA THR B 101 -6.34 0.36 -4.15
C THR B 101 -6.58 -0.49 -2.91
N LEU B 102 -7.30 0.03 -1.92
CA LEU B 102 -7.56 -0.72 -0.69
C LEU B 102 -8.51 -1.87 -0.98
N SER B 103 -9.47 -1.67 -1.89
CA SER B 103 -10.47 -2.69 -2.18
C SER B 103 -9.86 -3.81 -3.01
N LYS B 104 -9.13 -3.45 -4.06
CA LYS B 104 -8.60 -4.44 -5.00
C LYS B 104 -7.35 -5.12 -4.45
N ALA B 105 -6.52 -4.39 -3.70
CA ALA B 105 -5.32 -4.99 -3.14
C ALA B 105 -5.69 -6.01 -2.07
N TRP B 106 -6.72 -5.71 -1.27
CA TRP B 106 -7.13 -6.62 -0.22
C TRP B 106 -7.81 -7.86 -0.79
N SER B 107 -8.40 -7.76 -1.99
CA SER B 107 -8.97 -8.92 -2.64
C SER B 107 -7.86 -9.93 -2.97
N VAL B 108 -6.72 -9.43 -3.45
CA VAL B 108 -5.59 -10.29 -3.81
C VAL B 108 -4.85 -10.76 -2.56
N VAL B 109 -4.72 -9.89 -1.56
CA VAL B 109 -3.98 -10.23 -0.35
C VAL B 109 -4.79 -11.24 0.46
N LYS B 110 -6.11 -11.10 0.50
CA LYS B 110 -6.95 -12.02 1.24
C LYS B 110 -6.89 -13.41 0.60
N LYS B 111 -6.81 -13.46 -0.73
CA LYS B 111 -6.70 -14.71 -1.46
C LYS B 111 -5.37 -15.41 -1.14
N TYR B 112 -4.33 -14.63 -0.86
CA TYR B 112 -3.02 -15.15 -0.53
C TYR B 112 -2.81 -15.50 0.94
N LEU B 113 -3.61 -14.92 1.85
CA LEU B 113 -3.48 -15.20 3.27
C LEU B 113 -4.50 -16.23 3.72
N GLU B 114 -5.64 -16.33 3.02
CA GLU B 114 -6.66 -17.31 3.34
C GLU B 114 -6.56 -18.48 2.36
N ALA B 115 -5.70 -19.46 2.69
CA ALA B 115 -5.48 -20.63 1.84
C ALA B 115 -5.00 -21.80 2.70
N THR B 1 -23.27 -0.89 -2.09
CA THR B 1 -21.86 -0.57 -2.37
C THR B 1 -21.12 0.01 -1.16
N VAL B 2 -21.68 1.04 -0.54
CA VAL B 2 -21.06 1.70 0.60
C VAL B 2 -21.06 0.80 1.83
N VAL B 3 -22.13 0.02 2.03
CA VAL B 3 -22.23 -0.84 3.21
C VAL B 3 -21.24 -1.98 3.15
N GLU B 4 -20.91 -2.47 1.94
CA GLU B 4 -19.92 -3.52 1.78
C GLU B 4 -18.52 -2.95 2.04
N PHE B 5 -18.32 -1.67 1.74
CA PHE B 5 -17.05 -1.01 2.00
C PHE B 5 -16.76 -0.80 3.48
N GLU B 6 -17.82 -0.58 4.27
CA GLU B 6 -17.69 -0.39 5.71
C GLU B 6 -17.37 -1.72 6.40
N GLU B 7 -17.84 -2.83 5.83
CA GLU B 7 -17.52 -4.15 6.38
C GLU B 7 -16.04 -4.49 6.14
N LEU B 8 -15.51 -4.08 4.99
CA LEU B 8 -14.11 -4.31 4.66
C LEU B 8 -13.21 -3.35 5.43
N ARG B 9 -13.74 -2.16 5.75
CA ARG B 9 -13.01 -1.17 6.54
C ARG B 9 -12.72 -1.72 7.93
N LYS B 10 -13.65 -2.50 8.48
CA LYS B 10 -13.48 -3.11 9.79
C LYS B 10 -12.62 -4.36 9.69
N GLU B 11 -12.53 -4.98 8.51
CA GLU B 11 -11.64 -6.11 8.33
C GLU B 11 -10.19 -5.63 8.28
N LEU B 12 -9.96 -4.46 7.68
CA LEU B 12 -8.63 -3.89 7.56
C LEU B 12 -8.13 -3.39 8.90
N VAL B 13 -9.02 -2.90 9.77
CA VAL B 13 -8.60 -2.39 11.07
C VAL B 13 -8.23 -3.51 12.05
N LYS B 14 -8.81 -4.70 11.84
CA LYS B 14 -8.45 -5.87 12.64
C LYS B 14 -7.13 -6.49 12.17
N ARG B 15 -6.76 -6.25 10.92
CA ARG B 15 -5.51 -6.76 10.35
C ARG B 15 -4.31 -5.87 10.70
N ASP B 16 -4.56 -4.76 11.40
CA ASP B 16 -3.49 -3.85 11.79
C ASP B 16 -2.67 -4.40 12.97
N SER B 17 -1.34 -4.38 12.85
CA SER B 17 -0.45 -4.88 13.90
C SER B 17 -0.07 -3.78 14.88
N GLY B 18 -0.45 -2.54 14.60
CA GLY B 18 -0.17 -1.41 15.48
C GLY B 18 1.25 -0.86 15.29
N LYS B 19 2.03 -1.45 14.38
CA LYS B 19 3.41 -1.06 14.16
C LYS B 19 3.50 0.08 13.13
N PRO B 20 4.45 1.01 13.32
CA PRO B 20 4.68 2.12 12.41
C PRO B 20 5.33 1.62 11.12
N VAL B 21 5.12 2.34 10.02
CA VAL B 21 5.63 1.94 8.71
C VAL B 21 7.15 1.99 8.62
N GLU B 22 7.80 2.78 9.48
CA GLU B 22 9.24 2.97 9.42
C GLU B 22 9.97 1.67 9.78
N LYS B 23 9.34 0.79 10.56
CA LYS B 23 9.91 -0.51 10.88
C LYS B 23 9.56 -1.54 9.82
N ILE B 24 8.37 -1.41 9.22
CA ILE B 24 7.88 -2.35 8.22
C ILE B 24 8.73 -2.24 6.95
N LYS B 25 9.30 -1.05 6.71
CA LYS B 25 10.16 -0.82 5.54
C LYS B 25 11.40 -1.73 5.59
N GLU B 26 11.92 -1.99 6.80
CA GLU B 26 13.11 -2.83 6.96
C GLU B 26 12.71 -4.30 6.98
N GLU B 27 11.51 -4.61 7.47
CA GLU B 27 11.02 -5.98 7.53
C GLU B 27 10.69 -6.50 6.14
N ILE B 28 10.43 -5.60 5.20
CA ILE B 28 10.11 -5.98 3.82
C ILE B 28 11.37 -6.06 2.97
N CYS B 29 12.35 -5.19 3.20
CA CYS B 29 13.56 -5.16 2.39
C CYS B 29 14.39 -6.43 2.60
N THR B 30 14.33 -7.01 3.81
CA THR B 30 15.09 -8.21 4.13
C THR B 30 14.55 -9.48 3.48
N LYS B 31 13.34 -9.40 2.89
CA LYS B 31 12.70 -10.55 2.26
C LYS B 31 13.24 -10.79 0.85
N SER B 32 14.24 -10.01 0.43
CA SER B 32 14.76 -10.07 -0.93
C SER B 32 13.63 -9.96 -1.95
N PRO B 33 12.83 -8.89 -1.87
CA PRO B 33 11.66 -8.68 -2.71
C PRO B 33 12.08 -8.41 -4.17
N PRO B 34 11.11 -8.34 -5.09
CA PRO B 34 11.34 -8.07 -6.50
C PRO B 34 12.17 -6.81 -6.71
N LYS B 35 12.81 -6.71 -7.88
CA LYS B 35 13.76 -5.64 -8.17
C LYS B 35 13.09 -4.27 -8.09
N LEU B 36 11.80 -4.19 -8.43
CA LEU B 36 11.07 -2.92 -8.39
C LEU B 36 10.81 -2.51 -6.95
N ILE B 37 10.58 -3.49 -6.07
CA ILE B 37 10.31 -3.21 -4.67
C ILE B 37 11.61 -2.83 -3.95
N LYS B 38 12.73 -3.42 -4.34
CA LYS B 38 14.00 -3.05 -3.74
C LYS B 38 14.38 -1.62 -4.15
N GLU B 39 13.93 -1.18 -5.32
CA GLU B 39 14.28 0.14 -5.83
C GLU B 39 13.52 1.24 -5.07
N ILE B 40 12.31 0.96 -4.61
CA ILE B 40 11.49 1.96 -3.95
C ILE B 40 11.42 1.76 -2.42
N ILE B 41 11.66 0.53 -1.93
CA ILE B 41 11.57 0.26 -0.50
C ILE B 41 12.95 0.20 0.15
N CYS B 42 13.90 -0.53 -0.44
CA CYS B 42 15.21 -0.69 0.17
C CYS B 42 16.06 0.58 0.04
N GLU B 43 15.67 1.48 -0.87
CA GLU B 43 16.40 2.72 -1.09
C GLU B 43 15.46 3.91 -0.92
N ASN B 44 16.03 5.09 -0.65
CA ASN B 44 15.25 6.32 -0.50
C ASN B 44 14.82 6.86 -1.86
N LYS B 45 15.20 6.17 -2.94
CA LYS B 45 14.79 6.51 -4.30
C LYS B 45 13.28 6.30 -4.45
N THR B 46 12.71 6.83 -5.54
CA THR B 46 11.27 6.80 -5.75
C THR B 46 11.02 6.52 -7.22
N TYR B 47 9.73 6.51 -7.59
CA TYR B 47 9.26 6.11 -8.91
C TYR B 47 9.83 7.07 -9.95
N ALA B 48 10.23 8.28 -9.54
CA ALA B 48 10.79 9.27 -10.45
C ALA B 48 12.23 8.90 -10.84
N ASP B 49 12.90 8.09 -10.00
CA ASP B 49 14.27 7.67 -10.26
C ASP B 49 14.35 6.42 -11.13
N VAL B 50 13.24 5.68 -11.22
CA VAL B 50 13.17 4.46 -12.02
C VAL B 50 12.25 4.60 -13.24
N ASN B 51 11.64 5.78 -13.40
CA ASN B 51 10.81 6.12 -14.55
C ASN B 51 9.69 5.10 -14.78
N ILE B 52 9.08 4.60 -13.70
CA ILE B 52 7.99 3.63 -13.80
C ILE B 52 6.65 4.36 -13.80
N ASP B 53 5.61 3.71 -14.35
CA ASP B 53 4.27 4.27 -14.36
C ASP B 53 3.78 4.57 -12.94
N ARG B 54 3.28 5.80 -12.71
CA ARG B 54 2.89 6.23 -11.38
C ARG B 54 1.68 5.46 -10.87
N SER B 55 0.82 4.99 -11.77
CA SER B 55 -0.36 4.24 -11.36
C SER B 55 0.05 2.84 -10.91
N ARG B 56 0.97 2.21 -11.64
CA ARG B 56 1.42 0.85 -11.34
C ARG B 56 2.46 0.83 -10.23
N GLY B 57 3.30 1.87 -10.15
CA GLY B 57 4.35 1.92 -9.15
C GLY B 57 3.74 2.01 -7.75
N ASP B 58 2.71 2.83 -7.60
CA ASP B 58 2.04 3.00 -6.31
C ASP B 58 1.28 1.70 -6.00
N TRP B 59 0.76 1.03 -7.04
CA TRP B 59 0.04 -0.21 -6.86
C TRP B 59 0.95 -1.39 -6.50
N HIS B 60 2.17 -1.41 -7.05
CA HIS B 60 3.12 -2.48 -6.77
C HIS B 60 3.54 -2.46 -5.31
N VAL B 61 3.78 -1.26 -4.74
CA VAL B 61 4.18 -1.17 -3.35
C VAL B 61 2.99 -1.38 -2.41
N ILE B 62 1.80 -0.96 -2.82
CA ILE B 62 0.61 -1.15 -2.00
C ILE B 62 0.31 -2.64 -1.83
N LEU B 63 0.54 -3.43 -2.88
CA LEU B 63 0.33 -4.86 -2.80
C LEU B 63 1.30 -5.49 -1.81
N TYR B 64 2.59 -5.13 -1.86
CA TYR B 64 3.59 -5.83 -1.09
C TYR B 64 3.48 -5.37 0.37
N LEU B 65 3.11 -4.11 0.60
CA LEU B 65 2.98 -3.61 1.96
C LEU B 65 1.86 -4.34 2.70
N MET B 66 0.76 -4.61 2.01
CA MET B 66 -0.38 -5.30 2.61
C MET B 66 -0.14 -6.81 2.63
N LYS B 67 0.67 -7.32 1.70
CA LYS B 67 0.96 -8.75 1.60
C LYS B 67 1.96 -9.18 2.67
N HIS B 68 2.52 -8.22 3.40
CA HIS B 68 3.46 -8.48 4.48
C HIS B 68 2.80 -9.17 5.67
N GLY B 69 1.49 -9.46 5.55
CA GLY B 69 0.75 -10.16 6.60
C GLY B 69 0.09 -9.18 7.57
N VAL B 70 0.05 -7.90 7.18
CA VAL B 70 -0.55 -6.85 7.99
C VAL B 70 -1.09 -5.78 7.05
N THR B 71 -2.24 -5.20 7.40
CA THR B 71 -2.87 -4.17 6.58
C THR B 71 -3.45 -3.03 7.40
N ASP B 72 -3.38 -1.82 6.84
CA ASP B 72 -3.92 -0.61 7.45
C ASP B 72 -3.89 0.53 6.43
N PRO B 73 -5.05 1.12 6.10
CA PRO B 73 -5.14 2.16 5.10
C PRO B 73 -4.37 3.41 5.52
N ASP B 74 -4.16 3.61 6.82
CA ASP B 74 -3.45 4.79 7.30
C ASP B 74 -1.95 4.72 6.98
N LYS B 75 -1.40 3.51 6.86
CA LYS B 75 0.02 3.34 6.55
C LYS B 75 0.30 3.74 5.11
N ILE B 76 -0.62 3.44 4.21
CA ILE B 76 -0.44 3.73 2.79
C ILE B 76 -0.51 5.23 2.54
N LEU B 77 -1.39 5.94 3.27
CA LEU B 77 -1.58 7.36 3.07
C LEU B 77 -0.54 8.18 3.83
N GLU B 78 -0.06 7.70 4.97
CA GLU B 78 0.92 8.41 5.77
C GLU B 78 2.35 8.10 5.32
N LEU B 79 2.53 7.15 4.40
CA LEU B 79 3.85 6.81 3.88
C LEU B 79 4.46 8.00 3.14
N LEU B 80 3.60 8.95 2.72
CA LEU B 80 4.02 10.15 1.98
C LEU B 80 4.96 9.81 0.82
N PRO B 81 4.52 8.98 -0.15
CA PRO B 81 5.29 8.70 -1.34
C PRO B 81 5.47 9.99 -2.16
N ARG B 82 6.50 10.03 -3.01
CA ARG B 82 6.83 11.22 -3.77
C ARG B 82 5.85 11.46 -4.92
N ASP B 83 5.41 10.37 -5.56
CA ASP B 83 4.56 10.45 -6.75
C ASP B 83 3.25 9.66 -6.65
N SER B 84 2.84 9.28 -5.45
CA SER B 84 1.61 8.49 -5.27
C SER B 84 0.40 9.26 -5.77
N LYS B 85 -0.51 8.55 -6.44
CA LYS B 85 -1.72 9.13 -7.00
C LYS B 85 -2.76 9.41 -5.92
N ALA B 86 -2.71 8.66 -4.81
CA ALA B 86 -3.66 8.81 -3.72
C ALA B 86 -3.22 9.89 -2.74
N LYS B 87 -1.93 10.26 -2.76
CA LYS B 87 -1.35 11.17 -1.78
C LYS B 87 -1.64 12.64 -2.13
N GLU B 88 -2.17 12.90 -3.33
CA GLU B 88 -2.40 14.27 -3.78
C GLU B 88 -3.52 14.94 -2.99
N ASN B 89 -4.57 14.17 -2.66
CA ASN B 89 -5.75 14.64 -1.93
C ASN B 89 -6.27 15.99 -2.42
N GLU B 90 -6.03 16.33 -3.70
CA GLU B 90 -6.40 17.63 -4.23
C GLU B 90 -7.92 17.75 -4.41
N LYS B 91 -8.59 16.62 -4.65
CA LYS B 91 -10.04 16.57 -4.83
C LYS B 91 -10.59 15.27 -4.26
N TRP B 92 -11.92 15.20 -4.12
CA TRP B 92 -12.59 14.00 -3.61
C TRP B 92 -12.38 12.82 -4.56
N ASN B 93 -12.01 13.09 -5.82
CA ASN B 93 -11.73 12.05 -6.80
C ASN B 93 -10.50 11.25 -6.37
N THR B 94 -9.63 11.87 -5.57
CA THR B 94 -8.44 11.19 -5.06
C THR B 94 -8.76 10.14 -4.02
N GLN B 95 -9.82 10.36 -3.24
CA GLN B 95 -10.27 9.41 -2.25
C GLN B 95 -11.00 8.25 -2.93
N LYS B 96 -11.62 8.50 -4.08
CA LYS B 96 -12.33 7.46 -4.82
C LYS B 96 -11.34 6.42 -5.35
N TYR B 97 -10.17 6.87 -5.79
CA TYR B 97 -9.09 5.95 -6.17
C TYR B 97 -8.42 5.29 -4.98
N PHE B 98 -8.36 5.98 -3.84
CA PHE B 98 -7.80 5.43 -2.64
C PHE B 98 -8.62 4.26 -2.10
N VAL B 99 -9.92 4.24 -2.44
CA VAL B 99 -10.79 3.12 -2.08
C VAL B 99 -10.59 1.99 -3.09
N ILE B 100 -10.26 2.30 -4.35
CA ILE B 100 -10.02 1.28 -5.35
C ILE B 100 -8.78 0.47 -4.98
N THR B 101 -7.71 1.13 -4.54
CA THR B 101 -6.47 0.44 -4.21
C THR B 101 -6.68 -0.43 -2.97
N LEU B 102 -7.44 0.05 -1.98
CA LEU B 102 -7.69 -0.71 -0.77
C LEU B 102 -8.61 -1.90 -1.06
N SER B 103 -9.55 -1.74 -1.98
CA SER B 103 -10.50 -2.79 -2.30
C SER B 103 -9.83 -3.92 -3.07
N LYS B 104 -8.99 -3.56 -4.05
CA LYS B 104 -8.36 -4.55 -4.91
C LYS B 104 -7.15 -5.18 -4.24
N ALA B 105 -6.38 -4.40 -3.48
CA ALA B 105 -5.20 -4.92 -2.80
C ALA B 105 -5.61 -5.92 -1.73
N TRP B 106 -6.68 -5.64 -0.99
CA TRP B 106 -7.12 -6.54 0.05
C TRP B 106 -7.82 -7.77 -0.51
N SER B 107 -8.35 -7.67 -1.74
CA SER B 107 -8.95 -8.82 -2.39
C SER B 107 -7.89 -9.87 -2.69
N VAL B 108 -6.69 -9.42 -3.07
CA VAL B 108 -5.58 -10.31 -3.36
C VAL B 108 -4.95 -10.83 -2.07
N VAL B 109 -4.78 -9.96 -1.08
CA VAL B 109 -4.13 -10.35 0.18
C VAL B 109 -5.05 -11.31 0.94
N LYS B 110 -6.36 -11.07 0.94
CA LYS B 110 -7.31 -11.93 1.62
C LYS B 110 -7.34 -13.30 0.95
N LYS B 111 -7.16 -13.32 -0.38
CA LYS B 111 -7.11 -14.57 -1.14
C LYS B 111 -5.87 -15.38 -0.78
N TYR B 112 -4.76 -14.70 -0.44
CA TYR B 112 -3.53 -15.36 -0.06
C TYR B 112 -3.42 -15.73 1.42
N LEU B 113 -4.18 -15.06 2.28
CA LEU B 113 -4.21 -15.37 3.71
C LEU B 113 -5.13 -16.56 3.97
N GLU B 114 -6.11 -16.78 3.09
CA GLU B 114 -7.03 -17.91 3.21
C GLU B 114 -6.61 -19.02 2.27
N ALA B 115 -5.71 -19.89 2.74
CA ALA B 115 -5.19 -21.01 1.96
C ALA B 115 -4.75 -22.13 2.89
N THR B 1 -24.03 -2.24 -1.91
CA THR B 1 -22.70 -1.69 -2.23
C THR B 1 -21.97 -1.10 -1.03
N VAL B 2 -22.53 -0.08 -0.41
CA VAL B 2 -21.90 0.61 0.71
C VAL B 2 -21.73 -0.32 1.91
N VAL B 3 -22.60 -1.31 2.06
CA VAL B 3 -22.51 -2.26 3.16
C VAL B 3 -21.23 -3.09 3.04
N GLU B 4 -20.78 -3.36 1.81
CA GLU B 4 -19.56 -4.11 1.59
C GLU B 4 -18.34 -3.22 1.83
N PHE B 5 -18.47 -1.93 1.58
CA PHE B 5 -17.39 -0.99 1.84
C PHE B 5 -17.12 -0.78 3.33
N GLU B 6 -18.18 -0.83 4.15
CA GLU B 6 -18.04 -0.71 5.60
C GLU B 6 -17.56 -2.03 6.20
N GLU B 7 -17.80 -3.14 5.51
CA GLU B 7 -17.35 -4.45 5.96
C GLU B 7 -15.83 -4.55 5.80
N LEU B 8 -15.30 -4.04 4.69
CA LEU B 8 -13.85 -4.05 4.46
C LEU B 8 -13.19 -2.98 5.33
N ARG B 9 -13.90 -1.90 5.64
CA ARG B 9 -13.36 -0.84 6.50
C ARG B 9 -12.95 -1.43 7.84
N LYS B 10 -13.80 -2.32 8.38
CA LYS B 10 -13.57 -2.93 9.67
C LYS B 10 -12.59 -4.12 9.55
N GLU B 11 -12.47 -4.70 8.36
CA GLU B 11 -11.56 -5.82 8.15
C GLU B 11 -10.12 -5.31 8.05
N LEU B 12 -9.93 -4.17 7.38
CA LEU B 12 -8.60 -3.58 7.21
C LEU B 12 -8.11 -2.96 8.51
N VAL B 13 -9.02 -2.43 9.34
CA VAL B 13 -8.61 -1.81 10.59
C VAL B 13 -8.21 -2.83 11.65
N LYS B 14 -8.79 -4.04 11.57
CA LYS B 14 -8.43 -5.12 12.49
C LYS B 14 -7.20 -5.87 12.00
N ARG B 15 -6.81 -5.67 10.73
CA ARG B 15 -5.61 -6.28 10.17
C ARG B 15 -4.35 -5.51 10.57
N ASP B 16 -4.49 -4.41 11.31
CA ASP B 16 -3.37 -3.62 11.78
C ASP B 16 -2.62 -4.34 12.90
N SER B 17 -1.29 -4.45 12.79
CA SER B 17 -0.46 -5.09 13.81
C SER B 17 -0.16 -4.14 14.97
N GLY B 18 -0.57 -2.88 14.85
CA GLY B 18 -0.37 -1.88 15.89
C GLY B 18 1.03 -1.25 15.81
N LYS B 19 1.84 -1.65 14.82
CA LYS B 19 3.18 -1.13 14.65
C LYS B 19 3.24 -0.24 13.40
N PRO B 20 3.96 0.89 13.46
CA PRO B 20 4.15 1.79 12.33
C PRO B 20 4.81 1.07 11.16
N VAL B 21 4.45 1.43 9.93
CA VAL B 21 5.06 0.84 8.74
C VAL B 21 6.52 1.28 8.63
N GLU B 22 6.87 2.38 9.31
CA GLU B 22 8.23 2.90 9.29
C GLU B 22 9.20 1.89 9.90
N LYS B 23 8.71 1.06 10.84
CA LYS B 23 9.53 0.00 11.44
C LYS B 23 9.44 -1.28 10.61
N ILE B 24 8.27 -1.54 10.02
CA ILE B 24 8.04 -2.78 9.28
C ILE B 24 8.85 -2.79 7.98
N LYS B 25 9.04 -1.63 7.36
CA LYS B 25 9.78 -1.53 6.10
C LYS B 25 11.26 -1.83 6.33
N GLU B 26 11.76 -1.61 7.55
CA GLU B 26 13.15 -1.93 7.87
C GLU B 26 13.30 -3.43 8.07
N GLU B 27 12.25 -4.10 8.54
CA GLU B 27 12.25 -5.55 8.69
C GLU B 27 12.11 -6.24 7.32
N ILE B 28 11.56 -5.53 6.34
CA ILE B 28 11.36 -6.08 5.01
C ILE B 28 12.60 -5.91 4.15
N CYS B 29 13.29 -4.77 4.25
CA CYS B 29 14.43 -4.46 3.40
C CYS B 29 15.67 -5.27 3.80
N THR B 30 15.73 -5.75 5.04
CA THR B 30 16.88 -6.52 5.50
C THR B 30 16.86 -7.96 4.97
N LYS B 31 15.74 -8.38 4.36
CA LYS B 31 15.61 -9.72 3.78
C LYS B 31 15.79 -9.68 2.26
N SER B 32 16.37 -8.60 1.73
CA SER B 32 16.62 -8.45 0.30
C SER B 32 15.34 -8.69 -0.51
N PRO B 33 14.37 -7.78 -0.42
CA PRO B 33 13.10 -7.86 -1.12
C PRO B 33 13.30 -7.62 -2.62
N PRO B 34 12.25 -7.78 -3.44
CA PRO B 34 12.30 -7.54 -4.87
C PRO B 34 12.86 -6.16 -5.20
N LYS B 35 13.38 -5.99 -6.42
CA LYS B 35 14.08 -4.78 -6.81
C LYS B 35 13.18 -3.55 -6.70
N LEU B 36 11.89 -3.69 -6.97
CA LEU B 36 10.97 -2.55 -6.92
C LEU B 36 10.81 -2.10 -5.47
N ILE B 37 10.84 -3.05 -4.53
CA ILE B 37 10.68 -2.73 -3.12
C ILE B 37 11.98 -2.18 -2.56
N LYS B 38 13.12 -2.76 -2.95
CA LYS B 38 14.42 -2.32 -2.45
C LYS B 38 14.70 -0.88 -2.89
N GLU B 39 14.51 -0.60 -4.18
CA GLU B 39 14.92 0.66 -4.77
C GLU B 39 13.95 1.80 -4.49
N ILE B 40 12.71 1.51 -4.08
CA ILE B 40 11.76 2.57 -3.78
C ILE B 40 11.54 2.74 -2.28
N ILE B 41 11.53 1.64 -1.51
CA ILE B 41 11.15 1.69 -0.10
C ILE B 41 12.35 2.00 0.80
N CYS B 42 13.58 1.68 0.35
CA CYS B 42 14.76 1.81 1.20
C CYS B 42 15.95 2.44 0.48
N GLU B 43 15.68 3.21 -0.58
CA GLU B 43 16.70 4.00 -1.25
C GLU B 43 16.16 5.42 -1.46
N ASN B 44 17.05 6.37 -1.78
CA ASN B 44 16.66 7.76 -1.98
C ASN B 44 15.90 7.96 -3.29
N LYS B 45 15.78 6.89 -4.09
CA LYS B 45 15.07 6.95 -5.37
C LYS B 45 13.57 6.91 -5.16
N THR B 46 12.81 7.18 -6.24
CA THR B 46 11.37 7.15 -6.23
C THR B 46 10.79 6.71 -7.57
N TYR B 47 9.46 6.68 -7.70
CA TYR B 47 8.81 6.15 -8.88
C TYR B 47 9.15 7.01 -10.10
N ALA B 48 9.29 8.32 -9.93
CA ALA B 48 9.64 9.20 -11.04
C ALA B 48 11.12 9.10 -11.38
N ASP B 49 11.94 8.62 -10.45
CA ASP B 49 13.38 8.53 -10.66
C ASP B 49 13.70 7.22 -11.40
N VAL B 50 12.90 6.17 -11.16
CA VAL B 50 13.02 4.91 -11.89
C VAL B 50 12.16 4.91 -13.14
N ASN B 51 11.41 6.01 -13.35
CA ASN B 51 10.60 6.22 -14.54
C ASN B 51 9.55 5.12 -14.73
N ILE B 52 8.96 4.63 -13.63
CA ILE B 52 7.87 3.66 -13.71
C ILE B 52 6.54 4.42 -13.65
N ASP B 53 5.50 3.88 -14.29
CA ASP B 53 4.18 4.50 -14.27
C ASP B 53 3.70 4.66 -12.83
N ARG B 54 3.07 5.80 -12.53
CA ARG B 54 2.68 6.12 -11.16
C ARG B 54 1.61 5.16 -10.67
N SER B 55 0.77 4.66 -11.58
CA SER B 55 -0.31 3.75 -11.21
C SER B 55 0.24 2.35 -10.93
N ARG B 56 1.28 1.94 -11.66
CA ARG B 56 1.88 0.63 -11.46
C ARG B 56 2.84 0.64 -10.28
N GLY B 57 3.55 1.76 -10.08
CA GLY B 57 4.51 1.86 -9.01
C GLY B 57 3.82 1.70 -7.66
N ASP B 58 2.70 2.41 -7.46
CA ASP B 58 1.95 2.33 -6.22
C ASP B 58 1.31 0.96 -6.05
N TRP B 59 0.76 0.41 -7.14
CA TRP B 59 0.01 -0.83 -7.06
C TRP B 59 0.90 -2.04 -6.80
N HIS B 60 2.12 -2.05 -7.33
CA HIS B 60 3.03 -3.17 -7.12
C HIS B 60 3.54 -3.19 -5.67
N VAL B 61 3.84 -2.01 -5.10
CA VAL B 61 4.34 -1.97 -3.74
C VAL B 61 3.23 -2.13 -2.70
N ILE B 62 2.03 -1.63 -3.00
CA ILE B 62 0.91 -1.77 -2.09
C ILE B 62 0.51 -3.25 -1.96
N LEU B 63 0.58 -4.01 -3.06
CA LEU B 63 0.27 -5.42 -3.02
C LEU B 63 1.28 -6.17 -2.16
N TYR B 64 2.57 -5.85 -2.32
CA TYR B 64 3.61 -6.57 -1.62
C TYR B 64 3.67 -6.22 -0.13
N LEU B 65 3.51 -4.92 0.19
CA LEU B 65 3.55 -4.46 1.57
C LEU B 65 2.31 -4.95 2.33
N MET B 66 1.18 -5.08 1.62
CA MET B 66 -0.05 -5.56 2.23
C MET B 66 -0.03 -7.08 2.36
N LYS B 67 0.68 -7.76 1.44
CA LYS B 67 0.81 -9.22 1.45
C LYS B 67 1.72 -9.67 2.60
N HIS B 68 2.42 -8.71 3.24
CA HIS B 68 3.24 -8.99 4.41
C HIS B 68 2.39 -9.48 5.59
N GLY B 69 1.07 -9.55 5.42
CA GLY B 69 0.19 -10.10 6.45
C GLY B 69 -0.34 -9.01 7.39
N VAL B 70 -0.22 -7.75 7.00
CA VAL B 70 -0.68 -6.63 7.80
C VAL B 70 -1.19 -5.52 6.89
N THR B 71 -2.29 -4.87 7.30
CA THR B 71 -2.90 -3.80 6.53
C THR B 71 -3.46 -2.68 7.40
N ASP B 72 -3.41 -1.45 6.88
CA ASP B 72 -3.99 -0.29 7.55
C ASP B 72 -3.99 0.88 6.57
N PRO B 73 -5.17 1.44 6.24
CA PRO B 73 -5.29 2.52 5.27
C PRO B 73 -4.61 3.79 5.77
N ASP B 74 -4.53 3.98 7.10
CA ASP B 74 -3.95 5.19 7.65
C ASP B 74 -2.44 5.26 7.47
N LYS B 75 -1.76 4.12 7.63
CA LYS B 75 -0.32 4.06 7.50
C LYS B 75 0.08 4.05 6.01
N ILE B 76 -0.81 3.59 5.14
CA ILE B 76 -0.56 3.59 3.70
C ILE B 76 -0.57 5.01 3.17
N LEU B 77 -1.40 5.88 3.75
CA LEU B 77 -1.48 7.27 3.33
C LEU B 77 -0.42 8.12 4.03
N GLU B 78 -0.05 7.75 5.25
CA GLU B 78 0.99 8.44 6.02
C GLU B 78 2.38 7.97 5.62
N LEU B 79 2.47 7.02 4.68
CA LEU B 79 3.75 6.58 4.13
C LEU B 79 4.46 7.75 3.44
N LEU B 80 3.68 8.80 3.11
CA LEU B 80 4.18 10.03 2.51
C LEU B 80 5.00 9.74 1.23
N PRO B 81 4.40 9.08 0.24
CA PRO B 81 4.99 8.89 -1.07
C PRO B 81 5.07 10.24 -1.79
N ARG B 82 6.10 10.42 -2.63
CA ARG B 82 6.34 11.69 -3.30
C ARG B 82 5.57 11.80 -4.62
N ASP B 83 5.44 10.68 -5.34
CA ASP B 83 4.92 10.69 -6.71
C ASP B 83 3.61 9.90 -6.80
N SER B 84 3.05 9.47 -5.67
CA SER B 84 1.83 8.66 -5.68
C SER B 84 0.62 9.49 -6.11
N LYS B 85 -0.32 8.85 -6.83
CA LYS B 85 -1.54 9.50 -7.27
C LYS B 85 -2.52 9.71 -6.11
N ALA B 86 -2.24 9.08 -4.96
CA ALA B 86 -3.12 9.17 -3.80
C ALA B 86 -2.90 10.46 -3.01
N LYS B 87 -2.01 11.35 -3.49
CA LYS B 87 -1.64 12.55 -2.74
C LYS B 87 -1.31 13.71 -3.69
N GLU B 88 -1.74 13.64 -4.96
CA GLU B 88 -1.45 14.69 -5.92
C GLU B 88 -2.20 15.98 -5.58
N ASN B 89 -3.38 15.85 -4.98
CA ASN B 89 -4.20 17.00 -4.60
C ASN B 89 -5.27 16.57 -3.59
N GLU B 90 -5.97 17.56 -3.02
CA GLU B 90 -7.00 17.31 -2.01
C GLU B 90 -8.34 16.95 -2.65
N LYS B 91 -8.41 16.97 -3.99
CA LYS B 91 -9.67 16.70 -4.70
C LYS B 91 -10.08 15.24 -4.58
N TRP B 92 -11.30 14.95 -5.01
CA TRP B 92 -11.92 13.64 -4.86
C TRP B 92 -11.22 12.62 -5.76
N ASN B 93 -10.45 13.08 -6.74
CA ASN B 93 -9.80 12.21 -7.70
C ASN B 93 -8.84 11.25 -6.99
N THR B 94 -8.12 11.74 -5.99
CA THR B 94 -7.19 10.91 -5.24
C THR B 94 -7.91 10.05 -4.20
N GLN B 95 -9.09 10.47 -3.75
CA GLN B 95 -9.85 9.73 -2.76
C GLN B 95 -10.51 8.51 -3.40
N LYS B 96 -10.92 8.64 -4.67
CA LYS B 96 -11.51 7.53 -5.40
C LYS B 96 -10.46 6.47 -5.72
N TYR B 97 -9.23 6.90 -6.07
CA TYR B 97 -8.16 5.97 -6.34
C TYR B 97 -7.62 5.31 -5.07
N PHE B 98 -7.59 6.07 -3.97
CA PHE B 98 -7.07 5.58 -2.71
C PHE B 98 -7.93 4.48 -2.10
N VAL B 99 -9.25 4.55 -2.30
CA VAL B 99 -10.14 3.50 -1.81
C VAL B 99 -10.16 2.30 -2.76
N ILE B 100 -9.83 2.52 -4.04
CA ILE B 100 -9.76 1.43 -5.01
C ILE B 100 -8.54 0.55 -4.72
N THR B 101 -7.39 1.16 -4.42
CA THR B 101 -6.17 0.39 -4.18
C THR B 101 -6.34 -0.41 -2.89
N LEU B 102 -7.03 0.17 -1.90
CA LEU B 102 -7.26 -0.53 -0.63
C LEU B 102 -8.20 -1.70 -0.83
N SER B 103 -9.24 -1.52 -1.65
CA SER B 103 -10.25 -2.54 -1.85
C SER B 103 -9.72 -3.69 -2.71
N LYS B 104 -9.02 -3.35 -3.80
CA LYS B 104 -8.55 -4.35 -4.74
C LYS B 104 -7.31 -5.08 -4.23
N ALA B 105 -6.44 -4.38 -3.50
CA ALA B 105 -5.25 -5.02 -2.97
C ALA B 105 -5.64 -6.02 -1.89
N TRP B 106 -6.62 -5.68 -1.05
CA TRP B 106 -7.05 -6.59 0.00
C TRP B 106 -7.77 -7.81 -0.57
N SER B 107 -8.38 -7.66 -1.75
CA SER B 107 -9.03 -8.79 -2.41
C SER B 107 -7.99 -9.82 -2.83
N VAL B 108 -6.81 -9.35 -3.27
CA VAL B 108 -5.72 -10.23 -3.67
C VAL B 108 -5.02 -10.82 -2.45
N VAL B 109 -4.79 -10.00 -1.42
CA VAL B 109 -4.07 -10.45 -0.24
C VAL B 109 -4.94 -11.44 0.54
N LYS B 110 -6.25 -11.18 0.64
CA LYS B 110 -7.14 -12.08 1.36
C LYS B 110 -7.26 -13.40 0.62
N LYS B 111 -7.17 -13.36 -0.72
CA LYS B 111 -7.18 -14.57 -1.53
C LYS B 111 -5.94 -15.41 -1.25
N TYR B 112 -4.82 -14.76 -0.91
CA TYR B 112 -3.58 -15.46 -0.60
C TYR B 112 -3.40 -15.85 0.87
N LEU B 113 -4.18 -15.24 1.77
CA LEU B 113 -4.17 -15.61 3.18
C LEU B 113 -5.04 -16.84 3.41
N GLU B 114 -6.00 -17.09 2.52
CA GLU B 114 -6.82 -18.28 2.57
C GLU B 114 -6.09 -19.44 1.90
N ALA B 115 -5.25 -20.13 2.68
CA ALA B 115 -4.49 -21.27 2.19
C ALA B 115 -4.20 -22.25 3.34
N THR B 1 -23.47 -1.19 -2.00
CA THR B 1 -22.09 -0.67 -2.17
C THR B 1 -21.49 -0.16 -0.86
N VAL B 2 -22.22 0.67 -0.11
CA VAL B 2 -21.71 1.24 1.12
C VAL B 2 -21.64 0.20 2.25
N VAL B 3 -22.50 -0.81 2.20
CA VAL B 3 -22.50 -1.86 3.22
C VAL B 3 -21.26 -2.73 3.06
N GLU B 4 -20.91 -3.01 1.80
CA GLU B 4 -19.74 -3.83 1.50
C GLU B 4 -18.46 -3.06 1.81
N PHE B 5 -18.51 -1.72 1.70
CA PHE B 5 -17.37 -0.89 2.04
C PHE B 5 -17.05 -0.88 3.54
N GLU B 6 -18.08 -0.99 4.37
CA GLU B 6 -17.92 -1.02 5.82
C GLU B 6 -17.34 -2.36 6.25
N GLU B 7 -17.63 -3.43 5.51
CA GLU B 7 -17.11 -4.75 5.83
C GLU B 7 -15.60 -4.81 5.57
N LEU B 8 -15.14 -4.14 4.50
CA LEU B 8 -13.71 -4.10 4.19
C LEU B 8 -13.01 -3.08 5.08
N ARG B 9 -13.70 -1.99 5.44
CA ARG B 9 -13.14 -0.96 6.30
C ARG B 9 -12.78 -1.55 7.66
N LYS B 10 -13.67 -2.39 8.20
CA LYS B 10 -13.49 -2.98 9.52
C LYS B 10 -12.55 -4.18 9.47
N GLU B 11 -12.41 -4.81 8.30
CA GLU B 11 -11.44 -5.90 8.15
C GLU B 11 -10.03 -5.33 8.04
N LEU B 12 -9.88 -4.18 7.36
CA LEU B 12 -8.58 -3.55 7.19
C LEU B 12 -8.08 -2.98 8.51
N VAL B 13 -8.97 -2.58 9.40
CA VAL B 13 -8.57 -2.02 10.69
C VAL B 13 -8.20 -3.10 11.71
N LYS B 14 -8.77 -4.30 11.57
CA LYS B 14 -8.47 -5.41 12.46
C LYS B 14 -7.20 -6.16 12.05
N ARG B 15 -6.78 -6.00 10.79
CA ARG B 15 -5.57 -6.63 10.28
C ARG B 15 -4.31 -5.83 10.62
N ASP B 16 -4.47 -4.71 11.33
CA ASP B 16 -3.35 -3.85 11.69
C ASP B 16 -2.47 -4.48 12.78
N SER B 17 -1.14 -4.39 12.61
CA SER B 17 -0.20 -4.97 13.56
C SER B 17 0.07 -4.01 14.73
N GLY B 18 -0.49 -2.80 14.67
CA GLY B 18 -0.41 -1.84 15.76
C GLY B 18 0.92 -1.07 15.77
N LYS B 19 1.63 -1.04 14.64
CA LYS B 19 2.91 -0.37 14.55
C LYS B 19 3.01 0.49 13.28
N PRO B 20 3.76 1.60 13.36
CA PRO B 20 3.92 2.54 12.26
C PRO B 20 4.79 1.95 11.14
N VAL B 21 4.74 2.57 9.96
CA VAL B 21 5.43 2.08 8.77
C VAL B 21 6.95 2.05 8.93
N GLU B 22 7.50 2.88 9.82
CA GLU B 22 8.94 2.97 9.98
C GLU B 22 9.51 1.68 10.55
N LYS B 23 8.67 0.90 11.25
CA LYS B 23 9.08 -0.41 11.77
C LYS B 23 8.86 -1.48 10.71
N ILE B 24 7.76 -1.35 9.95
CA ILE B 24 7.38 -2.33 8.94
C ILE B 24 8.33 -2.28 7.75
N LYS B 25 8.87 -1.09 7.46
CA LYS B 25 9.78 -0.89 6.34
C LYS B 25 11.07 -1.68 6.55
N GLU B 26 11.54 -1.77 7.80
CA GLU B 26 12.77 -2.50 8.11
C GLU B 26 12.51 -4.01 8.07
N GLU B 27 11.29 -4.42 8.41
CA GLU B 27 10.90 -5.83 8.37
C GLU B 27 10.75 -6.30 6.92
N ILE B 28 10.55 -5.37 5.99
CA ILE B 28 10.41 -5.70 4.58
C ILE B 28 11.75 -5.60 3.84
N CYS B 29 12.57 -4.61 4.20
CA CYS B 29 13.83 -4.41 3.50
C CYS B 29 14.86 -5.49 3.88
N THR B 30 14.68 -6.12 5.05
CA THR B 30 15.58 -7.19 5.48
C THR B 30 15.36 -8.47 4.68
N LYS B 31 14.24 -8.54 3.94
CA LYS B 31 13.93 -9.66 3.05
C LYS B 31 14.62 -9.43 1.72
N SER B 32 14.11 -10.08 0.66
CA SER B 32 14.63 -9.90 -0.69
C SER B 32 13.46 -9.66 -1.65
N PRO B 33 12.85 -8.47 -1.61
CA PRO B 33 11.75 -8.09 -2.48
C PRO B 33 12.19 -8.04 -3.95
N PRO B 34 11.22 -7.95 -4.88
CA PRO B 34 11.49 -7.73 -6.29
C PRO B 34 12.36 -6.51 -6.51
N LYS B 35 12.99 -6.42 -7.69
CA LYS B 35 13.95 -5.35 -7.99
C LYS B 35 13.29 -3.98 -7.90
N LEU B 36 11.99 -3.91 -8.21
CA LEU B 36 11.26 -2.64 -8.18
C LEU B 36 11.01 -2.21 -6.74
N ILE B 37 10.66 -3.16 -5.87
CA ILE B 37 10.36 -2.87 -4.49
C ILE B 37 11.63 -2.59 -3.69
N LYS B 38 12.67 -3.40 -3.93
CA LYS B 38 13.91 -3.29 -3.17
C LYS B 38 14.62 -1.98 -3.49
N GLU B 39 14.46 -1.47 -4.71
CA GLU B 39 15.15 -0.25 -5.12
C GLU B 39 14.44 0.99 -4.58
N ILE B 40 13.11 0.95 -4.46
CA ILE B 40 12.35 2.13 -4.03
C ILE B 40 12.13 2.14 -2.51
N ILE B 41 12.16 0.97 -1.86
CA ILE B 41 11.97 0.92 -0.41
C ILE B 41 13.29 1.05 0.34
N CYS B 42 14.29 0.22 -0.01
CA CYS B 42 15.53 0.17 0.74
C CYS B 42 16.45 1.36 0.46
N GLU B 43 16.14 2.14 -0.59
CA GLU B 43 17.00 3.25 -0.99
C GLU B 43 16.18 4.53 -1.17
N ASN B 44 16.87 5.67 -1.29
CA ASN B 44 16.23 6.97 -1.43
C ASN B 44 15.67 7.18 -2.84
N LYS B 45 15.72 6.15 -3.68
CA LYS B 45 15.19 6.23 -5.05
C LYS B 45 13.67 6.38 -5.03
N THR B 46 13.09 6.70 -6.18
CA THR B 46 11.65 6.82 -6.31
C THR B 46 11.12 6.30 -7.65
N TYR B 47 9.81 6.34 -7.84
CA TYR B 47 9.17 5.79 -9.03
C TYR B 47 9.59 6.61 -10.25
N ALA B 48 10.08 7.84 -10.04
CA ALA B 48 10.56 8.69 -11.12
C ALA B 48 11.90 8.21 -11.65
N ASP B 49 12.64 7.44 -10.85
CA ASP B 49 13.95 6.94 -11.24
C ASP B 49 13.81 5.65 -12.05
N VAL B 50 12.75 4.89 -11.78
CA VAL B 50 12.48 3.66 -12.52
C VAL B 50 11.54 3.91 -13.72
N ASN B 51 11.06 5.16 -13.84
CA ASN B 51 10.24 5.62 -14.95
C ASN B 51 9.00 4.74 -15.14
N ILE B 52 8.40 4.30 -14.04
CA ILE B 52 7.16 3.50 -14.10
C ILE B 52 5.96 4.43 -13.95
N ASP B 53 4.79 4.00 -14.45
CA ASP B 53 3.57 4.76 -14.31
C ASP B 53 3.25 4.93 -12.82
N ARG B 54 2.82 6.14 -12.42
CA ARG B 54 2.58 6.43 -11.01
C ARG B 54 1.40 5.63 -10.48
N SER B 55 0.51 5.20 -11.37
CA SER B 55 -0.64 4.38 -10.98
C SER B 55 -0.16 2.97 -10.60
N ARG B 56 0.84 2.46 -11.33
CA ARG B 56 1.38 1.13 -11.09
C ARG B 56 2.47 1.15 -10.03
N GLY B 57 3.18 2.27 -9.89
CA GLY B 57 4.23 2.38 -8.88
C GLY B 57 3.61 2.27 -7.50
N ASP B 58 2.48 2.95 -7.28
CA ASP B 58 1.76 2.87 -6.01
C ASP B 58 1.19 1.46 -5.83
N TRP B 59 0.60 0.90 -6.89
CA TRP B 59 -0.08 -0.38 -6.79
C TRP B 59 0.89 -1.52 -6.48
N HIS B 60 2.13 -1.45 -6.99
CA HIS B 60 3.12 -2.48 -6.73
C HIS B 60 3.57 -2.46 -5.28
N VAL B 61 3.80 -1.26 -4.71
CA VAL B 61 4.23 -1.18 -3.32
C VAL B 61 3.07 -1.42 -2.36
N ILE B 62 1.85 -1.02 -2.76
CA ILE B 62 0.69 -1.25 -1.92
C ILE B 62 0.41 -2.75 -1.80
N LEU B 63 0.64 -3.51 -2.88
CA LEU B 63 0.43 -4.95 -2.82
C LEU B 63 1.41 -5.57 -1.84
N TYR B 64 2.69 -5.19 -1.90
CA TYR B 64 3.71 -5.86 -1.11
C TYR B 64 3.51 -5.49 0.36
N LEU B 65 3.11 -4.24 0.63
CA LEU B 65 2.92 -3.78 2.00
C LEU B 65 1.75 -4.50 2.66
N MET B 66 0.69 -4.81 1.89
CA MET B 66 -0.45 -5.54 2.43
C MET B 66 -0.17 -7.05 2.48
N LYS B 67 0.62 -7.56 1.52
CA LYS B 67 0.98 -8.97 1.46
C LYS B 67 2.01 -9.34 2.54
N HIS B 68 2.46 -8.34 3.30
CA HIS B 68 3.38 -8.55 4.41
C HIS B 68 2.68 -9.29 5.57
N GLY B 69 1.39 -9.59 5.41
CA GLY B 69 0.63 -10.30 6.42
C GLY B 69 -0.02 -9.33 7.41
N VAL B 70 -0.09 -8.05 7.05
CA VAL B 70 -0.65 -7.01 7.90
C VAL B 70 -1.16 -5.91 6.98
N THR B 71 -2.29 -5.31 7.34
CA THR B 71 -2.91 -4.26 6.54
C THR B 71 -3.44 -3.10 7.37
N ASP B 72 -3.31 -1.90 6.83
CA ASP B 72 -3.78 -0.67 7.46
C ASP B 72 -3.74 0.48 6.46
N PRO B 73 -4.86 1.17 6.22
CA PRO B 73 -4.93 2.24 5.23
C PRO B 73 -3.94 3.36 5.55
N ASP B 74 -3.59 3.53 6.82
CA ASP B 74 -2.66 4.57 7.22
C ASP B 74 -1.24 4.29 6.73
N LYS B 75 -0.90 3.03 6.44
CA LYS B 75 0.43 2.68 5.96
C LYS B 75 0.62 3.25 4.56
N ILE B 76 -0.41 3.16 3.72
CA ILE B 76 -0.33 3.60 2.35
C ILE B 76 -0.16 5.12 2.28
N LEU B 77 -0.84 5.85 3.18
CA LEU B 77 -0.79 7.30 3.16
C LEU B 77 0.43 7.85 3.92
N GLU B 78 0.86 7.14 4.98
CA GLU B 78 2.02 7.55 5.77
C GLU B 78 3.32 7.03 5.17
N LEU B 79 3.25 6.34 4.03
CA LEU B 79 4.44 5.91 3.30
C LEU B 79 5.20 7.14 2.77
N LEU B 80 4.51 8.29 2.69
CA LEU B 80 5.07 9.55 2.22
C LEU B 80 5.79 9.41 0.87
N PRO B 81 5.14 8.78 -0.12
CA PRO B 81 5.67 8.71 -1.47
C PRO B 81 5.68 10.10 -2.11
N ARG B 82 6.60 10.33 -3.06
CA ARG B 82 6.77 11.64 -3.65
C ARG B 82 5.82 11.89 -4.82
N ASP B 83 5.49 10.83 -5.58
CA ASP B 83 4.73 10.96 -6.82
C ASP B 83 3.41 10.17 -6.83
N SER B 84 2.96 9.67 -5.68
CA SER B 84 1.77 8.82 -5.65
C SER B 84 0.54 9.62 -6.08
N LYS B 85 -0.45 8.91 -6.65
CA LYS B 85 -1.67 9.53 -7.15
C LYS B 85 -2.60 9.92 -6.00
N ALA B 86 -2.41 9.31 -4.83
CA ALA B 86 -3.26 9.56 -3.67
C ALA B 86 -2.79 10.76 -2.86
N LYS B 87 -1.50 11.10 -2.94
CA LYS B 87 -0.92 12.16 -2.11
C LYS B 87 -1.21 13.54 -2.69
N GLU B 88 -1.55 13.62 -3.99
CA GLU B 88 -1.76 14.90 -4.65
C GLU B 88 -2.91 15.66 -4.00
N ASN B 89 -4.03 14.96 -3.74
CA ASN B 89 -5.21 15.53 -3.10
C ASN B 89 -5.71 16.81 -3.80
N GLU B 90 -5.29 17.03 -5.05
CA GLU B 90 -5.71 18.20 -5.81
C GLU B 90 -7.17 18.09 -6.24
N LYS B 91 -7.70 16.87 -6.25
CA LYS B 91 -9.09 16.59 -6.64
C LYS B 91 -9.62 15.41 -5.83
N TRP B 92 -10.95 15.26 -5.81
CA TRP B 92 -11.62 14.24 -5.02
C TRP B 92 -11.41 12.84 -5.61
N ASN B 93 -10.89 12.74 -6.84
CA ASN B 93 -10.69 11.45 -7.48
C ASN B 93 -9.54 10.69 -6.82
N THR B 94 -8.64 11.38 -6.12
CA THR B 94 -7.56 10.71 -5.40
C THR B 94 -8.08 9.97 -4.18
N GLN B 95 -9.23 10.40 -3.65
CA GLN B 95 -9.87 9.70 -2.53
C GLN B 95 -10.59 8.46 -3.05
N LYS B 96 -11.20 8.57 -4.24
CA LYS B 96 -11.86 7.44 -4.87
C LYS B 96 -10.83 6.37 -5.19
N TYR B 97 -9.68 6.80 -5.74
CA TYR B 97 -8.59 5.90 -6.07
C TYR B 97 -7.95 5.24 -4.85
N PHE B 98 -7.91 5.97 -3.73
CA PHE B 98 -7.34 5.45 -2.51
C PHE B 98 -8.17 4.27 -1.98
N VAL B 99 -9.49 4.30 -2.24
CA VAL B 99 -10.36 3.19 -1.84
C VAL B 99 -10.24 2.05 -2.85
N ILE B 100 -9.92 2.36 -4.12
CA ILE B 100 -9.78 1.33 -5.14
C ILE B 100 -8.57 0.46 -4.84
N THR B 101 -7.44 1.06 -4.46
CA THR B 101 -6.22 0.31 -4.21
C THR B 101 -6.41 -0.55 -2.97
N LEU B 102 -7.08 -0.01 -1.94
CA LEU B 102 -7.30 -0.77 -0.70
C LEU B 102 -8.30 -1.90 -0.94
N SER B 103 -9.27 -1.69 -1.84
CA SER B 103 -10.29 -2.69 -2.10
C SER B 103 -9.71 -3.85 -2.90
N LYS B 104 -8.94 -3.54 -3.95
CA LYS B 104 -8.41 -4.57 -4.83
C LYS B 104 -7.19 -5.26 -4.23
N ALA B 105 -6.37 -4.53 -3.46
CA ALA B 105 -5.20 -5.12 -2.84
C ALA B 105 -5.62 -6.11 -1.77
N TRP B 106 -6.69 -5.82 -1.03
CA TRP B 106 -7.15 -6.72 0.01
C TRP B 106 -7.89 -7.92 -0.58
N SER B 107 -8.43 -7.79 -1.80
CA SER B 107 -9.06 -8.91 -2.47
C SER B 107 -8.02 -9.96 -2.83
N VAL B 108 -6.80 -9.52 -3.15
CA VAL B 108 -5.70 -10.43 -3.49
C VAL B 108 -5.11 -11.01 -2.20
N VAL B 109 -4.94 -10.18 -1.17
CA VAL B 109 -4.34 -10.63 0.08
C VAL B 109 -5.28 -11.61 0.78
N LYS B 110 -6.58 -11.33 0.77
CA LYS B 110 -7.55 -12.21 1.42
C LYS B 110 -7.64 -13.53 0.65
N LYS B 111 -7.43 -13.48 -0.68
CA LYS B 111 -7.42 -14.69 -1.49
C LYS B 111 -6.22 -15.56 -1.13
N TYR B 112 -5.09 -14.92 -0.79
CA TYR B 112 -3.91 -15.64 -0.34
C TYR B 112 -3.95 -16.08 1.13
N LEU B 113 -4.88 -15.52 1.90
CA LEU B 113 -5.13 -15.93 3.28
C LEU B 113 -6.12 -17.09 3.31
N GLU B 114 -6.77 -17.38 2.17
CA GLU B 114 -7.62 -18.55 2.04
C GLU B 114 -6.75 -19.80 1.98
N ALA B 115 -6.40 -20.32 3.16
CA ALA B 115 -5.59 -21.53 3.28
C ALA B 115 -5.93 -22.26 4.58
#